data_6B75
#
_entry.id   6B75
#
_cell.length_a   98.049
_cell.length_b   207.985
_cell.length_c   98.466
_cell.angle_alpha   90.00
_cell.angle_beta   90.00
_cell.angle_gamma   90.00
#
_symmetry.space_group_name_H-M   'P 21 21 21'
#
loop_
_entity.id
_entity.type
_entity.pdbx_description
1 polymer 'Nicotinamide phosphoribosyltransferase'
2 non-polymer 4-[(piperazin-1-yl)methyl]-N-{[4-({[(pyridin-3-yl)methyl]carbamoyl}amino)phenyl]methyl}benzamide
3 water water
#
_entity_poly.entity_id   1
_entity_poly.type   'polypeptide(L)'
_entity_poly.pdbx_seq_one_letter_code
;MNPAAEAEFNILLATDSYKVTHYKQYPPNTSKVYSYFECREKKTENSKLRKVKYEETVFYGLQYILNKYLKGKVVTKEKI
QEAKDVYKEHFQDDVFNEKGWNYILEKYDGHLPIEIKAVPEGFVIPRGNVLFTVENTDPECYWLTNWIETILVQSWYPIT
VATNSREQKKILAKYLLETSGNLDGLEYKLHDFGYRGVSSQETAGIGASAHLVNFKGTDTVAGLALIKKYYGTKDPVPGY
SVPAAEHSTITAWGKDHEKDAFEHIVTQFSSVPVSVVSDSYDIYNACEKIWGEDLRHLIVSRSTQAPLIIRPDSGNPLDT
VLKVLEILGKKFPVTENSKGYKLLPPYLRVIQGDGVDINTLQEIVEGMKQKMWSIENIAFGSGGGLLQKLTRDLLNCSFK
CSYVVTNGLGINVFKDPVADPNKRSKKGRLSLHRTPAGNFVTLEEGKGDLEEYGQDLLHTVFKNGKVTKSYSFDEIRKNA
QLNIELEAAHHLEHHHHHHHH
;
_entity_poly.pdbx_strand_id   A,B,C,D
#
# COMPACT_ATOMS: atom_id res chain seq x y z
N PHE A 9 12.87 -20.11 1.97
CA PHE A 9 13.36 -19.75 0.63
C PHE A 9 12.38 -20.20 -0.45
N ASN A 10 12.16 -19.36 -1.46
CA ASN A 10 11.26 -19.61 -2.59
C ASN A 10 12.03 -19.35 -3.89
N ILE A 11 12.37 -20.42 -4.62
CA ILE A 11 13.09 -20.40 -5.91
C ILE A 11 12.35 -19.57 -6.98
N LEU A 12 11.01 -19.54 -6.91
CA LEU A 12 10.12 -18.84 -7.84
C LEU A 12 10.26 -17.30 -7.72
N LEU A 13 10.86 -16.85 -6.60
CA LEU A 13 11.13 -15.44 -6.30
C LEU A 13 12.63 -15.18 -6.27
N ALA A 14 13.42 -16.15 -6.72
CA ALA A 14 14.88 -16.06 -6.69
C ALA A 14 15.51 -16.01 -8.06
N THR A 15 15.01 -15.07 -8.88
CA THR A 15 15.48 -14.80 -10.24
C THR A 15 15.31 -13.31 -10.52
N ASP A 16 15.92 -12.85 -11.63
CA ASP A 16 15.77 -11.49 -12.13
C ASP A 16 14.33 -11.43 -12.62
N SER A 17 13.59 -10.38 -12.25
CA SER A 17 12.18 -10.21 -12.61
C SER A 17 11.87 -10.55 -14.04
N TYR A 18 12.63 -9.98 -14.98
CA TYR A 18 12.42 -10.12 -16.42
C TYR A 18 12.46 -11.58 -16.89
N LYS A 19 13.05 -12.51 -16.12
CA LYS A 19 13.09 -13.92 -16.46
C LYS A 19 11.71 -14.60 -16.28
N VAL A 20 10.78 -13.88 -15.58
CA VAL A 20 9.38 -14.29 -15.36
C VAL A 20 8.68 -14.27 -16.72
N THR A 21 9.04 -13.29 -17.56
CA THR A 21 8.48 -13.05 -18.88
C THR A 21 9.19 -13.77 -20.05
N HIS A 22 10.25 -14.56 -19.81
CA HIS A 22 11.01 -15.18 -20.89
C HIS A 22 10.35 -16.36 -21.56
N TYR A 23 9.51 -17.12 -20.83
CA TYR A 23 8.79 -18.27 -21.36
C TYR A 23 7.96 -17.91 -22.61
N LYS A 24 7.49 -16.64 -22.68
CA LYS A 24 6.70 -16.05 -23.78
C LYS A 24 7.55 -15.44 -24.89
N GLN A 25 8.91 -15.57 -24.78
CA GLN A 25 9.84 -14.94 -25.73
C GLN A 25 10.67 -15.90 -26.56
N TYR A 26 10.83 -17.13 -26.09
CA TYR A 26 11.60 -18.13 -26.80
C TYR A 26 10.90 -18.51 -28.11
N PRO A 27 11.61 -19.09 -29.11
CA PRO A 27 10.91 -19.44 -30.35
C PRO A 27 9.76 -20.41 -30.09
N PRO A 28 8.57 -20.21 -30.73
CA PRO A 28 7.50 -21.20 -30.54
C PRO A 28 8.00 -22.57 -31.03
N ASN A 29 7.79 -23.60 -30.18
CA ASN A 29 8.14 -25.03 -30.32
C ASN A 29 9.57 -25.37 -29.87
N THR A 30 10.04 -24.64 -28.82
CA THR A 30 11.34 -24.79 -28.19
C THR A 30 11.22 -25.82 -27.10
N SER A 31 11.90 -26.96 -27.30
CA SER A 31 11.90 -28.13 -26.45
C SER A 31 13.13 -28.21 -25.53
N LYS A 32 14.21 -27.52 -25.91
CA LYS A 32 15.47 -27.49 -25.16
C LYS A 32 16.09 -26.11 -25.19
N VAL A 33 16.69 -25.71 -24.07
CA VAL A 33 17.52 -24.50 -23.91
C VAL A 33 18.74 -25.03 -23.17
N TYR A 34 19.91 -24.91 -23.79
CA TYR A 34 21.16 -25.40 -23.24
C TYR A 34 22.06 -24.20 -23.02
N SER A 35 22.49 -24.04 -21.78
CA SER A 35 23.29 -22.90 -21.38
C SER A 35 24.52 -23.36 -20.65
N TYR A 36 25.59 -22.55 -20.69
CA TYR A 36 26.85 -22.88 -20.05
C TYR A 36 27.43 -21.74 -19.24
N PHE A 37 28.31 -22.10 -18.28
CA PHE A 37 29.03 -21.11 -17.48
C PHE A 37 30.50 -21.21 -17.81
N GLU A 38 31.14 -20.05 -17.90
CA GLU A 38 32.56 -19.91 -18.19
C GLU A 38 33.11 -18.62 -17.66
N CYS A 39 34.43 -18.62 -17.48
CA CYS A 39 35.20 -17.43 -17.13
C CYS A 39 35.87 -16.98 -18.40
N ARG A 40 35.18 -16.07 -19.10
CA ARG A 40 35.56 -15.53 -20.40
C ARG A 40 36.95 -14.91 -20.39
N GLU A 41 37.71 -15.12 -21.47
CA GLU A 41 39.05 -14.54 -21.65
C GLU A 41 38.92 -13.02 -21.86
N LYS A 42 39.84 -12.23 -21.28
CA LYS A 42 39.86 -10.76 -21.36
C LYS A 42 40.93 -10.27 -22.30
N LYS A 53 46.71 -11.93 -16.29
CA LYS A 53 46.84 -11.90 -14.84
C LYS A 53 46.18 -13.16 -14.20
N TYR A 54 44.88 -13.39 -14.47
CA TYR A 54 44.20 -14.56 -13.89
C TYR A 54 43.97 -15.62 -14.98
N GLU A 55 45.05 -16.22 -15.49
CA GLU A 55 45.00 -17.19 -16.58
C GLU A 55 44.16 -18.45 -16.27
N GLU A 56 44.09 -18.82 -14.99
CA GLU A 56 43.40 -20.02 -14.53
C GLU A 56 42.52 -19.74 -13.30
N THR A 57 41.36 -20.41 -13.28
CA THR A 57 40.34 -20.28 -12.23
C THR A 57 40.11 -21.57 -11.48
N VAL A 58 39.79 -21.43 -10.18
CA VAL A 58 39.47 -22.54 -9.30
C VAL A 58 37.98 -22.72 -9.37
N PHE A 59 37.52 -23.90 -9.79
CA PHE A 59 36.07 -24.10 -9.82
C PHE A 59 35.57 -24.48 -8.42
N TYR A 60 34.88 -23.55 -7.75
CA TYR A 60 34.39 -23.80 -6.40
C TYR A 60 33.07 -23.12 -6.09
N GLY A 61 32.22 -23.82 -5.30
CA GLY A 61 30.96 -23.32 -4.74
C GLY A 61 29.63 -23.81 -5.25
N LEU A 62 29.57 -24.48 -6.42
CA LEU A 62 28.29 -24.95 -7.02
C LEU A 62 27.49 -25.94 -6.13
N GLN A 63 28.17 -26.93 -5.51
CA GLN A 63 27.62 -27.94 -4.59
C GLN A 63 26.80 -27.29 -3.47
N TYR A 64 27.28 -26.13 -2.96
CA TYR A 64 26.58 -25.34 -1.96
C TYR A 64 25.23 -24.85 -2.52
N ILE A 65 25.24 -24.32 -3.74
CA ILE A 65 24.05 -23.79 -4.44
C ILE A 65 23.04 -24.93 -4.75
N LEU A 66 23.52 -26.04 -5.32
CA LEU A 66 22.70 -27.23 -5.63
C LEU A 66 21.99 -27.74 -4.37
N ASN A 67 22.76 -27.99 -3.28
CA ASN A 67 22.22 -28.47 -2.00
C ASN A 67 21.33 -27.51 -1.28
N LYS A 68 21.73 -26.25 -1.17
CA LYS A 68 20.94 -25.30 -0.40
C LYS A 68 19.67 -24.83 -1.10
N TYR A 69 19.74 -24.62 -2.42
CA TYR A 69 18.69 -23.98 -3.19
C TYR A 69 18.00 -24.76 -4.29
N LEU A 70 18.65 -25.78 -4.88
CA LEU A 70 17.99 -26.44 -6.03
C LEU A 70 17.47 -27.88 -5.79
N LYS A 71 18.10 -28.64 -4.88
CA LYS A 71 17.72 -30.04 -4.61
C LYS A 71 16.36 -30.20 -3.91
N GLY A 72 15.72 -31.34 -4.15
CA GLY A 72 14.42 -31.73 -3.57
C GLY A 72 13.20 -31.02 -4.11
N LYS A 73 12.09 -31.12 -3.36
CA LYS A 73 10.82 -30.48 -3.68
C LYS A 73 10.99 -28.99 -3.33
N VAL A 74 11.32 -28.19 -4.36
CA VAL A 74 11.55 -26.74 -4.28
C VAL A 74 10.33 -25.95 -4.77
N VAL A 75 9.34 -26.68 -5.36
CA VAL A 75 8.09 -26.11 -5.84
C VAL A 75 6.95 -26.64 -4.95
N THR A 76 6.06 -25.74 -4.50
CA THR A 76 4.88 -26.05 -3.69
C THR A 76 3.72 -25.18 -4.18
N LYS A 77 2.48 -25.53 -3.76
CA LYS A 77 1.24 -24.80 -4.09
C LYS A 77 1.26 -23.39 -3.48
N GLU A 78 1.86 -23.23 -2.28
CA GLU A 78 2.00 -21.95 -1.57
C GLU A 78 3.03 -21.07 -2.24
N LYS A 79 4.18 -21.63 -2.64
CA LYS A 79 5.23 -20.93 -3.36
C LYS A 79 4.70 -20.34 -4.65
N ILE A 80 3.99 -21.18 -5.45
CA ILE A 80 3.35 -20.76 -6.70
C ILE A 80 2.37 -19.61 -6.43
N GLN A 81 1.52 -19.77 -5.39
CA GLN A 81 0.55 -18.73 -5.07
C GLN A 81 1.20 -17.44 -4.64
N GLU A 82 2.20 -17.51 -3.73
CA GLU A 82 2.93 -16.34 -3.22
C GLU A 82 3.64 -15.58 -4.36
N ALA A 83 4.37 -16.32 -5.22
CA ALA A 83 5.05 -15.78 -6.39
C ALA A 83 4.02 -15.03 -7.29
N LYS A 84 2.91 -15.71 -7.68
CA LYS A 84 1.79 -15.18 -8.47
C LYS A 84 1.23 -13.87 -7.85
N ASP A 85 1.04 -13.82 -6.50
CA ASP A 85 0.54 -12.64 -5.79
C ASP A 85 1.53 -11.49 -5.81
N VAL A 86 2.83 -11.82 -5.79
CA VAL A 86 3.87 -10.80 -5.74
C VAL A 86 4.09 -10.21 -7.14
N TYR A 87 4.24 -11.08 -8.15
CA TYR A 87 4.49 -10.68 -9.53
C TYR A 87 3.33 -9.95 -10.18
N LYS A 88 2.06 -10.24 -9.75
CA LYS A 88 0.87 -9.52 -10.22
C LYS A 88 1.02 -8.03 -9.89
N GLU A 89 1.50 -7.69 -8.66
CA GLU A 89 1.75 -6.31 -8.20
C GLU A 89 3.07 -5.76 -8.76
N HIS A 90 4.11 -6.62 -8.86
CA HIS A 90 5.45 -6.28 -9.34
C HIS A 90 5.48 -5.83 -10.81
N PHE A 91 4.69 -6.48 -11.70
CA PHE A 91 4.63 -6.10 -13.12
C PHE A 91 3.38 -5.29 -13.46
N GLN A 92 2.39 -5.26 -12.54
CA GLN A 92 1.07 -4.62 -12.76
C GLN A 92 0.41 -5.29 -14.01
N ASP A 93 0.51 -6.64 -14.07
CA ASP A 93 0.07 -7.55 -15.13
C ASP A 93 0.37 -9.00 -14.74
N ASP A 94 -0.52 -9.92 -15.11
CA ASP A 94 -0.35 -11.36 -14.83
C ASP A 94 0.53 -12.02 -15.90
N VAL A 95 1.86 -11.96 -15.70
CA VAL A 95 2.81 -12.52 -16.66
C VAL A 95 3.39 -13.81 -16.11
N PHE A 96 3.21 -14.06 -14.80
CA PHE A 96 3.72 -15.26 -14.14
C PHE A 96 3.17 -16.60 -14.74
N ASN A 97 4.09 -17.48 -15.19
CA ASN A 97 3.76 -18.80 -15.74
C ASN A 97 3.35 -19.79 -14.63
N GLU A 98 2.14 -19.59 -14.08
CA GLU A 98 1.55 -20.49 -13.07
C GLU A 98 1.42 -21.91 -13.63
N LYS A 99 1.00 -22.06 -14.91
CA LYS A 99 0.84 -23.36 -15.59
C LYS A 99 2.15 -24.13 -15.65
N GLY A 100 3.21 -23.46 -16.12
CA GLY A 100 4.55 -24.02 -16.21
C GLY A 100 5.09 -24.54 -14.90
N TRP A 101 4.85 -23.77 -13.81
CA TRP A 101 5.32 -24.12 -12.45
C TRP A 101 4.45 -25.22 -11.81
N ASN A 102 3.12 -25.19 -12.06
CA ASN A 102 2.24 -26.27 -11.60
C ASN A 102 2.55 -27.57 -12.34
N TYR A 103 3.05 -27.45 -13.59
CA TYR A 103 3.47 -28.60 -14.36
C TYR A 103 4.56 -29.35 -13.57
N ILE A 104 5.66 -28.66 -13.19
CA ILE A 104 6.78 -29.19 -12.41
C ILE A 104 6.24 -29.83 -11.09
N LEU A 105 5.33 -29.13 -10.41
CA LEU A 105 4.76 -29.61 -9.16
C LEU A 105 3.97 -30.92 -9.33
N GLU A 106 3.08 -30.97 -10.33
CA GLU A 106 2.24 -32.13 -10.59
C GLU A 106 3.02 -33.30 -11.15
N LYS A 107 3.69 -33.08 -12.29
CA LYS A 107 4.45 -34.11 -12.99
C LYS A 107 5.67 -34.58 -12.25
N TYR A 108 6.37 -33.68 -11.54
CA TYR A 108 7.64 -34.04 -10.94
C TYR A 108 7.70 -33.94 -9.41
N ASP A 109 6.60 -33.54 -8.75
CA ASP A 109 6.51 -33.41 -7.29
C ASP A 109 7.44 -32.27 -6.78
N GLY A 110 7.44 -31.15 -7.49
CA GLY A 110 8.21 -29.97 -7.14
C GLY A 110 9.70 -30.00 -7.48
N HIS A 111 10.19 -31.15 -7.95
CA HIS A 111 11.58 -31.37 -8.35
C HIS A 111 11.87 -30.74 -9.73
N LEU A 112 12.97 -29.94 -9.82
CA LEU A 112 13.35 -29.26 -11.06
C LEU A 112 13.86 -30.24 -12.13
N PRO A 113 13.15 -30.38 -13.27
CA PRO A 113 13.65 -31.27 -14.33
C PRO A 113 14.75 -30.52 -15.10
N ILE A 114 15.98 -30.60 -14.54
CA ILE A 114 17.17 -29.89 -15.01
C ILE A 114 18.36 -30.82 -14.91
N GLU A 115 19.39 -30.60 -15.73
CA GLU A 115 20.61 -31.38 -15.71
C GLU A 115 21.81 -30.44 -15.78
N ILE A 116 22.69 -30.55 -14.77
CA ILE A 116 23.90 -29.75 -14.64
C ILE A 116 25.09 -30.70 -14.60
N LYS A 117 25.95 -30.57 -15.61
CA LYS A 117 27.20 -31.31 -15.75
C LYS A 117 28.25 -30.29 -15.39
N ALA A 118 29.28 -30.65 -14.61
CA ALA A 118 30.29 -29.72 -14.11
C ALA A 118 31.65 -30.36 -13.87
N VAL A 119 32.71 -29.55 -14.05
CA VAL A 119 34.09 -29.91 -13.79
C VAL A 119 34.25 -30.17 -12.27
N PRO A 120 34.94 -31.27 -11.82
CA PRO A 120 35.05 -31.51 -10.38
C PRO A 120 35.51 -30.28 -9.60
N GLU A 121 34.85 -29.97 -8.47
CA GLU A 121 35.19 -28.80 -7.68
C GLU A 121 36.64 -28.85 -7.16
N GLY A 122 37.29 -27.70 -7.18
CA GLY A 122 38.69 -27.54 -6.85
C GLY A 122 39.58 -27.57 -8.07
N PHE A 123 39.07 -28.12 -9.23
CA PHE A 123 39.81 -28.18 -10.50
C PHE A 123 40.25 -26.79 -10.98
N VAL A 124 41.50 -26.70 -11.45
CA VAL A 124 42.10 -25.45 -11.90
C VAL A 124 42.09 -25.49 -13.44
N ILE A 125 41.24 -24.64 -14.01
CA ILE A 125 40.91 -24.55 -15.42
C ILE A 125 41.28 -23.22 -15.98
N PRO A 126 41.95 -23.17 -17.16
CA PRO A 126 42.29 -21.87 -17.74
C PRO A 126 41.05 -21.20 -18.30
N ARG A 127 41.05 -19.85 -18.35
CA ARG A 127 39.95 -19.03 -18.88
C ARG A 127 39.46 -19.49 -20.27
N GLY A 128 38.20 -19.19 -20.59
CA GLY A 128 37.58 -19.52 -21.88
C GLY A 128 37.29 -20.99 -22.06
N ASN A 129 36.87 -21.64 -20.98
CA ASN A 129 36.57 -23.06 -20.94
C ASN A 129 35.26 -23.28 -20.24
N VAL A 130 34.49 -24.29 -20.69
CA VAL A 130 33.20 -24.64 -20.08
C VAL A 130 33.46 -25.21 -18.70
N LEU A 131 32.81 -24.61 -17.68
CA LEU A 131 32.95 -25.03 -16.28
C LEU A 131 31.75 -25.86 -15.82
N PHE A 132 30.57 -25.56 -16.35
CA PHE A 132 29.31 -26.24 -16.07
C PHE A 132 28.26 -25.93 -17.09
N THR A 133 27.33 -26.87 -17.31
CA THR A 133 26.23 -26.73 -18.27
C THR A 133 24.86 -26.94 -17.61
N VAL A 134 23.83 -26.32 -18.16
CA VAL A 134 22.46 -26.43 -17.67
C VAL A 134 21.58 -26.71 -18.87
N GLU A 135 20.63 -27.64 -18.70
CA GLU A 135 19.63 -28.00 -19.71
C GLU A 135 18.41 -28.52 -18.98
N ASN A 136 17.23 -28.35 -19.60
CA ASN A 136 15.99 -28.87 -19.05
C ASN A 136 15.85 -30.35 -19.49
N THR A 137 15.47 -31.26 -18.58
CA THR A 137 15.29 -32.68 -18.93
C THR A 137 13.87 -32.95 -19.51
N ASP A 138 12.96 -31.95 -19.43
CA ASP A 138 11.59 -32.03 -19.94
C ASP A 138 11.32 -30.81 -20.84
N PRO A 139 10.89 -31.08 -22.12
CA PRO A 139 10.64 -29.99 -23.08
C PRO A 139 9.65 -28.90 -22.68
N GLU A 140 8.79 -29.17 -21.70
CA GLU A 140 7.82 -28.16 -21.25
C GLU A 140 8.51 -27.14 -20.37
N CYS A 141 9.71 -27.50 -19.84
CA CYS A 141 10.52 -26.65 -18.95
C CYS A 141 11.72 -26.00 -19.65
N TYR A 142 11.57 -25.71 -20.96
CA TYR A 142 12.58 -25.07 -21.81
C TYR A 142 12.98 -23.73 -21.20
N TRP A 143 12.02 -23.08 -20.52
CA TRP A 143 12.15 -21.79 -19.88
C TRP A 143 12.84 -21.92 -18.53
N LEU A 144 12.96 -23.14 -17.98
CA LEU A 144 13.56 -23.34 -16.67
C LEU A 144 15.07 -23.16 -16.67
N THR A 145 15.76 -23.52 -17.77
CA THR A 145 17.21 -23.44 -17.91
C THR A 145 17.70 -22.05 -17.51
N ASN A 146 17.27 -21.02 -18.22
CA ASN A 146 17.72 -19.67 -17.92
C ASN A 146 16.95 -19.03 -16.78
N TRP A 147 15.98 -19.72 -16.18
CA TRP A 147 15.29 -19.20 -15.00
C TRP A 147 16.30 -19.23 -13.85
N ILE A 148 17.04 -20.36 -13.73
CA ILE A 148 17.99 -20.59 -12.64
C ILE A 148 19.39 -20.03 -12.95
N GLU A 149 19.52 -19.19 -13.99
CA GLU A 149 20.79 -18.53 -14.32
C GLU A 149 21.26 -17.68 -13.12
N THR A 150 20.39 -16.80 -12.61
CA THR A 150 20.68 -15.88 -11.53
C THR A 150 21.32 -16.58 -10.32
N ILE A 151 20.70 -17.66 -9.80
CA ILE A 151 21.17 -18.41 -8.63
C ILE A 151 22.49 -19.12 -8.96
N LEU A 152 22.67 -19.53 -10.20
CA LEU A 152 23.88 -20.24 -10.60
C LEU A 152 25.05 -19.32 -10.86
N VAL A 153 24.80 -18.17 -11.47
CA VAL A 153 25.81 -17.16 -11.81
C VAL A 153 26.55 -16.65 -10.56
N GLN A 154 25.86 -16.60 -9.41
CA GLN A 154 26.37 -16.22 -8.10
C GLN A 154 27.55 -17.10 -7.63
N SER A 155 27.86 -18.17 -8.38
CA SER A 155 29.03 -19.01 -8.14
C SER A 155 30.30 -18.26 -8.62
N TRP A 156 30.13 -17.09 -9.33
CA TRP A 156 31.26 -16.24 -9.71
C TRP A 156 32.01 -15.89 -8.40
N TYR A 157 31.27 -15.66 -7.32
CA TYR A 157 31.81 -15.29 -6.05
C TYR A 157 32.76 -16.34 -5.45
N PRO A 158 32.34 -17.59 -5.10
CA PRO A 158 33.32 -18.56 -4.56
C PRO A 158 34.43 -18.86 -5.56
N ILE A 159 34.12 -18.82 -6.88
CA ILE A 159 35.14 -19.06 -7.91
C ILE A 159 36.22 -18.00 -7.81
N THR A 160 35.83 -16.69 -7.86
CA THR A 160 36.72 -15.52 -7.79
C THR A 160 37.46 -15.45 -6.46
N VAL A 161 36.81 -15.71 -5.33
CA VAL A 161 37.51 -15.69 -4.04
C VAL A 161 38.59 -16.77 -4.03
N ALA A 162 38.24 -18.01 -4.42
CA ALA A 162 39.19 -19.14 -4.46
C ALA A 162 40.33 -18.93 -5.42
N THR A 163 40.06 -18.32 -6.57
CA THR A 163 41.06 -18.02 -7.62
C THR A 163 42.01 -16.94 -7.15
N ASN A 164 41.45 -15.82 -6.62
CA ASN A 164 42.24 -14.68 -6.16
C ASN A 164 43.10 -15.05 -4.96
N SER A 165 42.56 -15.91 -4.07
CA SER A 165 43.26 -16.41 -2.88
C SER A 165 44.40 -17.29 -3.32
N ARG A 166 44.19 -18.14 -4.38
CA ARG A 166 45.22 -19.02 -4.93
C ARG A 166 46.32 -18.22 -5.63
N GLU A 167 45.97 -17.08 -6.25
CA GLU A 167 46.93 -16.23 -6.92
C GLU A 167 47.89 -15.62 -5.90
N GLN A 168 47.38 -15.15 -4.75
CA GLN A 168 48.19 -14.62 -3.64
C GLN A 168 49.13 -15.72 -3.05
N LYS A 169 48.63 -16.97 -2.99
CA LYS A 169 49.35 -18.16 -2.52
C LYS A 169 50.54 -18.44 -3.40
N LYS A 170 50.40 -18.16 -4.72
CA LYS A 170 51.45 -18.28 -5.74
C LYS A 170 52.52 -17.20 -5.48
N ILE A 171 52.11 -15.96 -5.18
CA ILE A 171 53.05 -14.87 -4.87
C ILE A 171 53.79 -15.21 -3.56
N LEU A 172 53.03 -15.60 -2.53
CA LEU A 172 53.59 -16.00 -1.26
C LEU A 172 54.49 -17.20 -1.39
N ALA A 173 54.19 -18.15 -2.30
CA ALA A 173 55.06 -19.31 -2.56
C ALA A 173 56.36 -18.88 -3.19
N LYS A 174 56.29 -18.04 -4.25
CA LYS A 174 57.44 -17.53 -4.97
C LYS A 174 58.41 -16.79 -4.03
N TYR A 175 57.92 -15.80 -3.28
CA TYR A 175 58.74 -14.98 -2.39
C TYR A 175 59.23 -15.71 -1.14
N LEU A 176 58.39 -16.55 -0.49
CA LEU A 176 58.81 -17.31 0.68
C LEU A 176 59.94 -18.30 0.26
N LEU A 177 59.70 -19.12 -0.78
CA LEU A 177 60.70 -20.06 -1.28
C LEU A 177 62.01 -19.33 -1.68
N GLU A 178 61.92 -18.19 -2.39
CA GLU A 178 63.09 -17.40 -2.81
C GLU A 178 63.95 -16.90 -1.63
N THR A 179 63.30 -16.41 -0.56
CA THR A 179 63.95 -15.77 0.59
C THR A 179 64.27 -16.71 1.74
N SER A 180 63.66 -17.91 1.78
CA SER A 180 63.87 -18.88 2.87
C SER A 180 64.40 -20.27 2.42
N GLY A 181 64.01 -20.70 1.21
CA GLY A 181 64.48 -21.96 0.64
C GLY A 181 63.45 -23.08 0.70
N ASN A 182 62.36 -22.85 1.45
CA ASN A 182 61.27 -23.80 1.59
C ASN A 182 59.94 -23.07 1.66
N LEU A 183 58.84 -23.84 1.65
CA LEU A 183 57.48 -23.34 1.68
C LEU A 183 56.82 -23.58 3.03
N ASP A 184 57.63 -23.67 4.10
CA ASP A 184 57.18 -23.87 5.48
C ASP A 184 56.21 -22.77 5.91
N GLY A 185 54.99 -23.18 6.27
CA GLY A 185 53.93 -22.30 6.79
C GLY A 185 53.14 -21.45 5.82
N LEU A 186 53.23 -21.77 4.50
CA LEU A 186 52.54 -21.08 3.42
C LEU A 186 51.03 -21.05 3.61
N GLU A 187 50.46 -22.15 4.11
CA GLU A 187 49.01 -22.28 4.30
C GLU A 187 48.46 -21.34 5.41
N TYR A 188 49.34 -20.65 6.14
CA TYR A 188 48.99 -19.70 7.20
C TYR A 188 49.46 -18.28 6.87
N LYS A 189 50.16 -18.09 5.71
CA LYS A 189 50.69 -16.78 5.30
C LYS A 189 49.61 -15.76 4.90
N LEU A 190 48.36 -16.20 4.65
CA LEU A 190 47.21 -15.36 4.31
C LEU A 190 46.01 -15.72 5.16
N HIS A 191 45.72 -14.83 6.13
CA HIS A 191 44.66 -15.04 7.10
C HIS A 191 43.48 -14.19 6.71
N ASP A 192 42.25 -14.71 6.87
CA ASP A 192 41.01 -14.02 6.56
C ASP A 192 40.55 -13.12 7.73
N PHE A 193 40.43 -11.81 7.48
CA PHE A 193 39.94 -10.80 8.44
C PHE A 193 38.64 -10.15 7.90
N GLY A 194 38.07 -10.76 6.85
CA GLY A 194 36.95 -10.29 6.05
C GLY A 194 35.55 -10.26 6.60
N TYR A 195 35.27 -11.02 7.67
CA TYR A 195 33.94 -11.12 8.26
C TYR A 195 33.15 -9.81 8.33
N ARG A 196 33.73 -8.71 8.86
CA ARG A 196 32.98 -7.44 8.95
C ARG A 196 32.85 -6.65 7.63
N GLY A 197 33.81 -6.87 6.72
CA GLY A 197 33.92 -6.14 5.47
C GLY A 197 33.15 -6.74 4.33
N VAL A 198 32.33 -7.76 4.62
CA VAL A 198 31.49 -8.40 3.60
C VAL A 198 30.05 -7.87 3.73
N SER A 199 29.28 -8.04 2.66
CA SER A 199 27.93 -7.53 2.52
C SER A 199 26.86 -8.24 3.34
N SER A 200 27.14 -9.47 3.81
CA SER A 200 26.15 -10.26 4.57
C SER A 200 26.81 -11.47 5.25
N GLN A 201 26.04 -12.14 6.15
CA GLN A 201 26.46 -13.34 6.89
C GLN A 201 26.65 -14.51 5.93
N GLU A 202 25.84 -14.58 4.86
CA GLU A 202 25.93 -15.65 3.88
C GLU A 202 27.17 -15.51 3.02
N THR A 203 27.46 -14.27 2.59
CA THR A 203 28.63 -13.91 1.80
C THR A 203 29.88 -14.29 2.59
N ALA A 204 29.85 -14.05 3.95
CA ALA A 204 30.95 -14.37 4.87
C ALA A 204 31.31 -15.86 4.83
N GLY A 205 30.32 -16.74 4.98
CA GLY A 205 30.50 -18.18 4.93
C GLY A 205 31.03 -18.70 3.62
N ILE A 206 30.44 -18.24 2.48
CA ILE A 206 30.82 -18.62 1.10
C ILE A 206 32.25 -18.14 0.79
N GLY A 207 32.51 -16.87 1.02
CA GLY A 207 33.82 -16.28 0.79
C GLY A 207 34.89 -16.94 1.64
N ALA A 208 34.65 -16.99 2.97
CA ALA A 208 35.59 -17.61 3.92
C ALA A 208 35.94 -19.02 3.49
N SER A 209 34.93 -19.84 3.18
CA SER A 209 35.12 -21.21 2.67
C SER A 209 35.98 -21.27 1.41
N ALA A 210 35.76 -20.35 0.45
CA ALA A 210 36.53 -20.24 -0.80
C ALA A 210 38.00 -19.91 -0.55
N HIS A 211 38.30 -19.08 0.47
CA HIS A 211 39.68 -18.74 0.88
C HIS A 211 40.30 -20.00 1.50
N LEU A 212 39.52 -20.78 2.25
CA LEU A 212 39.97 -22.00 2.93
C LEU A 212 40.35 -23.16 1.97
N VAL A 213 40.08 -23.00 0.67
CA VAL A 213 40.43 -23.97 -0.36
C VAL A 213 41.98 -23.98 -0.51
N ASN A 214 42.62 -22.82 -0.24
CA ASN A 214 44.07 -22.60 -0.40
C ASN A 214 44.84 -22.40 0.92
N PHE A 215 44.17 -21.81 1.92
CA PHE A 215 44.79 -21.50 3.20
C PHE A 215 44.07 -22.16 4.38
N LYS A 216 44.73 -22.25 5.53
CA LYS A 216 44.16 -22.88 6.73
C LYS A 216 43.83 -21.85 7.86
N GLY A 217 44.06 -20.55 7.60
CA GLY A 217 43.84 -19.51 8.58
C GLY A 217 42.72 -18.57 8.22
N THR A 218 41.74 -18.45 9.13
CA THR A 218 40.58 -17.57 8.98
C THR A 218 40.06 -17.11 10.31
N ASP A 219 39.49 -15.91 10.35
CA ASP A 219 38.85 -15.36 11.54
C ASP A 219 37.36 -15.30 11.30
N THR A 220 36.95 -15.65 10.06
CA THR A 220 35.58 -15.70 9.62
C THR A 220 35.03 -17.12 9.88
N VAL A 221 34.58 -17.32 11.14
CA VAL A 221 34.03 -18.55 11.73
C VAL A 221 32.91 -19.16 10.87
N ALA A 222 32.09 -18.29 10.25
CA ALA A 222 30.98 -18.60 9.34
C ALA A 222 31.36 -19.64 8.28
N GLY A 223 32.57 -19.55 7.75
CA GLY A 223 33.11 -20.45 6.74
C GLY A 223 33.30 -21.88 7.20
N LEU A 224 33.51 -22.11 8.51
CA LEU A 224 33.70 -23.45 9.03
C LEU A 224 32.41 -24.29 8.98
N ALA A 225 31.28 -23.69 9.38
CA ALA A 225 29.99 -24.35 9.42
C ALA A 225 29.50 -24.70 8.04
N LEU A 226 29.76 -23.84 7.04
CA LEU A 226 29.38 -24.07 5.65
C LEU A 226 30.08 -25.34 5.10
N ILE A 227 31.39 -25.43 5.31
CA ILE A 227 32.23 -26.54 4.88
C ILE A 227 31.77 -27.83 5.54
N LYS A 228 31.51 -27.79 6.86
CA LYS A 228 31.03 -28.94 7.66
C LYS A 228 29.72 -29.49 7.09
N LYS A 229 28.79 -28.57 6.76
CA LYS A 229 27.44 -28.83 6.24
C LYS A 229 27.38 -29.32 4.80
N TYR A 230 28.11 -28.66 3.86
CA TYR A 230 28.03 -28.88 2.42
C TYR A 230 29.19 -29.61 1.78
N TYR A 231 30.30 -29.82 2.50
CA TYR A 231 31.47 -30.44 1.90
C TYR A 231 32.06 -31.54 2.77
N GLY A 232 32.54 -31.17 3.96
CA GLY A 232 33.17 -32.02 4.94
C GLY A 232 34.67 -32.17 4.77
N THR A 233 35.40 -32.28 5.91
CA THR A 233 36.85 -32.54 6.00
C THR A 233 37.10 -33.67 7.04
N LYS A 234 38.17 -34.50 6.85
CA LYS A 234 38.54 -35.53 7.83
C LYS A 234 38.94 -34.85 9.16
N ASP A 235 39.67 -33.70 9.08
CA ASP A 235 40.07 -32.86 10.23
C ASP A 235 38.79 -32.39 10.92
N PRO A 236 38.77 -32.21 12.27
CA PRO A 236 37.54 -31.68 12.91
C PRO A 236 37.16 -30.27 12.44
N VAL A 237 38.16 -29.40 12.12
CA VAL A 237 37.92 -28.04 11.56
C VAL A 237 38.77 -27.78 10.30
N PRO A 238 38.20 -27.09 9.28
CA PRO A 238 39.00 -26.81 8.08
C PRO A 238 39.94 -25.62 8.20
N GLY A 239 39.67 -24.75 9.19
CA GLY A 239 40.40 -23.51 9.40
C GLY A 239 40.71 -23.26 10.85
N TYR A 240 41.83 -22.55 11.08
CA TYR A 240 42.36 -22.24 12.41
C TYR A 240 42.64 -20.74 12.67
N SER A 241 42.76 -20.41 13.96
CA SER A 241 43.05 -19.04 14.39
C SER A 241 44.01 -18.99 15.61
N VAL A 242 44.40 -17.76 16.02
CA VAL A 242 45.26 -17.49 17.17
C VAL A 242 44.63 -16.38 18.03
N PRO A 243 44.90 -16.33 19.36
CA PRO A 243 44.34 -15.21 20.16
C PRO A 243 44.92 -13.88 19.67
N ALA A 244 44.12 -12.80 19.73
CA ALA A 244 44.59 -11.50 19.24
C ALA A 244 43.91 -10.34 19.89
N ALA A 245 44.61 -9.22 19.93
CA ALA A 245 44.07 -7.99 20.47
C ALA A 245 43.34 -7.22 19.37
N GLU A 246 42.53 -6.25 19.79
CA GLU A 246 41.86 -5.29 18.93
C GLU A 246 42.05 -3.93 19.63
N HIS A 247 41.80 -2.83 18.96
CA HIS A 247 42.00 -1.51 19.58
C HIS A 247 41.19 -1.35 20.85
N SER A 248 39.99 -1.92 20.91
CA SER A 248 39.16 -1.84 22.09
C SER A 248 39.86 -2.50 23.28
N THR A 249 40.50 -3.68 23.09
CA THR A 249 41.19 -4.37 24.19
C THR A 249 42.45 -3.61 24.62
N ILE A 250 43.05 -2.82 23.71
CA ILE A 250 44.23 -2.01 24.03
C ILE A 250 43.81 -0.70 24.67
N THR A 251 43.02 0.11 23.93
CA THR A 251 42.56 1.46 24.28
C THR A 251 41.65 1.50 25.52
N ALA A 252 41.03 0.35 25.89
CA ALA A 252 40.19 0.23 27.08
C ALA A 252 41.02 0.48 28.37
N TRP A 253 42.36 0.32 28.28
CA TRP A 253 43.27 0.49 29.41
C TRP A 253 43.60 1.95 29.77
N GLY A 254 43.46 2.85 28.79
CA GLY A 254 43.73 4.28 28.89
C GLY A 254 44.92 4.65 28.03
N LYS A 255 44.99 5.89 27.52
CA LYS A 255 46.14 6.28 26.68
C LYS A 255 47.47 6.13 27.44
N ASP A 256 47.44 6.23 28.77
CA ASP A 256 48.66 6.12 29.55
C ASP A 256 49.05 4.68 29.84
N HIS A 257 48.12 3.72 29.62
CA HIS A 257 48.38 2.33 29.98
C HIS A 257 48.39 1.35 28.82
N GLU A 258 49.08 1.72 27.73
CA GLU A 258 49.20 0.84 26.55
C GLU A 258 50.20 -0.31 26.83
N LYS A 259 51.26 -0.03 27.64
CA LYS A 259 52.26 -0.99 28.08
C LYS A 259 51.59 -2.03 28.95
N ASP A 260 50.71 -1.58 29.87
CA ASP A 260 49.95 -2.40 30.81
C ASP A 260 49.12 -3.40 30.07
N ALA A 261 48.41 -2.92 29.03
CA ALA A 261 47.56 -3.67 28.11
C ALA A 261 48.38 -4.74 27.42
N PHE A 262 49.51 -4.31 26.81
CA PHE A 262 50.44 -5.16 26.07
C PHE A 262 50.96 -6.31 26.96
N GLU A 263 51.34 -5.98 28.22
CA GLU A 263 51.87 -6.89 29.22
C GLU A 263 50.80 -7.89 29.61
N HIS A 264 49.61 -7.40 30.01
CA HIS A 264 48.46 -8.20 30.40
C HIS A 264 48.13 -9.25 29.36
N ILE A 265 47.95 -8.81 28.09
CA ILE A 265 47.57 -9.66 26.96
C ILE A 265 48.62 -10.77 26.73
N VAL A 266 49.93 -10.41 26.62
CA VAL A 266 51.01 -11.37 26.34
C VAL A 266 51.15 -12.42 27.46
N THR A 267 50.86 -12.04 28.73
CA THR A 267 50.89 -12.88 29.93
C THR A 267 49.67 -13.81 29.93
N GLN A 268 48.52 -13.33 29.41
CA GLN A 268 47.29 -14.14 29.36
C GLN A 268 47.37 -15.21 28.28
N PHE A 269 48.17 -14.97 27.23
CA PHE A 269 48.36 -15.89 26.09
C PHE A 269 49.87 -16.13 25.90
N SER A 270 50.51 -16.61 26.98
CA SER A 270 51.94 -16.84 27.00
C SER A 270 52.34 -18.20 26.45
N SER A 271 51.40 -19.14 26.34
CA SER A 271 51.71 -20.47 25.83
C SER A 271 51.30 -20.69 24.36
N VAL A 272 50.56 -19.72 23.80
CA VAL A 272 50.04 -19.75 22.42
C VAL A 272 50.55 -18.54 21.63
N PRO A 273 50.60 -18.57 20.28
CA PRO A 273 51.03 -17.37 19.56
C PRO A 273 49.95 -16.30 19.79
N VAL A 274 50.35 -15.04 19.99
CA VAL A 274 49.41 -13.96 20.24
C VAL A 274 49.68 -12.79 19.31
N SER A 275 48.62 -12.34 18.61
CA SER A 275 48.71 -11.17 17.74
C SER A 275 48.32 -9.94 18.59
N VAL A 276 49.18 -8.91 18.62
CA VAL A 276 48.85 -7.73 19.44
C VAL A 276 48.90 -6.51 18.56
N VAL A 277 47.73 -5.83 18.38
CA VAL A 277 47.66 -4.64 17.51
C VAL A 277 48.45 -3.52 18.21
N SER A 278 49.50 -3.05 17.54
CA SER A 278 50.43 -2.12 18.19
C SER A 278 50.41 -0.69 17.64
N ASP A 279 49.38 -0.29 16.86
CA ASP A 279 49.29 1.03 16.25
C ASP A 279 48.24 2.02 16.89
N SER A 280 47.64 1.66 18.04
CA SER A 280 46.62 2.48 18.72
C SER A 280 47.02 3.95 18.92
N TYR A 281 48.28 4.24 19.28
CA TYR A 281 48.76 5.62 19.46
C TYR A 281 49.98 5.94 18.57
N ASP A 282 51.07 5.17 18.75
CA ASP A 282 52.33 5.28 18.01
C ASP A 282 52.92 3.88 17.86
N ILE A 283 52.80 3.31 16.62
CA ILE A 283 53.32 1.99 16.21
C ILE A 283 54.83 1.97 16.35
N TYR A 284 55.48 3.08 15.99
CA TYR A 284 56.93 3.20 16.03
C TYR A 284 57.45 3.20 17.46
N ASN A 285 56.81 3.97 18.35
CA ASN A 285 57.16 4.03 19.77
C ASN A 285 56.84 2.71 20.47
N ALA A 286 55.74 2.03 20.09
CA ALA A 286 55.37 0.72 20.67
C ALA A 286 56.42 -0.34 20.33
N CYS A 287 57.04 -0.26 19.14
CA CYS A 287 58.05 -1.23 18.72
C CYS A 287 59.41 -0.92 19.33
N GLU A 288 59.77 0.39 19.39
CA GLU A 288 61.03 0.89 19.94
C GLU A 288 61.06 0.86 21.49
N LYS A 289 60.12 1.53 22.15
CA LYS A 289 60.08 1.67 23.60
C LYS A 289 59.35 0.57 24.37
N ILE A 290 58.09 0.26 24.01
CA ILE A 290 57.28 -0.73 24.74
C ILE A 290 57.73 -2.21 24.49
N TRP A 291 57.88 -2.64 23.23
CA TRP A 291 58.29 -4.02 22.94
C TRP A 291 59.82 -4.18 23.00
N GLY A 292 60.51 -3.17 22.46
CA GLY A 292 61.96 -3.18 22.32
C GLY A 292 62.78 -2.91 23.56
N GLU A 293 62.13 -2.40 24.64
CA GLU A 293 62.79 -2.04 25.90
C GLU A 293 61.96 -2.35 27.17
N ASP A 294 60.77 -1.74 27.31
CA ASP A 294 59.95 -1.90 28.51
C ASP A 294 59.46 -3.31 28.78
N LEU A 295 59.09 -4.07 27.73
CA LEU A 295 58.56 -5.43 27.85
C LEU A 295 59.36 -6.41 27.04
N ARG A 296 60.61 -6.06 26.69
CA ARG A 296 61.53 -6.94 25.94
C ARG A 296 61.76 -8.27 26.65
N HIS A 297 61.84 -8.22 27.99
CA HIS A 297 62.08 -9.37 28.87
C HIS A 297 60.98 -10.41 28.71
N LEU A 298 59.72 -9.96 28.52
CA LEU A 298 58.52 -10.79 28.31
C LEU A 298 58.47 -11.44 26.91
N ILE A 299 59.23 -10.88 25.92
CA ILE A 299 59.23 -11.35 24.53
C ILE A 299 60.34 -12.35 24.26
N VAL A 300 61.56 -12.04 24.66
CA VAL A 300 62.72 -12.91 24.43
C VAL A 300 62.65 -14.26 25.20
N SER A 301 61.64 -14.41 26.06
CA SER A 301 61.33 -15.59 26.88
C SER A 301 60.31 -16.56 26.20
N ARG A 302 59.61 -16.07 25.15
CA ARG A 302 58.57 -16.82 24.44
C ARG A 302 59.10 -17.98 23.60
N SER A 303 58.22 -18.96 23.40
CA SER A 303 58.44 -20.18 22.64
C SER A 303 58.43 -19.89 21.11
N THR A 304 59.04 -20.79 20.33
CA THR A 304 59.04 -20.72 18.87
C THR A 304 57.60 -21.03 18.39
N GLN A 305 56.90 -21.89 19.16
CA GLN A 305 55.53 -22.32 18.95
C GLN A 305 54.51 -21.28 19.40
N ALA A 306 54.93 -20.29 20.21
CA ALA A 306 54.04 -19.26 20.74
C ALA A 306 54.65 -17.84 20.65
N PRO A 307 55.07 -17.37 19.44
CA PRO A 307 55.66 -16.05 19.33
C PRO A 307 54.67 -14.91 19.51
N LEU A 308 55.20 -13.69 19.68
CA LEU A 308 54.41 -12.48 19.69
C LEU A 308 54.37 -12.05 18.23
N ILE A 309 53.15 -11.88 17.70
CA ILE A 309 52.92 -11.38 16.34
C ILE A 309 52.49 -9.92 16.51
N ILE A 310 53.42 -8.99 16.16
CA ILE A 310 53.24 -7.54 16.25
C ILE A 310 52.41 -7.18 15.04
N ARG A 311 51.39 -6.35 15.27
CA ARG A 311 50.49 -5.97 14.22
C ARG A 311 50.41 -4.45 14.01
N PRO A 312 51.01 -3.89 12.93
CA PRO A 312 50.71 -2.50 12.60
C PRO A 312 49.33 -2.54 11.89
N ASP A 313 48.59 -1.41 11.87
CA ASP A 313 47.25 -1.41 11.25
C ASP A 313 46.89 -0.08 10.56
N SER A 314 47.89 0.81 10.37
CA SER A 314 47.66 2.10 9.73
C SER A 314 48.90 2.57 9.05
N GLY A 315 48.70 3.49 8.11
CA GLY A 315 49.78 4.09 7.33
C GLY A 315 49.97 3.29 6.08
N ASN A 316 50.97 3.66 5.29
CA ASN A 316 51.32 3.01 4.05
C ASN A 316 51.75 1.55 4.36
N PRO A 317 50.99 0.52 3.90
CA PRO A 317 51.34 -0.88 4.25
C PRO A 317 52.81 -1.30 4.07
N LEU A 318 53.42 -1.03 2.90
CA LEU A 318 54.84 -1.38 2.66
C LEU A 318 55.81 -0.64 3.61
N ASP A 319 55.76 0.73 3.59
CA ASP A 319 56.62 1.61 4.40
C ASP A 319 56.53 1.36 5.91
N THR A 320 55.35 0.93 6.40
CA THR A 320 55.09 0.58 7.78
C THR A 320 55.75 -0.75 8.13
N VAL A 321 55.62 -1.76 7.28
CA VAL A 321 56.21 -3.08 7.49
C VAL A 321 57.73 -2.97 7.57
N LEU A 322 58.35 -2.19 6.65
CA LEU A 322 59.81 -1.98 6.62
C LEU A 322 60.34 -1.19 7.82
N LYS A 323 59.57 -0.21 8.30
CA LYS A 323 59.92 0.61 9.45
C LYS A 323 59.87 -0.24 10.73
N VAL A 324 58.83 -1.09 10.84
CA VAL A 324 58.59 -1.99 11.94
C VAL A 324 59.71 -3.05 11.99
N LEU A 325 60.10 -3.62 10.82
CA LEU A 325 61.18 -4.61 10.75
C LEU A 325 62.53 -3.99 11.15
N GLU A 326 62.77 -2.75 10.71
CA GLU A 326 63.98 -1.98 11.01
C GLU A 326 64.12 -1.84 12.53
N ILE A 327 63.09 -1.28 13.20
CA ILE A 327 63.10 -1.09 14.65
C ILE A 327 63.42 -2.41 15.35
N LEU A 328 62.62 -3.46 15.06
CA LEU A 328 62.78 -4.77 15.67
C LEU A 328 64.17 -5.37 15.46
N GLY A 329 64.70 -5.16 14.24
CA GLY A 329 66.04 -5.62 13.85
C GLY A 329 67.15 -4.98 14.65
N LYS A 330 66.86 -3.81 15.27
CA LYS A 330 67.77 -3.03 16.10
C LYS A 330 67.66 -3.40 17.58
N LYS A 331 66.46 -3.86 18.04
CA LYS A 331 66.21 -4.21 19.44
C LYS A 331 66.25 -5.71 19.74
N PHE A 332 66.27 -6.54 18.70
CA PHE A 332 66.27 -7.99 18.84
C PHE A 332 67.36 -8.62 17.97
N PRO A 333 67.88 -9.81 18.35
CA PRO A 333 68.92 -10.44 17.51
C PRO A 333 68.39 -11.00 16.18
N VAL A 334 68.97 -10.58 15.04
CA VAL A 334 68.59 -11.06 13.71
C VAL A 334 69.62 -12.05 13.14
N THR A 335 69.18 -13.17 12.53
CA THR A 335 70.11 -14.08 11.86
C THR A 335 70.03 -13.90 10.34
N GLU A 336 70.98 -14.48 9.62
CA GLU A 336 71.03 -14.50 8.17
C GLU A 336 70.73 -15.94 7.82
N ASN A 337 69.61 -16.18 7.15
CA ASN A 337 69.22 -17.54 6.83
C ASN A 337 70.05 -18.14 5.66
N SER A 338 69.87 -19.45 5.37
CA SER A 338 70.56 -20.15 4.27
C SER A 338 70.48 -19.42 2.92
N LYS A 339 69.40 -18.67 2.65
CA LYS A 339 69.24 -17.92 1.39
C LYS A 339 69.81 -16.48 1.44
N GLY A 340 70.43 -16.11 2.59
CA GLY A 340 71.12 -14.85 2.77
C GLY A 340 70.26 -13.68 3.21
N TYR A 341 69.03 -14.00 3.65
CA TYR A 341 68.03 -13.04 4.10
C TYR A 341 67.96 -12.95 5.62
N LYS A 342 67.54 -11.79 6.11
CA LYS A 342 67.41 -11.45 7.52
C LYS A 342 66.20 -12.16 8.10
N LEU A 343 66.37 -12.76 9.27
CA LEU A 343 65.34 -13.48 10.00
C LEU A 343 65.28 -12.99 11.44
N LEU A 344 64.09 -12.55 11.87
CA LEU A 344 63.83 -12.09 13.26
C LEU A 344 63.96 -13.30 14.22
N PRO A 345 64.15 -13.08 15.55
CA PRO A 345 64.21 -14.22 16.48
C PRO A 345 62.92 -15.02 16.45
N PRO A 346 62.90 -16.35 16.72
CA PRO A 346 61.68 -17.14 16.49
C PRO A 346 60.51 -16.89 17.42
N TYR A 347 60.70 -16.06 18.41
CA TYR A 347 59.64 -15.73 19.37
C TYR A 347 59.00 -14.37 18.96
N LEU A 348 59.40 -13.87 17.78
CA LEU A 348 58.96 -12.59 17.24
C LEU A 348 58.60 -12.66 15.77
N ARG A 349 57.34 -12.33 15.44
CA ARG A 349 56.82 -12.29 14.06
C ARG A 349 55.96 -11.01 13.84
N VAL A 350 55.65 -10.70 12.58
CA VAL A 350 54.88 -9.52 12.18
C VAL A 350 53.67 -9.95 11.31
N ILE A 351 52.57 -9.19 11.38
CA ILE A 351 51.40 -9.40 10.52
C ILE A 351 50.96 -8.06 9.92
N GLN A 352 50.79 -8.02 8.59
CA GLN A 352 50.24 -6.85 7.91
C GLN A 352 48.77 -7.16 7.62
N GLY A 353 47.86 -6.50 8.33
CA GLY A 353 46.43 -6.73 8.13
C GLY A 353 45.64 -5.52 7.67
N ASP A 354 46.33 -4.49 7.14
CA ASP A 354 45.68 -3.26 6.67
C ASP A 354 46.02 -3.00 5.19
N GLY A 355 45.01 -2.65 4.40
CA GLY A 355 45.14 -2.40 2.96
C GLY A 355 45.75 -3.55 2.17
N VAL A 356 45.50 -4.81 2.61
CA VAL A 356 46.06 -5.93 1.90
C VAL A 356 45.03 -6.50 0.94
N ASP A 357 45.41 -6.50 -0.35
CA ASP A 357 44.80 -7.08 -1.53
C ASP A 357 46.00 -7.67 -2.29
N ILE A 358 45.76 -8.40 -3.38
CA ILE A 358 46.78 -9.04 -4.21
C ILE A 358 47.86 -8.07 -4.73
N ASN A 359 47.50 -6.79 -4.94
CA ASN A 359 48.47 -5.82 -5.45
C ASN A 359 49.38 -5.31 -4.39
N THR A 360 48.84 -4.98 -3.19
CA THR A 360 49.67 -4.49 -2.10
C THR A 360 50.51 -5.62 -1.49
N LEU A 361 49.95 -6.85 -1.37
CA LEU A 361 50.66 -8.04 -0.89
C LEU A 361 51.94 -8.23 -1.70
N GLN A 362 51.83 -8.22 -3.05
CA GLN A 362 52.94 -8.35 -4.01
C GLN A 362 53.96 -7.22 -3.83
N GLU A 363 53.45 -5.98 -3.63
CA GLU A 363 54.25 -4.79 -3.40
C GLU A 363 55.08 -4.94 -2.12
N ILE A 364 54.50 -5.55 -1.05
CA ILE A 364 55.15 -5.72 0.25
C ILE A 364 56.21 -6.81 0.21
N VAL A 365 55.91 -7.96 -0.37
CA VAL A 365 56.88 -9.05 -0.45
C VAL A 365 58.06 -8.66 -1.36
N GLU A 366 57.81 -7.82 -2.38
CA GLU A 366 58.89 -7.35 -3.26
C GLU A 366 59.82 -6.39 -2.49
N GLY A 367 59.24 -5.40 -1.81
CA GLY A 367 59.95 -4.43 -0.99
C GLY A 367 60.79 -5.09 0.10
N MET A 368 60.24 -6.13 0.73
CA MET A 368 60.89 -6.96 1.73
C MET A 368 62.12 -7.69 1.17
N LYS A 369 62.00 -8.32 -0.03
CA LYS A 369 63.10 -9.02 -0.71
C LYS A 369 64.21 -8.01 -1.12
N GLN A 370 63.81 -6.79 -1.48
CA GLN A 370 64.72 -5.73 -1.87
C GLN A 370 65.49 -5.26 -0.65
N LYS A 371 64.82 -5.23 0.53
CA LYS A 371 65.40 -4.84 1.82
C LYS A 371 66.04 -6.04 2.58
N MET A 372 66.26 -7.15 1.84
CA MET A 372 66.89 -8.41 2.27
C MET A 372 66.23 -9.02 3.52
N TRP A 373 64.90 -8.92 3.61
CA TRP A 373 64.10 -9.45 4.70
C TRP A 373 63.40 -10.71 4.22
N SER A 374 63.51 -11.81 5.00
CA SER A 374 62.82 -13.06 4.69
C SER A 374 61.29 -12.92 4.81
N ILE A 375 60.58 -13.77 4.07
CA ILE A 375 59.11 -13.78 4.11
C ILE A 375 58.63 -14.62 5.32
N GLU A 376 59.58 -15.29 5.99
CA GLU A 376 59.30 -16.05 7.22
C GLU A 376 58.84 -15.11 8.32
N ASN A 377 59.31 -13.87 8.28
CA ASN A 377 59.00 -12.86 9.28
C ASN A 377 57.58 -12.38 9.28
N ILE A 378 56.91 -12.38 8.10
CA ILE A 378 55.58 -11.80 7.94
C ILE A 378 54.45 -12.78 7.59
N ALA A 379 53.26 -12.41 8.03
CA ALA A 379 51.98 -13.01 7.68
C ALA A 379 51.10 -11.83 7.23
N PHE A 380 50.07 -12.11 6.45
CA PHE A 380 49.17 -11.08 5.96
C PHE A 380 47.76 -11.40 6.33
N GLY A 381 47.04 -10.37 6.70
CA GLY A 381 45.62 -10.43 7.01
C GLY A 381 44.91 -9.58 5.99
N SER A 382 43.79 -10.08 5.45
CA SER A 382 43.06 -9.37 4.40
C SER A 382 41.58 -9.51 4.65
N GLY A 383 40.91 -8.37 4.72
CA GLY A 383 39.49 -8.30 4.99
C GLY A 383 38.71 -8.07 3.72
N GLY A 384 38.34 -6.81 3.49
CA GLY A 384 37.64 -6.35 2.31
C GLY A 384 38.31 -6.70 0.99
N GLY A 385 39.63 -6.63 0.94
CA GLY A 385 40.38 -6.96 -0.27
C GLY A 385 40.24 -8.41 -0.70
N LEU A 386 40.08 -9.33 0.28
CA LEU A 386 40.00 -10.79 0.08
C LEU A 386 38.60 -11.30 -0.27
N LEU A 387 37.60 -10.80 0.45
CA LEU A 387 36.23 -11.25 0.31
C LEU A 387 35.26 -10.24 -0.26
N GLN A 388 35.62 -8.94 -0.33
CA GLN A 388 34.65 -7.94 -0.81
C GLN A 388 34.99 -7.25 -2.10
N LYS A 389 36.20 -6.63 -2.19
CA LYS A 389 36.67 -5.87 -3.36
C LYS A 389 36.92 -6.84 -4.52
N LEU A 390 35.84 -7.47 -5.01
CA LEU A 390 35.80 -8.45 -6.10
C LEU A 390 34.49 -8.35 -6.82
N THR A 391 34.50 -8.54 -8.15
CA THR A 391 33.29 -8.50 -8.96
C THR A 391 33.31 -9.60 -9.98
N ARG A 392 32.13 -9.86 -10.61
CA ARG A 392 31.87 -10.87 -11.63
C ARG A 392 32.64 -10.57 -12.91
N ASP A 393 33.00 -9.31 -13.14
CA ASP A 393 33.78 -8.83 -14.30
C ASP A 393 35.24 -9.19 -14.23
N LEU A 394 35.76 -9.53 -13.03
CA LEU A 394 37.17 -9.82 -12.81
C LEU A 394 37.63 -11.05 -13.58
N LEU A 395 36.81 -12.11 -13.54
CA LEU A 395 37.08 -13.36 -14.24
C LEU A 395 36.17 -13.52 -15.45
N ASN A 396 35.33 -12.49 -15.72
CA ASN A 396 34.36 -12.41 -16.82
C ASN A 396 33.43 -13.61 -16.81
N CYS A 397 32.89 -13.88 -15.62
CA CYS A 397 32.01 -14.98 -15.32
C CYS A 397 30.71 -14.77 -16.07
N SER A 398 30.49 -15.64 -17.06
CA SER A 398 29.38 -15.54 -18.00
C SER A 398 28.53 -16.79 -18.11
N PHE A 399 27.20 -16.62 -18.15
CA PHE A 399 26.24 -17.70 -18.29
C PHE A 399 25.49 -17.43 -19.58
N LYS A 400 25.66 -18.31 -20.57
CA LYS A 400 25.05 -18.07 -21.87
C LYS A 400 24.42 -19.30 -22.50
N CYS A 401 23.33 -19.08 -23.26
CA CYS A 401 22.71 -20.13 -24.05
C CYS A 401 23.56 -20.41 -25.27
N SER A 402 24.01 -21.66 -25.40
CA SER A 402 24.85 -22.07 -26.52
C SER A 402 24.13 -22.95 -27.58
N TYR A 403 22.96 -23.51 -27.26
CA TYR A 403 22.24 -24.44 -28.14
C TYR A 403 20.79 -24.56 -27.73
N VAL A 404 19.87 -24.54 -28.73
CA VAL A 404 18.43 -24.77 -28.53
C VAL A 404 17.90 -25.85 -29.48
N VAL A 405 16.73 -26.42 -29.13
CA VAL A 405 16.04 -27.37 -29.99
C VAL A 405 14.64 -26.81 -30.16
N THR A 406 14.36 -26.31 -31.38
CA THR A 406 13.09 -25.75 -31.84
C THR A 406 12.61 -26.57 -33.07
N ASN A 407 11.34 -27.03 -33.01
CA ASN A 407 10.68 -27.86 -34.02
C ASN A 407 11.50 -29.13 -34.31
N GLY A 408 12.10 -29.65 -33.24
CA GLY A 408 12.90 -30.87 -33.24
C GLY A 408 14.31 -30.75 -33.75
N LEU A 409 14.64 -29.57 -34.30
CA LEU A 409 15.96 -29.29 -34.88
C LEU A 409 16.81 -28.47 -33.94
N GLY A 410 18.01 -28.98 -33.66
CA GLY A 410 19.00 -28.35 -32.80
C GLY A 410 19.84 -27.33 -33.52
N ILE A 411 19.89 -26.09 -33.00
CA ILE A 411 20.73 -25.07 -33.60
C ILE A 411 21.75 -24.53 -32.59
N ASN A 412 22.95 -24.18 -33.10
CA ASN A 412 24.00 -23.53 -32.32
C ASN A 412 23.52 -22.07 -32.19
N VAL A 413 23.52 -21.57 -30.95
CA VAL A 413 23.10 -20.26 -30.46
C VAL A 413 24.37 -19.61 -29.87
N PHE A 414 24.48 -18.28 -29.98
CA PHE A 414 25.61 -17.49 -29.49
C PHE A 414 25.35 -16.00 -29.69
N LYS A 415 26.16 -15.19 -29.05
CA LYS A 415 26.06 -13.76 -29.25
C LYS A 415 27.41 -13.31 -29.71
N ASP A 416 27.43 -12.23 -30.46
CA ASP A 416 28.64 -11.67 -31.02
C ASP A 416 28.42 -10.15 -31.15
N PRO A 417 28.35 -9.37 -30.02
CA PRO A 417 28.15 -7.91 -30.14
C PRO A 417 29.26 -7.29 -30.99
N VAL A 418 28.90 -6.33 -31.86
CA VAL A 418 29.84 -5.72 -32.80
C VAL A 418 31.02 -5.03 -32.08
N ALA A 419 30.68 -4.25 -31.03
CA ALA A 419 31.58 -3.42 -30.24
C ALA A 419 32.41 -4.15 -29.21
N ASP A 420 32.03 -5.39 -28.86
CA ASP A 420 32.75 -6.15 -27.88
C ASP A 420 33.00 -7.60 -28.29
N PRO A 421 34.13 -7.90 -28.96
CA PRO A 421 34.40 -9.31 -29.35
C PRO A 421 34.74 -10.24 -28.18
N ASN A 422 35.00 -9.67 -26.98
CA ASN A 422 35.25 -10.42 -25.74
C ASN A 422 33.94 -11.12 -25.33
N LYS A 423 32.78 -10.51 -25.68
CA LYS A 423 31.42 -11.00 -25.40
C LYS A 423 30.90 -12.06 -26.41
N ARG A 424 31.78 -12.60 -27.29
CA ARG A 424 31.48 -13.66 -28.25
C ARG A 424 31.50 -15.08 -27.57
N SER A 425 30.31 -15.55 -27.15
CA SER A 425 30.10 -16.82 -26.46
C SER A 425 30.29 -18.09 -27.35
N LYS A 426 30.39 -19.30 -26.73
CA LYS A 426 30.54 -20.61 -27.41
C LYS A 426 29.25 -21.10 -28.14
N LYS A 427 29.40 -21.99 -29.15
CA LYS A 427 28.29 -22.52 -29.98
C LYS A 427 28.07 -24.00 -29.76
N GLY A 428 26.79 -24.37 -29.67
CA GLY A 428 26.34 -25.74 -29.52
C GLY A 428 26.54 -26.39 -28.18
N ARG A 429 26.48 -27.70 -28.17
CA ARG A 429 26.69 -28.52 -27.00
C ARG A 429 28.18 -28.62 -26.72
N LEU A 430 28.56 -28.38 -25.48
CA LEU A 430 29.95 -28.33 -25.08
C LEU A 430 30.36 -29.44 -24.14
N SER A 431 31.66 -29.74 -24.15
CA SER A 431 32.33 -30.74 -23.36
C SER A 431 33.73 -30.26 -23.11
N LEU A 432 34.31 -30.71 -21.97
CA LEU A 432 35.66 -30.37 -21.52
C LEU A 432 36.48 -31.65 -21.49
N HIS A 433 37.66 -31.64 -22.10
CA HIS A 433 38.48 -32.85 -22.20
C HIS A 433 39.91 -32.55 -21.79
N ARG A 434 40.60 -33.57 -21.23
CA ARG A 434 42.02 -33.45 -20.91
C ARG A 434 42.81 -33.79 -22.17
N THR A 435 43.80 -32.97 -22.51
CA THR A 435 44.58 -33.15 -23.71
C THR A 435 45.72 -34.13 -23.49
N PRO A 436 46.32 -34.75 -24.55
CA PRO A 436 47.46 -35.67 -24.34
C PRO A 436 48.66 -35.07 -23.59
N ALA A 437 48.71 -33.73 -23.49
CA ALA A 437 49.79 -33.02 -22.80
C ALA A 437 49.37 -32.55 -21.41
N GLY A 438 48.24 -33.06 -20.91
CA GLY A 438 47.71 -32.72 -19.60
C GLY A 438 46.99 -31.38 -19.47
N ASN A 439 46.81 -30.65 -20.60
CA ASN A 439 46.09 -29.37 -20.63
C ASN A 439 44.59 -29.64 -20.79
N PHE A 440 43.75 -28.57 -20.91
CA PHE A 440 42.28 -28.64 -21.01
C PHE A 440 41.76 -28.08 -22.33
N VAL A 441 40.66 -28.64 -22.87
CA VAL A 441 40.12 -28.14 -24.14
C VAL A 441 38.58 -28.22 -24.16
N THR A 442 37.93 -27.08 -24.51
CA THR A 442 36.48 -26.98 -24.64
C THR A 442 36.10 -27.28 -26.07
N LEU A 443 35.33 -28.35 -26.24
CA LEU A 443 34.87 -28.77 -27.56
C LEU A 443 33.48 -28.25 -27.77
N GLU A 444 33.27 -27.53 -28.86
CA GLU A 444 32.01 -26.90 -29.22
C GLU A 444 31.25 -27.74 -30.26
N GLU A 445 29.98 -27.40 -30.48
CA GLU A 445 29.07 -27.96 -31.47
C GLU A 445 28.96 -29.50 -31.48
N GLY A 446 28.96 -30.13 -30.29
CA GLY A 446 28.84 -31.58 -30.10
C GLY A 446 30.01 -32.44 -30.53
N LYS A 447 31.10 -31.81 -31.04
CA LYS A 447 32.33 -32.46 -31.49
C LYS A 447 32.93 -33.44 -30.46
N GLY A 448 32.72 -33.19 -29.17
CA GLY A 448 33.17 -34.00 -28.05
C GLY A 448 32.60 -35.42 -28.03
N ASP A 449 31.39 -35.61 -28.63
CA ASP A 449 30.72 -36.92 -28.74
C ASP A 449 31.62 -37.95 -29.48
N LEU A 450 32.61 -37.45 -30.27
CA LEU A 450 33.59 -38.23 -31.02
C LEU A 450 34.68 -38.83 -30.11
N GLU A 451 34.79 -38.33 -28.83
CA GLU A 451 35.75 -38.77 -27.81
C GLU A 451 37.22 -38.87 -28.26
N GLU A 452 37.67 -37.92 -29.13
CA GLU A 452 39.05 -37.85 -29.67
C GLU A 452 40.10 -37.71 -28.56
N TYR A 453 39.86 -36.82 -27.58
CA TYR A 453 40.72 -36.59 -26.41
C TYR A 453 40.04 -37.24 -25.16
N GLY A 454 39.42 -38.39 -25.39
CA GLY A 454 38.73 -39.17 -24.38
C GLY A 454 37.42 -38.59 -23.88
N GLN A 455 37.01 -39.06 -22.69
CA GLN A 455 35.79 -38.69 -21.96
C GLN A 455 35.79 -37.24 -21.53
N ASP A 456 34.58 -36.68 -21.47
CA ASP A 456 34.26 -35.34 -21.02
C ASP A 456 34.40 -35.29 -19.49
N LEU A 457 35.09 -34.27 -18.98
CA LEU A 457 35.38 -34.00 -17.56
C LEU A 457 34.20 -33.35 -16.88
N LEU A 458 33.15 -32.98 -17.63
CA LEU A 458 31.95 -32.40 -17.04
C LEU A 458 31.02 -33.53 -16.55
N HIS A 459 31.16 -33.91 -15.27
CA HIS A 459 30.36 -34.96 -14.65
C HIS A 459 28.99 -34.42 -14.23
N THR A 460 27.96 -35.28 -14.29
CA THR A 460 26.60 -34.89 -13.86
C THR A 460 26.56 -34.77 -12.33
N VAL A 461 26.24 -33.55 -11.85
CA VAL A 461 26.17 -33.17 -10.43
C VAL A 461 24.74 -33.01 -9.96
N PHE A 462 23.83 -32.71 -10.88
CA PHE A 462 22.42 -32.50 -10.64
C PHE A 462 21.58 -33.02 -11.81
N LYS A 463 20.48 -33.71 -11.49
CA LYS A 463 19.46 -34.23 -12.40
C LYS A 463 18.14 -34.47 -11.65
N ASN A 464 17.07 -33.82 -12.14
CA ASN A 464 15.68 -33.91 -11.67
C ASN A 464 15.54 -33.85 -10.14
N GLY A 465 16.06 -32.77 -9.58
CA GLY A 465 15.99 -32.48 -8.15
C GLY A 465 16.94 -33.26 -7.26
N LYS A 466 17.99 -33.88 -7.84
CA LYS A 466 18.92 -34.68 -7.04
C LYS A 466 20.38 -34.32 -7.29
N VAL A 467 21.16 -34.20 -6.21
CA VAL A 467 22.59 -33.99 -6.25
C VAL A 467 23.14 -35.39 -6.53
N THR A 468 23.77 -35.58 -7.68
CA THR A 468 24.24 -36.89 -8.11
C THR A 468 25.75 -37.13 -7.87
N LYS A 469 26.54 -36.05 -7.73
CA LYS A 469 27.98 -36.13 -7.53
C LYS A 469 28.43 -35.03 -6.56
N SER A 470 29.06 -35.46 -5.47
CA SER A 470 29.52 -34.61 -4.38
C SER A 470 31.02 -34.72 -4.19
N TYR A 471 31.61 -33.68 -3.62
CA TYR A 471 33.03 -33.63 -3.35
C TYR A 471 33.25 -33.14 -1.93
N SER A 472 34.24 -33.73 -1.26
CA SER A 472 34.59 -33.31 0.08
C SER A 472 35.56 -32.17 -0.08
N PHE A 473 35.71 -31.35 0.98
CA PHE A 473 36.65 -30.25 0.98
C PHE A 473 38.08 -30.72 0.83
N ASP A 474 38.36 -31.97 1.28
CA ASP A 474 39.69 -32.61 1.17
C ASP A 474 40.06 -32.83 -0.30
N GLU A 475 39.09 -33.28 -1.11
CA GLU A 475 39.22 -33.50 -2.56
C GLU A 475 39.40 -32.14 -3.29
N ILE A 476 38.57 -31.15 -2.93
CA ILE A 476 38.60 -29.79 -3.50
C ILE A 476 39.98 -29.16 -3.30
N ARG A 477 40.52 -29.18 -2.04
CA ARG A 477 41.85 -28.68 -1.65
C ARG A 477 42.95 -29.35 -2.45
N LYS A 478 42.82 -30.69 -2.62
CA LYS A 478 43.77 -31.51 -3.39
C LYS A 478 43.85 -31.06 -4.89
N ASN A 479 42.71 -30.82 -5.51
CA ASN A 479 42.67 -30.40 -6.91
C ASN A 479 43.27 -29.02 -7.15
N ALA A 480 43.02 -28.07 -6.18
CA ALA A 480 43.45 -26.66 -6.17
C ALA A 480 44.93 -26.45 -5.80
N GLN A 481 45.66 -27.52 -5.53
CA GLN A 481 47.09 -27.49 -5.19
C GLN A 481 47.93 -26.73 -6.23
N LEU A 482 49.03 -26.12 -5.77
CA LEU A 482 49.98 -25.45 -6.66
C LEU A 482 50.97 -26.54 -7.18
N ASN A 483 51.75 -26.21 -8.24
CA ASN A 483 52.77 -27.11 -8.82
C ASN A 483 53.94 -27.30 -7.85
N ILE A 484 54.36 -26.17 -7.24
CA ILE A 484 55.44 -26.00 -6.29
C ILE A 484 55.11 -26.63 -4.90
N PHE B 9 21.70 -20.88 12.53
CA PHE B 9 22.40 -19.67 12.94
C PHE B 9 22.71 -19.65 14.43
N ASN B 10 23.97 -19.35 14.77
CA ASN B 10 24.49 -19.34 16.12
C ASN B 10 25.37 -18.07 16.29
N ILE B 11 24.88 -17.09 17.07
CA ILE B 11 25.56 -15.81 17.35
C ILE B 11 26.97 -16.02 17.97
N LEU B 12 27.16 -17.14 18.71
CA LEU B 12 28.41 -17.54 19.35
C LEU B 12 29.45 -17.94 18.31
N LEU B 13 28.99 -18.25 17.08
CA LEU B 13 29.78 -18.64 15.92
C LEU B 13 29.67 -17.56 14.82
N ALA B 14 29.06 -16.41 15.16
CA ALA B 14 28.86 -15.30 14.24
C ALA B 14 29.69 -14.06 14.63
N THR B 15 30.96 -14.32 14.96
CA THR B 15 31.92 -13.28 15.35
C THR B 15 33.30 -13.55 14.72
N ASP B 16 34.19 -12.54 14.68
CA ASP B 16 35.56 -12.73 14.24
C ASP B 16 36.20 -13.58 15.35
N SER B 17 36.88 -14.68 14.99
CA SER B 17 37.50 -15.63 15.92
C SER B 17 38.26 -15.00 17.09
N TYR B 18 39.07 -13.99 16.82
CA TYR B 18 39.84 -13.37 17.87
C TYR B 18 38.96 -12.82 19.01
N LYS B 19 37.69 -12.41 18.71
CA LYS B 19 36.76 -11.86 19.70
C LYS B 19 36.40 -12.85 20.81
N VAL B 20 36.56 -14.14 20.56
CA VAL B 20 36.32 -15.24 21.51
C VAL B 20 37.31 -15.09 22.68
N THR B 21 38.49 -14.51 22.38
CA THR B 21 39.61 -14.35 23.31
C THR B 21 39.69 -12.99 23.99
N HIS B 22 38.83 -12.04 23.61
CA HIS B 22 38.93 -10.65 24.13
C HIS B 22 38.48 -10.47 25.54
N TYR B 23 37.57 -11.34 26.04
CA TYR B 23 37.10 -11.31 27.42
C TYR B 23 38.30 -11.36 28.45
N LYS B 24 39.45 -11.98 28.08
CA LYS B 24 40.69 -12.09 28.85
C LYS B 24 41.64 -10.88 28.62
N GLN B 25 41.23 -9.87 27.82
CA GLN B 25 42.15 -8.80 27.46
C GLN B 25 41.80 -7.41 27.98
N TYR B 26 40.54 -7.17 28.28
CA TYR B 26 40.12 -5.88 28.79
C TYR B 26 40.67 -5.67 30.22
N PRO B 27 40.74 -4.40 30.73
CA PRO B 27 41.24 -4.20 32.10
C PRO B 27 40.47 -5.01 33.14
N PRO B 28 41.10 -5.64 34.14
CA PRO B 28 40.30 -6.41 35.12
C PRO B 28 39.37 -5.46 35.87
N ASN B 29 38.19 -5.98 36.26
CA ASN B 29 37.13 -5.22 36.92
C ASN B 29 36.55 -4.14 36.00
N THR B 30 36.20 -4.52 34.73
CA THR B 30 35.58 -3.65 33.73
C THR B 30 34.09 -4.02 33.68
N SER B 31 33.23 -3.11 34.11
CA SER B 31 31.78 -3.28 34.19
C SER B 31 31.03 -2.87 32.91
N LYS B 32 31.59 -1.92 32.15
CA LYS B 32 30.95 -1.42 30.92
C LYS B 32 31.94 -1.25 29.78
N VAL B 33 31.49 -1.59 28.58
CA VAL B 33 32.16 -1.37 27.30
C VAL B 33 31.07 -0.73 26.45
N TYR B 34 31.33 0.49 25.97
CA TYR B 34 30.44 1.33 25.17
C TYR B 34 31.12 1.64 23.84
N SER B 35 30.45 1.31 22.75
CA SER B 35 31.00 1.49 21.40
C SER B 35 30.04 2.19 20.47
N TYR B 36 30.58 2.82 19.44
CA TYR B 36 29.76 3.53 18.48
C TYR B 36 30.17 3.19 17.08
N PHE B 37 29.27 3.51 16.12
CA PHE B 37 29.45 3.35 14.71
C PHE B 37 29.37 4.71 14.07
N GLU B 38 30.30 4.98 13.18
CA GLU B 38 30.34 6.19 12.38
C GLU B 38 30.85 5.85 10.94
N CYS B 39 30.69 6.82 10.01
CA CYS B 39 31.20 6.80 8.65
C CYS B 39 32.23 7.92 8.67
N ARG B 40 33.48 7.58 9.03
CA ARG B 40 34.57 8.55 9.24
C ARG B 40 34.82 9.50 8.09
N GLU B 41 35.11 10.78 8.42
CA GLU B 41 35.46 11.84 7.45
C GLU B 41 36.81 11.52 6.77
N LYS B 42 37.15 12.26 5.68
CA LYS B 42 38.40 12.15 4.92
C LYS B 42 39.13 13.50 4.81
N VAL B 52 33.94 10.96 -6.48
CA VAL B 52 32.70 11.29 -5.78
C VAL B 52 32.97 11.46 -4.28
N LYS B 53 32.59 12.62 -3.74
CA LYS B 53 32.73 12.97 -2.33
C LYS B 53 31.38 12.62 -1.64
N TYR B 54 31.38 11.60 -0.79
CA TYR B 54 30.16 11.13 -0.11
C TYR B 54 30.05 11.89 1.20
N GLU B 55 29.67 13.18 1.14
CA GLU B 55 29.62 14.10 2.29
C GLU B 55 28.60 13.72 3.38
N GLU B 56 27.53 12.98 3.00
CA GLU B 56 26.45 12.55 3.91
C GLU B 56 26.04 11.14 3.59
N THR B 57 25.60 10.38 4.61
CA THR B 57 25.20 8.97 4.47
C THR B 57 23.75 8.69 4.88
N VAL B 58 23.12 7.71 4.22
CA VAL B 58 21.76 7.23 4.52
C VAL B 58 21.89 6.15 5.58
N PHE B 59 21.22 6.33 6.71
CA PHE B 59 21.27 5.29 7.74
C PHE B 59 20.20 4.27 7.48
N TYR B 60 20.58 3.08 7.00
CA TYR B 60 19.60 2.02 6.74
C TYR B 60 20.21 0.65 6.99
N GLY B 61 19.40 -0.32 7.41
CA GLY B 61 19.80 -1.71 7.53
C GLY B 61 19.95 -2.32 8.89
N LEU B 62 19.93 -1.50 9.95
CA LEU B 62 20.10 -2.03 11.30
C LEU B 62 18.93 -2.93 11.76
N GLN B 63 17.70 -2.48 11.52
CA GLN B 63 16.47 -3.16 11.94
C GLN B 63 16.42 -4.59 11.43
N TYR B 64 16.97 -4.84 10.23
CA TYR B 64 17.07 -6.14 9.59
C TYR B 64 17.94 -7.09 10.48
N ILE B 65 19.15 -6.59 10.87
CA ILE B 65 20.13 -7.32 11.69
C ILE B 65 19.56 -7.61 13.08
N LEU B 66 18.88 -6.62 13.70
CA LEU B 66 18.31 -6.71 15.05
C LEU B 66 17.28 -7.80 15.11
N ASN B 67 16.42 -7.85 14.11
CA ASN B 67 15.34 -8.80 14.00
C ASN B 67 15.80 -10.19 13.58
N LYS B 68 16.58 -10.27 12.49
CA LYS B 68 17.06 -11.54 11.98
C LYS B 68 17.97 -12.29 12.93
N TYR B 69 18.96 -11.60 13.52
CA TYR B 69 20.04 -12.18 14.30
C TYR B 69 20.20 -11.83 15.80
N LEU B 70 19.62 -10.74 16.30
CA LEU B 70 19.91 -10.35 17.69
C LEU B 70 18.78 -10.50 18.70
N LYS B 71 17.51 -10.33 18.27
CA LYS B 71 16.34 -10.38 19.15
C LYS B 71 16.02 -11.79 19.63
N GLY B 72 15.45 -11.87 20.83
CA GLY B 72 15.02 -13.10 21.48
C GLY B 72 16.12 -13.97 22.07
N LYS B 73 15.76 -15.22 22.37
CA LYS B 73 16.65 -16.24 22.90
C LYS B 73 17.59 -16.60 21.73
N VAL B 74 18.85 -16.15 21.83
CA VAL B 74 19.85 -16.37 20.80
C VAL B 74 20.95 -17.31 21.32
N VAL B 75 20.75 -17.80 22.57
CA VAL B 75 21.66 -18.71 23.27
C VAL B 75 20.87 -19.94 23.77
N THR B 76 21.34 -21.15 23.40
CA THR B 76 20.80 -22.43 23.85
C THR B 76 21.97 -23.26 24.40
N LYS B 77 21.68 -24.34 25.14
CA LYS B 77 22.69 -25.27 25.67
C LYS B 77 23.41 -25.91 24.46
N GLU B 78 22.64 -26.16 23.38
CA GLU B 78 23.03 -26.72 22.08
C GLU B 78 24.04 -25.77 21.41
N LYS B 79 23.67 -24.47 21.29
CA LYS B 79 24.52 -23.41 20.71
C LYS B 79 25.84 -23.23 21.48
N ILE B 80 25.79 -23.35 22.84
CA ILE B 80 26.99 -23.25 23.67
C ILE B 80 27.92 -24.45 23.43
N GLN B 81 27.42 -25.70 23.45
CA GLN B 81 28.25 -26.88 23.19
C GLN B 81 28.94 -26.89 21.82
N GLU B 82 28.18 -26.53 20.74
CA GLU B 82 28.67 -26.42 19.36
C GLU B 82 29.82 -25.41 19.29
N ALA B 83 29.63 -24.17 19.79
CA ALA B 83 30.67 -23.14 19.82
C ALA B 83 31.91 -23.63 20.59
N LYS B 84 31.71 -24.24 21.80
CA LYS B 84 32.77 -24.81 22.65
C LYS B 84 33.58 -25.86 21.87
N ASP B 85 32.88 -26.78 21.17
CA ASP B 85 33.51 -27.84 20.36
C ASP B 85 34.38 -27.29 19.23
N VAL B 86 33.81 -26.43 18.35
CA VAL B 86 34.43 -25.77 17.20
C VAL B 86 35.70 -25.01 17.62
N TYR B 87 35.56 -24.12 18.62
CA TYR B 87 36.65 -23.24 19.09
C TYR B 87 37.84 -24.00 19.72
N LYS B 88 37.58 -25.12 20.41
CA LYS B 88 38.59 -26.00 20.99
C LYS B 88 39.54 -26.50 19.89
N GLU B 89 38.98 -26.82 18.70
CA GLU B 89 39.70 -27.30 17.53
C GLU B 89 40.32 -26.15 16.75
N HIS B 90 39.52 -25.07 16.51
CA HIS B 90 39.86 -23.84 15.79
C HIS B 90 41.08 -23.18 16.41
N PHE B 91 41.09 -23.06 17.75
CA PHE B 91 42.18 -22.47 18.54
C PHE B 91 43.22 -23.46 19.09
N GLN B 92 42.96 -24.78 19.08
CA GLN B 92 43.89 -25.79 19.60
C GLN B 92 44.34 -25.34 21.03
N ASP B 93 43.29 -25.00 21.84
CA ASP B 93 43.31 -24.43 23.18
C ASP B 93 41.83 -24.19 23.58
N ASP B 94 41.57 -24.08 24.89
CA ASP B 94 40.23 -23.81 25.40
C ASP B 94 40.15 -22.35 25.89
N VAL B 95 39.76 -21.43 24.98
CA VAL B 95 39.65 -20.00 25.30
C VAL B 95 38.19 -19.65 25.47
N PHE B 96 37.28 -20.30 24.76
CA PHE B 96 35.85 -19.97 24.77
C PHE B 96 35.28 -19.69 26.16
N ASN B 97 34.60 -18.55 26.29
CA ASN B 97 33.94 -18.09 27.51
C ASN B 97 32.60 -18.83 27.72
N GLU B 98 32.68 -20.15 27.93
CA GLU B 98 31.49 -20.97 28.18
C GLU B 98 30.75 -20.42 29.42
N LYS B 99 31.51 -19.93 30.40
CA LYS B 99 31.00 -19.31 31.62
C LYS B 99 30.15 -18.08 31.28
N GLY B 100 30.73 -17.14 30.56
CA GLY B 100 30.07 -15.89 30.14
C GLY B 100 28.79 -16.10 29.37
N TRP B 101 28.81 -17.06 28.42
CA TRP B 101 27.65 -17.39 27.62
C TRP B 101 26.60 -18.15 28.39
N ASN B 102 27.01 -19.03 29.33
CA ASN B 102 26.09 -19.75 30.22
C ASN B 102 25.31 -18.79 31.09
N TYR B 103 25.94 -17.68 31.50
CA TYR B 103 25.36 -16.64 32.32
C TYR B 103 24.17 -15.95 31.65
N ILE B 104 24.24 -15.73 30.33
CA ILE B 104 23.18 -15.11 29.53
C ILE B 104 22.00 -16.08 29.39
N LEU B 105 22.31 -17.38 29.24
CA LEU B 105 21.32 -18.45 29.16
C LEU B 105 20.55 -18.57 30.49
N GLU B 106 21.27 -18.53 31.62
CA GLU B 106 20.67 -18.64 32.95
C GLU B 106 19.89 -17.40 33.36
N LYS B 107 20.57 -16.25 33.48
CA LYS B 107 19.96 -15.01 33.95
C LYS B 107 18.98 -14.33 32.99
N TYR B 108 19.20 -14.46 31.67
CA TYR B 108 18.40 -13.69 30.72
C TYR B 108 17.65 -14.49 29.69
N ASP B 109 17.62 -15.82 29.84
CA ASP B 109 16.94 -16.72 28.90
C ASP B 109 17.41 -16.49 27.45
N GLY B 110 18.72 -16.48 27.27
CA GLY B 110 19.37 -16.29 25.98
C GLY B 110 19.23 -14.91 25.35
N HIS B 111 18.59 -13.96 26.04
CA HIS B 111 18.43 -12.57 25.58
C HIS B 111 19.72 -11.83 25.85
N LEU B 112 20.18 -11.00 24.88
CA LEU B 112 21.44 -10.27 25.02
C LEU B 112 21.27 -9.04 25.89
N PRO B 113 21.95 -8.96 27.07
CA PRO B 113 21.81 -7.75 27.92
C PRO B 113 22.66 -6.61 27.35
N ILE B 114 22.22 -6.10 26.21
CA ILE B 114 22.85 -5.09 25.37
C ILE B 114 21.80 -4.02 25.11
N GLU B 115 22.26 -2.77 24.87
CA GLU B 115 21.42 -1.62 24.49
C GLU B 115 22.04 -0.93 23.29
N ILE B 116 21.25 -0.83 22.18
CA ILE B 116 21.62 -0.20 20.92
C ILE B 116 20.72 1.02 20.71
N LYS B 117 21.36 2.19 20.56
CA LYS B 117 20.76 3.49 20.32
C LYS B 117 21.19 3.91 18.93
N ALA B 118 20.23 4.22 18.07
CA ALA B 118 20.51 4.57 16.69
C ALA B 118 19.69 5.75 16.19
N VAL B 119 20.22 6.45 15.18
CA VAL B 119 19.52 7.54 14.51
C VAL B 119 18.37 6.88 13.70
N PRO B 120 17.17 7.51 13.57
CA PRO B 120 16.07 6.86 12.81
C PRO B 120 16.49 6.44 11.41
N GLU B 121 16.05 5.28 10.98
CA GLU B 121 16.43 4.78 9.68
C GLU B 121 15.86 5.64 8.55
N GLY B 122 16.68 5.82 7.53
CA GLY B 122 16.40 6.68 6.41
C GLY B 122 17.05 8.03 6.57
N PHE B 123 17.33 8.42 7.84
CA PHE B 123 17.98 9.69 8.16
C PHE B 123 19.28 9.88 7.40
N VAL B 124 19.45 11.10 6.85
CA VAL B 124 20.62 11.46 6.06
C VAL B 124 21.48 12.34 6.96
N ILE B 125 22.60 11.78 7.40
CA ILE B 125 23.52 12.38 8.34
C ILE B 125 24.87 12.66 7.71
N PRO B 126 25.48 13.86 7.92
CA PRO B 126 26.85 14.09 7.41
C PRO B 126 27.86 13.14 8.05
N ARG B 127 28.96 12.86 7.32
CA ARG B 127 30.12 12.04 7.73
C ARG B 127 30.69 12.46 9.06
N GLY B 128 31.30 11.51 9.75
CA GLY B 128 31.95 11.75 11.04
C GLY B 128 31.01 11.97 12.20
N ASN B 129 29.79 11.42 12.10
CA ASN B 129 28.77 11.52 13.13
C ASN B 129 28.37 10.17 13.68
N VAL B 130 28.01 10.13 14.98
CA VAL B 130 27.57 8.91 15.62
C VAL B 130 26.28 8.47 14.95
N LEU B 131 26.24 7.22 14.44
CA LEU B 131 25.06 6.65 13.79
C LEU B 131 24.34 5.74 14.76
N PHE B 132 25.13 4.98 15.57
CA PHE B 132 24.61 4.06 16.59
C PHE B 132 25.64 3.71 17.66
N THR B 133 25.16 3.30 18.83
CA THR B 133 25.98 2.97 19.99
C THR B 133 25.52 1.65 20.56
N VAL B 134 26.45 0.90 21.15
CA VAL B 134 26.21 -0.40 21.75
C VAL B 134 26.87 -0.39 23.13
N GLU B 135 26.16 -0.89 24.13
CA GLU B 135 26.72 -1.02 25.47
C GLU B 135 26.03 -2.17 26.18
N ASN B 136 26.70 -2.77 27.14
CA ASN B 136 26.14 -3.87 27.92
C ASN B 136 25.29 -3.32 29.03
N THR B 137 24.21 -4.04 29.39
CA THR B 137 23.32 -3.64 30.48
C THR B 137 23.64 -4.41 31.76
N ASP B 138 24.46 -5.47 31.66
CA ASP B 138 24.91 -6.30 32.78
C ASP B 138 26.43 -6.19 32.89
N PRO B 139 26.94 -5.81 34.09
CA PRO B 139 28.42 -5.66 34.27
C PRO B 139 29.25 -6.87 33.85
N GLU B 140 28.69 -8.08 34.03
CA GLU B 140 29.31 -9.36 33.69
C GLU B 140 29.42 -9.57 32.17
N CYS B 141 28.64 -8.80 31.38
CA CYS B 141 28.59 -8.90 29.93
C CYS B 141 29.26 -7.71 29.26
N TYR B 142 30.31 -7.20 29.92
CA TYR B 142 31.15 -6.10 29.46
C TYR B 142 31.73 -6.48 28.09
N TRP B 143 32.02 -7.80 27.94
CA TRP B 143 32.65 -8.43 26.78
C TRP B 143 31.73 -8.56 25.58
N LEU B 144 30.43 -8.56 25.80
CA LEU B 144 29.45 -8.76 24.74
C LEU B 144 29.32 -7.57 23.76
N THR B 145 29.66 -6.36 24.19
CA THR B 145 29.55 -5.16 23.35
C THR B 145 30.30 -5.33 22.04
N ASN B 146 31.60 -5.66 22.14
CA ASN B 146 32.44 -5.80 20.99
C ASN B 146 32.41 -7.24 20.39
N TRP B 147 31.68 -8.18 21.05
CA TRP B 147 31.49 -9.53 20.50
C TRP B 147 30.60 -9.38 19.25
N ILE B 148 29.51 -8.60 19.38
CA ILE B 148 28.57 -8.41 18.29
C ILE B 148 29.01 -7.31 17.31
N GLU B 149 30.26 -6.82 17.43
CA GLU B 149 30.79 -5.82 16.51
C GLU B 149 30.73 -6.31 15.05
N THR B 150 31.19 -7.53 14.78
CA THR B 150 31.26 -8.08 13.44
C THR B 150 29.92 -8.09 12.70
N ILE B 151 28.85 -8.48 13.40
CA ILE B 151 27.52 -8.56 12.83
C ILE B 151 26.96 -7.14 12.58
N LEU B 152 27.19 -6.19 13.51
CA LEU B 152 26.72 -4.82 13.41
C LEU B 152 27.42 -4.00 12.37
N VAL B 153 28.74 -4.15 12.22
CA VAL B 153 29.50 -3.42 11.21
C VAL B 153 29.04 -3.84 9.82
N GLN B 154 28.38 -5.01 9.71
CA GLN B 154 27.86 -5.45 8.40
C GLN B 154 26.73 -4.54 7.91
N SER B 155 26.36 -3.57 8.75
CA SER B 155 25.40 -2.50 8.43
C SER B 155 26.01 -1.55 7.41
N TRP B 156 27.36 -1.60 7.24
CA TRP B 156 28.08 -0.80 6.27
C TRP B 156 27.45 -0.97 4.90
N TYR B 157 27.09 -2.21 4.56
CA TYR B 157 26.60 -2.60 3.24
C TYR B 157 25.29 -1.89 2.86
N PRO B 158 24.14 -2.02 3.60
CA PRO B 158 22.94 -1.25 3.22
C PRO B 158 23.15 0.26 3.37
N ILE B 159 23.98 0.70 4.32
CA ILE B 159 24.28 2.11 4.46
C ILE B 159 24.93 2.61 3.20
N THR B 160 25.93 1.88 2.71
CA THR B 160 26.71 2.21 1.51
C THR B 160 25.88 2.10 0.24
N VAL B 161 25.07 1.04 0.09
CA VAL B 161 24.21 0.90 -1.11
C VAL B 161 23.17 2.05 -1.14
N ALA B 162 22.53 2.36 0.01
CA ALA B 162 21.53 3.42 0.09
C ALA B 162 22.10 4.82 -0.21
N THR B 163 23.33 5.09 0.23
CA THR B 163 24.04 6.37 0.04
C THR B 163 24.43 6.58 -1.41
N ASN B 164 25.08 5.57 -2.02
CA ASN B 164 25.57 5.66 -3.40
C ASN B 164 24.44 5.69 -4.41
N SER B 165 23.32 5.00 -4.09
CA SER B 165 22.10 4.98 -4.89
C SER B 165 21.51 6.40 -4.83
N ARG B 166 21.37 6.96 -3.60
CA ARG B 166 20.90 8.32 -3.34
C ARG B 166 21.74 9.35 -4.05
N GLU B 167 23.06 9.11 -4.14
CA GLU B 167 23.97 10.02 -4.84
C GLU B 167 23.70 9.97 -6.33
N GLN B 168 23.26 8.82 -6.86
CA GLN B 168 22.93 8.70 -8.28
C GLN B 168 21.62 9.39 -8.53
N LYS B 169 20.68 9.28 -7.59
CA LYS B 169 19.41 10.00 -7.63
C LYS B 169 19.62 11.55 -7.71
N LYS B 170 20.60 12.14 -6.97
CA LYS B 170 20.92 13.58 -7.00
C LYS B 170 21.31 14.02 -8.40
N ILE B 171 22.14 13.19 -9.07
CA ILE B 171 22.64 13.37 -10.45
C ILE B 171 21.45 13.28 -11.41
N LEU B 172 20.66 12.22 -11.26
CA LEU B 172 19.48 11.98 -12.06
C LEU B 172 18.43 13.07 -11.92
N ALA B 173 18.24 13.62 -10.70
CA ALA B 173 17.31 14.68 -10.33
C ALA B 173 17.68 15.98 -10.98
N LYS B 174 18.95 16.38 -10.84
CA LYS B 174 19.52 17.60 -11.41
C LYS B 174 19.38 17.59 -12.93
N TYR B 175 19.70 16.46 -13.58
CA TYR B 175 19.66 16.39 -15.04
C TYR B 175 18.27 16.30 -15.61
N LEU B 176 17.36 15.59 -14.94
CA LEU B 176 15.97 15.48 -15.37
C LEU B 176 15.32 16.86 -15.19
N LEU B 177 15.58 17.53 -14.05
CA LEU B 177 15.09 18.89 -13.82
C LEU B 177 15.65 19.89 -14.87
N GLU B 178 16.96 19.83 -15.22
CA GLU B 178 17.54 20.73 -16.21
C GLU B 178 17.09 20.48 -17.65
N THR B 179 16.79 19.23 -18.00
CA THR B 179 16.39 18.89 -19.36
C THR B 179 14.86 18.88 -19.58
N SER B 180 14.05 18.65 -18.51
CA SER B 180 12.59 18.57 -18.58
C SER B 180 11.79 19.56 -17.68
N GLY B 181 12.42 20.13 -16.64
CA GLY B 181 11.74 21.05 -15.74
C GLY B 181 10.80 20.39 -14.74
N ASN B 182 10.91 19.07 -14.60
CA ASN B 182 10.15 18.25 -13.66
C ASN B 182 10.94 16.97 -13.31
N LEU B 183 10.58 16.32 -12.18
CA LEU B 183 11.27 15.11 -11.73
C LEU B 183 10.41 13.87 -12.01
N ASP B 184 9.41 14.02 -12.91
CA ASP B 184 8.48 12.96 -13.29
C ASP B 184 9.28 11.77 -13.79
N GLY B 185 9.06 10.61 -13.17
CA GLY B 185 9.75 9.36 -13.53
C GLY B 185 11.14 9.16 -12.92
N LEU B 186 11.55 10.04 -11.98
CA LEU B 186 12.84 9.96 -11.31
C LEU B 186 13.11 8.64 -10.56
N GLU B 187 12.10 8.13 -9.85
CA GLU B 187 12.17 6.91 -9.07
C GLU B 187 12.25 5.61 -9.91
N TYR B 188 12.20 5.73 -11.25
CA TYR B 188 12.26 4.61 -12.17
C TYR B 188 13.46 4.71 -13.12
N LYS B 189 14.26 5.79 -13.01
CA LYS B 189 15.46 6.07 -13.84
C LYS B 189 16.71 5.25 -13.51
N LEU B 190 16.68 4.54 -12.37
CA LEU B 190 17.80 3.71 -11.94
C LEU B 190 17.28 2.40 -11.40
N HIS B 191 17.41 1.39 -12.26
CA HIS B 191 16.92 0.05 -12.06
C HIS B 191 18.01 -0.86 -11.62
N ASP B 192 17.67 -1.80 -10.72
CA ASP B 192 18.56 -2.78 -10.13
C ASP B 192 18.60 -4.06 -10.99
N PHE B 193 19.77 -4.30 -11.64
CA PHE B 193 20.09 -5.45 -12.52
C PHE B 193 21.21 -6.28 -11.86
N GLY B 194 21.45 -6.05 -10.56
CA GLY B 194 22.56 -6.65 -9.83
C GLY B 194 22.34 -7.94 -9.10
N TYR B 195 21.18 -8.63 -9.30
CA TYR B 195 20.88 -9.87 -8.62
C TYR B 195 21.96 -10.96 -8.85
N ARG B 196 22.44 -11.10 -10.09
CA ARG B 196 23.41 -12.15 -10.44
C ARG B 196 24.88 -11.80 -10.09
N GLY B 197 25.15 -10.48 -9.96
CA GLY B 197 26.47 -9.90 -9.70
C GLY B 197 26.85 -9.74 -8.24
N VAL B 198 25.96 -10.15 -7.34
CA VAL B 198 26.20 -10.10 -5.90
C VAL B 198 26.79 -11.44 -5.44
N SER B 199 27.39 -11.45 -4.26
CA SER B 199 28.08 -12.58 -3.68
C SER B 199 27.19 -13.67 -3.06
N SER B 200 25.88 -13.40 -2.86
CA SER B 200 24.95 -14.33 -2.21
C SER B 200 23.51 -13.83 -2.31
N GLN B 201 22.56 -14.73 -1.99
CA GLN B 201 21.12 -14.50 -1.95
C GLN B 201 20.75 -13.49 -0.87
N GLU B 202 21.39 -13.61 0.30
CA GLU B 202 21.12 -12.70 1.41
C GLU B 202 21.55 -11.29 1.06
N THR B 203 22.74 -11.14 0.43
CA THR B 203 23.27 -9.86 -0.03
C THR B 203 22.32 -9.25 -1.03
N ALA B 204 21.84 -10.04 -2.02
CA ALA B 204 20.91 -9.56 -3.03
C ALA B 204 19.73 -8.84 -2.39
N GLY B 205 19.11 -9.46 -1.39
CA GLY B 205 17.97 -8.95 -0.63
C GLY B 205 18.29 -7.69 0.13
N ILE B 206 19.41 -7.69 0.88
CA ILE B 206 19.86 -6.51 1.61
C ILE B 206 20.17 -5.35 0.63
N GLY B 207 20.97 -5.62 -0.40
CA GLY B 207 21.34 -4.64 -1.42
C GLY B 207 20.17 -4.05 -2.15
N ALA B 208 19.28 -4.91 -2.71
CA ALA B 208 18.09 -4.46 -3.40
C ALA B 208 17.26 -3.53 -2.51
N SER B 209 16.97 -3.99 -1.27
CA SER B 209 16.19 -3.21 -0.30
C SER B 209 16.78 -1.83 -0.07
N ALA B 210 18.12 -1.76 0.00
CA ALA B 210 18.88 -0.53 0.20
C ALA B 210 18.70 0.47 -0.95
N HIS B 211 18.68 0.00 -2.20
CA HIS B 211 18.47 0.83 -3.39
C HIS B 211 16.99 1.25 -3.43
N LEU B 212 16.10 0.38 -2.93
CA LEU B 212 14.67 0.64 -2.89
C LEU B 212 14.28 1.78 -1.93
N VAL B 213 15.18 2.16 -1.01
CA VAL B 213 15.04 3.32 -0.10
C VAL B 213 14.90 4.59 -0.96
N ASN B 214 15.56 4.62 -2.15
CA ASN B 214 15.59 5.76 -3.08
C ASN B 214 14.81 5.60 -4.37
N PHE B 215 14.69 4.37 -4.87
CA PHE B 215 14.05 4.11 -6.16
C PHE B 215 13.02 3.00 -6.05
N LYS B 216 12.13 2.90 -7.06
CA LYS B 216 11.07 1.88 -7.11
C LYS B 216 11.29 0.85 -8.23
N GLY B 217 12.41 0.96 -8.96
CA GLY B 217 12.75 0.05 -10.04
C GLY B 217 13.77 -1.02 -9.65
N THR B 218 13.34 -2.28 -9.63
CA THR B 218 14.24 -3.41 -9.31
C THR B 218 13.87 -4.68 -10.06
N ASP B 219 14.87 -5.54 -10.28
CA ASP B 219 14.73 -6.89 -10.84
C ASP B 219 15.23 -7.86 -9.77
N THR B 220 15.83 -7.32 -8.72
CA THR B 220 16.33 -8.14 -7.62
C THR B 220 15.15 -8.40 -6.67
N VAL B 221 14.36 -9.43 -7.02
CA VAL B 221 13.12 -9.88 -6.35
C VAL B 221 13.32 -10.17 -4.85
N ALA B 222 14.51 -10.65 -4.46
CA ALA B 222 14.90 -10.94 -3.07
C ALA B 222 14.65 -9.78 -2.06
N GLY B 223 14.79 -8.55 -2.53
CA GLY B 223 14.60 -7.34 -1.75
C GLY B 223 13.17 -6.96 -1.42
N LEU B 224 12.19 -7.51 -2.17
CA LEU B 224 10.77 -7.21 -1.92
C LEU B 224 10.36 -7.94 -0.62
N ALA B 225 10.73 -9.23 -0.53
CA ALA B 225 10.50 -10.09 0.62
C ALA B 225 11.19 -9.57 1.87
N LEU B 226 12.38 -8.96 1.72
CA LEU B 226 13.09 -8.41 2.87
C LEU B 226 12.30 -7.20 3.40
N ILE B 227 11.98 -6.23 2.54
CA ILE B 227 11.16 -5.08 2.93
C ILE B 227 9.86 -5.54 3.65
N LYS B 228 9.10 -6.45 3.04
CA LYS B 228 7.86 -6.99 3.62
C LYS B 228 8.05 -7.60 5.00
N LYS B 229 9.08 -8.45 5.17
CA LYS B 229 9.35 -9.15 6.41
C LYS B 229 9.92 -8.24 7.49
N TYR B 230 10.78 -7.30 7.09
CA TYR B 230 11.49 -6.52 8.09
C TYR B 230 11.06 -5.09 8.26
N TYR B 231 10.38 -4.50 7.29
CA TYR B 231 10.03 -3.09 7.37
C TYR B 231 8.54 -2.80 7.11
N GLY B 232 8.01 -3.29 5.99
CA GLY B 232 6.62 -3.11 5.61
C GLY B 232 6.37 -1.82 4.87
N THR B 233 5.37 -1.84 3.96
CA THR B 233 4.96 -0.69 3.15
C THR B 233 3.45 -0.66 3.08
N LYS B 234 2.88 0.53 2.83
CA LYS B 234 1.45 0.74 2.62
C LYS B 234 1.13 0.08 1.27
N ASP B 235 1.96 0.35 0.25
CA ASP B 235 1.87 -0.23 -1.09
C ASP B 235 2.08 -1.73 -1.08
N PRO B 236 1.37 -2.48 -1.96
CA PRO B 236 1.49 -3.95 -1.96
C PRO B 236 2.90 -4.47 -2.19
N VAL B 237 3.68 -3.80 -3.09
CA VAL B 237 5.08 -4.13 -3.35
C VAL B 237 5.92 -2.85 -3.31
N PRO B 238 7.16 -2.91 -2.76
CA PRO B 238 8.00 -1.71 -2.72
C PRO B 238 8.73 -1.42 -4.04
N GLY B 239 8.93 -2.46 -4.86
CA GLY B 239 9.60 -2.37 -6.15
C GLY B 239 8.80 -2.97 -7.29
N TYR B 240 9.08 -2.48 -8.52
CA TYR B 240 8.40 -2.86 -9.77
C TYR B 240 9.39 -3.16 -10.92
N SER B 241 8.92 -3.84 -11.97
CA SER B 241 9.72 -4.13 -13.16
C SER B 241 8.81 -4.13 -14.40
N VAL B 242 9.44 -4.30 -15.58
CA VAL B 242 8.79 -4.36 -16.88
C VAL B 242 9.20 -5.65 -17.59
N PRO B 243 8.37 -6.20 -18.51
CA PRO B 243 8.83 -7.39 -19.27
C PRO B 243 10.04 -6.96 -20.08
N ALA B 244 11.06 -7.83 -20.16
CA ALA B 244 12.29 -7.54 -20.84
C ALA B 244 12.98 -8.79 -21.40
N ALA B 245 13.59 -8.64 -22.59
CA ALA B 245 14.33 -9.72 -23.25
C ALA B 245 15.73 -9.85 -22.67
N GLU B 246 16.34 -10.99 -22.90
CA GLU B 246 17.70 -11.24 -22.53
C GLU B 246 18.40 -11.74 -23.80
N HIS B 247 19.70 -12.02 -23.75
CA HIS B 247 20.41 -12.47 -24.92
C HIS B 247 19.94 -13.85 -25.38
N SER B 248 19.62 -14.76 -24.45
CA SER B 248 19.14 -16.10 -24.81
C SER B 248 17.80 -16.10 -25.55
N THR B 249 16.92 -15.12 -25.30
CA THR B 249 15.60 -15.06 -25.98
C THR B 249 15.68 -14.37 -27.35
N ILE B 250 16.85 -13.84 -27.73
CA ILE B 250 17.02 -13.22 -29.05
C ILE B 250 17.82 -14.18 -29.90
N THR B 251 18.93 -14.67 -29.32
CA THR B 251 19.89 -15.57 -29.92
C THR B 251 19.33 -16.99 -30.08
N ALA B 252 18.28 -17.36 -29.34
CA ALA B 252 17.64 -18.69 -29.45
C ALA B 252 16.91 -18.88 -30.79
N TRP B 253 16.57 -17.78 -31.49
CA TRP B 253 15.90 -17.78 -32.79
C TRP B 253 16.87 -18.04 -33.92
N GLY B 254 18.16 -17.85 -33.66
CA GLY B 254 19.22 -18.01 -34.65
C GLY B 254 19.75 -16.68 -35.13
N LYS B 255 21.03 -16.65 -35.53
CA LYS B 255 21.77 -15.45 -35.98
C LYS B 255 21.08 -14.63 -37.08
N ASP B 256 20.30 -15.29 -37.96
CA ASP B 256 19.59 -14.65 -39.09
C ASP B 256 18.15 -14.24 -38.78
N HIS B 257 17.67 -14.54 -37.57
CA HIS B 257 16.29 -14.31 -37.13
C HIS B 257 16.16 -13.34 -35.96
N GLU B 258 17.03 -12.31 -35.93
CA GLU B 258 17.00 -11.28 -34.90
C GLU B 258 15.68 -10.49 -35.03
N LYS B 259 15.27 -10.21 -36.28
CA LYS B 259 14.03 -9.52 -36.64
C LYS B 259 12.81 -10.30 -36.11
N ASP B 260 12.76 -11.61 -36.36
CA ASP B 260 11.71 -12.53 -35.93
C ASP B 260 11.54 -12.56 -34.41
N ALA B 261 12.68 -12.59 -33.67
CA ALA B 261 12.77 -12.57 -32.20
C ALA B 261 12.16 -11.27 -31.66
N PHE B 262 12.60 -10.13 -32.26
CA PHE B 262 12.15 -8.78 -31.93
C PHE B 262 10.66 -8.68 -32.10
N GLU B 263 10.15 -9.04 -33.30
CA GLU B 263 8.74 -9.03 -33.67
C GLU B 263 7.85 -9.82 -32.69
N HIS B 264 8.25 -11.06 -32.36
CA HIS B 264 7.51 -11.93 -31.44
C HIS B 264 7.44 -11.38 -30.02
N ILE B 265 8.53 -10.74 -29.55
CA ILE B 265 8.58 -10.20 -28.19
C ILE B 265 7.66 -8.97 -28.07
N VAL B 266 7.74 -8.02 -29.01
CA VAL B 266 6.91 -6.81 -29.01
C VAL B 266 5.41 -7.12 -29.20
N THR B 267 5.08 -8.24 -29.88
CA THR B 267 3.71 -8.68 -30.12
C THR B 267 3.14 -9.33 -28.86
N GLN B 268 3.94 -10.19 -28.18
CA GLN B 268 3.57 -10.82 -26.92
C GLN B 268 3.34 -9.78 -25.81
N PHE B 269 4.10 -8.67 -25.84
CA PHE B 269 4.01 -7.57 -24.85
C PHE B 269 3.63 -6.27 -25.56
N SER B 270 2.47 -6.23 -26.19
CA SER B 270 2.01 -5.05 -26.95
C SER B 270 1.23 -4.03 -26.13
N SER B 271 0.68 -4.47 -24.99
CA SER B 271 -0.12 -3.65 -24.08
C SER B 271 0.70 -3.06 -22.90
N VAL B 272 1.91 -3.62 -22.65
CA VAL B 272 2.83 -3.21 -21.57
C VAL B 272 4.16 -2.69 -22.14
N PRO B 273 4.96 -1.87 -21.38
CA PRO B 273 6.27 -1.44 -21.90
C PRO B 273 7.19 -2.65 -21.98
N VAL B 274 8.09 -2.69 -22.97
CA VAL B 274 8.98 -3.83 -23.10
C VAL B 274 10.43 -3.35 -23.36
N SER B 275 11.38 -3.98 -22.67
CA SER B 275 12.79 -3.69 -22.83
C SER B 275 13.36 -4.78 -23.75
N VAL B 276 13.98 -4.40 -24.87
CA VAL B 276 14.52 -5.41 -25.79
C VAL B 276 16.03 -5.22 -25.96
N VAL B 277 16.82 -6.26 -25.65
CA VAL B 277 18.28 -6.18 -25.78
C VAL B 277 18.65 -6.21 -27.29
N SER B 278 19.22 -5.09 -27.81
CA SER B 278 19.47 -4.86 -29.25
C SER B 278 20.90 -5.06 -29.75
N ASP B 279 21.82 -5.50 -28.89
CA ASP B 279 23.23 -5.60 -29.25
C ASP B 279 23.73 -7.00 -29.53
N SER B 280 22.84 -8.02 -29.54
CA SER B 280 23.21 -9.43 -29.77
C SER B 280 24.19 -9.65 -30.91
N TYR B 281 24.11 -8.83 -32.00
CA TYR B 281 25.06 -8.93 -33.11
C TYR B 281 25.55 -7.56 -33.56
N ASP B 282 24.63 -6.61 -33.69
CA ASP B 282 24.95 -5.25 -34.13
C ASP B 282 23.90 -4.28 -33.65
N ILE B 283 24.18 -3.63 -32.53
CA ILE B 283 23.29 -2.61 -31.93
C ILE B 283 22.86 -1.50 -32.94
N TYR B 284 23.79 -1.00 -33.77
CA TYR B 284 23.49 0.09 -34.68
C TYR B 284 22.59 -0.34 -35.83
N ASN B 285 22.87 -1.52 -36.42
CA ASN B 285 22.06 -2.16 -37.46
C ASN B 285 20.64 -2.42 -36.92
N ALA B 286 20.54 -2.90 -35.66
CA ALA B 286 19.28 -3.18 -35.04
C ALA B 286 18.43 -1.90 -34.89
N CYS B 287 19.07 -0.73 -34.63
CA CYS B 287 18.34 0.54 -34.46
C CYS B 287 17.99 1.16 -35.78
N GLU B 288 18.89 1.00 -36.76
CA GLU B 288 18.74 1.56 -38.09
C GLU B 288 17.80 0.76 -39.00
N LYS B 289 18.09 -0.54 -39.22
CA LYS B 289 17.37 -1.44 -40.12
C LYS B 289 16.20 -2.22 -39.49
N ILE B 290 16.44 -2.99 -38.41
CA ILE B 290 15.37 -3.80 -37.81
C ILE B 290 14.32 -2.92 -37.11
N TRP B 291 14.72 -2.05 -36.15
CA TRP B 291 13.80 -1.16 -35.46
C TRP B 291 13.40 0.04 -36.35
N GLY B 292 14.35 0.57 -37.11
CA GLY B 292 14.15 1.73 -37.96
C GLY B 292 13.37 1.51 -39.24
N GLU B 293 13.63 0.40 -39.97
CA GLU B 293 12.97 0.10 -41.24
C GLU B 293 12.00 -1.08 -41.15
N ASP B 294 12.56 -2.31 -41.06
CA ASP B 294 11.87 -3.60 -41.06
C ASP B 294 10.68 -3.70 -40.11
N LEU B 295 10.77 -3.18 -38.87
CA LEU B 295 9.68 -3.31 -37.88
C LEU B 295 9.10 -2.01 -37.37
N ARG B 296 9.51 -0.86 -37.94
CA ARG B 296 9.05 0.49 -37.58
C ARG B 296 7.53 0.58 -37.31
N HIS B 297 6.71 -0.05 -38.19
CA HIS B 297 5.24 -0.11 -38.11
C HIS B 297 4.70 -0.71 -36.81
N LEU B 298 5.48 -1.66 -36.18
CA LEU B 298 5.13 -2.31 -34.90
C LEU B 298 5.46 -1.43 -33.68
N ILE B 299 6.27 -0.36 -33.89
CA ILE B 299 6.72 0.55 -32.84
C ILE B 299 5.83 1.77 -32.79
N VAL B 300 5.81 2.57 -33.89
CA VAL B 300 5.02 3.81 -34.06
C VAL B 300 3.52 3.65 -33.72
N SER B 301 3.08 2.38 -33.62
CA SER B 301 1.73 1.92 -33.30
C SER B 301 1.48 1.69 -31.79
N ARG B 302 2.57 1.63 -30.99
CA ARG B 302 2.48 1.34 -29.56
C ARG B 302 1.96 2.49 -28.72
N SER B 303 1.34 2.13 -27.59
CA SER B 303 0.79 3.07 -26.62
C SER B 303 1.90 3.81 -25.86
N THR B 304 1.54 4.99 -25.30
CA THR B 304 2.39 5.83 -24.47
C THR B 304 2.66 5.09 -23.14
N GLN B 305 1.71 4.25 -22.72
CA GLN B 305 1.75 3.44 -21.52
C GLN B 305 2.42 2.08 -21.78
N ALA B 306 2.78 1.80 -23.05
CA ALA B 306 3.43 0.56 -23.49
C ALA B 306 4.58 0.85 -24.50
N PRO B 307 5.63 1.60 -24.11
CA PRO B 307 6.68 1.90 -25.08
C PRO B 307 7.66 0.76 -25.32
N LEU B 308 8.45 0.90 -26.40
CA LEU B 308 9.54 0.01 -26.68
C LEU B 308 10.74 0.70 -26.04
N ILE B 309 11.45 -0.05 -25.18
CA ILE B 309 12.65 0.42 -24.51
C ILE B 309 13.75 -0.36 -25.18
N ILE B 310 14.54 0.32 -26.00
CA ILE B 310 15.65 -0.30 -26.68
C ILE B 310 16.80 -0.41 -25.69
N ARG B 311 17.36 -1.62 -25.57
CA ARG B 311 18.47 -1.84 -24.69
C ARG B 311 19.82 -2.15 -25.38
N PRO B 312 20.73 -1.17 -25.48
CA PRO B 312 22.11 -1.52 -25.87
C PRO B 312 22.78 -2.18 -24.61
N ASP B 313 23.71 -3.12 -24.81
CA ASP B 313 24.35 -3.81 -23.68
C ASP B 313 25.88 -4.10 -23.88
N SER B 314 26.59 -3.23 -24.63
CA SER B 314 28.01 -3.40 -24.95
C SER B 314 28.63 -2.12 -25.50
N GLY B 315 29.96 -2.12 -25.60
CA GLY B 315 30.72 -0.98 -26.09
C GLY B 315 30.77 0.13 -25.07
N ASN B 316 31.32 1.29 -25.49
CA ASN B 316 31.48 2.45 -24.63
C ASN B 316 30.12 2.97 -24.25
N PRO B 317 29.77 3.01 -22.93
CA PRO B 317 28.42 3.40 -22.52
C PRO B 317 27.88 4.75 -23.04
N LEU B 318 28.68 5.83 -23.05
CA LEU B 318 28.20 7.13 -23.55
C LEU B 318 28.18 7.19 -25.09
N ASP B 319 29.27 6.75 -25.74
CA ASP B 319 29.40 6.71 -27.21
C ASP B 319 28.20 5.99 -27.79
N THR B 320 27.91 4.76 -27.29
CA THR B 320 26.81 3.90 -27.71
C THR B 320 25.46 4.61 -27.56
N VAL B 321 25.22 5.21 -26.39
CA VAL B 321 23.98 5.92 -26.12
C VAL B 321 23.80 7.06 -27.11
N LEU B 322 24.83 7.90 -27.30
CA LEU B 322 24.77 9.02 -28.25
C LEU B 322 24.48 8.57 -29.68
N LYS B 323 25.21 7.52 -30.18
CA LYS B 323 25.04 6.91 -31.52
C LYS B 323 23.64 6.29 -31.69
N VAL B 324 23.16 5.54 -30.69
CA VAL B 324 21.82 4.94 -30.67
C VAL B 324 20.76 6.05 -30.68
N LEU B 325 20.97 7.17 -29.93
CA LEU B 325 20.01 8.28 -29.96
C LEU B 325 20.01 9.01 -31.30
N GLU B 326 21.21 9.21 -31.91
CA GLU B 326 21.28 9.88 -33.21
C GLU B 326 20.66 9.00 -34.33
N ILE B 327 20.68 7.66 -34.18
CA ILE B 327 20.04 6.76 -35.13
C ILE B 327 18.52 6.84 -34.96
N LEU B 328 18.00 6.64 -33.73
CA LEU B 328 16.56 6.68 -33.45
C LEU B 328 15.89 8.03 -33.81
N GLY B 329 16.65 9.12 -33.77
CA GLY B 329 16.16 10.44 -34.12
C GLY B 329 15.99 10.63 -35.62
N LYS B 330 16.84 9.92 -36.40
CA LYS B 330 16.82 9.94 -37.87
C LYS B 330 15.84 8.91 -38.47
N LYS B 331 15.21 8.06 -37.63
CA LYS B 331 14.24 7.04 -38.07
C LYS B 331 12.84 7.28 -37.52
N PHE B 332 12.74 8.04 -36.41
CA PHE B 332 11.48 8.36 -35.72
C PHE B 332 11.28 9.87 -35.50
N PRO B 333 10.03 10.35 -35.30
CA PRO B 333 9.81 11.81 -35.14
C PRO B 333 10.21 12.40 -33.78
N VAL B 334 11.31 13.18 -33.79
CA VAL B 334 11.81 13.82 -32.58
C VAL B 334 11.14 15.19 -32.34
N THR B 335 10.45 15.29 -31.20
CA THR B 335 9.78 16.52 -30.75
C THR B 335 10.71 17.31 -29.81
N GLU B 336 10.17 18.37 -29.20
CA GLU B 336 10.92 19.21 -28.32
C GLU B 336 10.10 19.48 -27.10
N ASN B 337 10.69 19.30 -25.91
CA ASN B 337 9.96 19.55 -24.67
C ASN B 337 9.97 21.06 -24.35
N SER B 338 9.22 21.47 -23.31
CA SER B 338 9.12 22.87 -22.87
C SER B 338 10.49 23.52 -22.50
N LYS B 339 11.51 22.72 -22.17
CA LYS B 339 12.84 23.25 -21.82
C LYS B 339 13.77 23.38 -23.03
N GLY B 340 13.30 22.93 -24.20
CA GLY B 340 14.03 23.02 -25.46
C GLY B 340 14.89 21.82 -25.76
N TYR B 341 14.63 20.70 -25.04
CA TYR B 341 15.42 19.50 -25.20
C TYR B 341 14.72 18.46 -26.05
N LYS B 342 15.52 17.81 -26.95
CA LYS B 342 15.11 16.74 -27.86
C LYS B 342 14.51 15.60 -27.07
N LEU B 343 13.35 15.16 -27.56
CA LEU B 343 12.55 14.10 -26.95
C LEU B 343 12.09 13.15 -28.05
N LEU B 344 12.37 11.84 -27.87
CA LEU B 344 11.96 10.76 -28.77
C LEU B 344 10.43 10.68 -28.69
N PRO B 345 9.77 10.07 -29.70
CA PRO B 345 8.30 9.91 -29.61
C PRO B 345 7.88 9.05 -28.39
N PRO B 346 6.69 9.27 -27.78
CA PRO B 346 6.36 8.60 -26.50
C PRO B 346 6.33 7.08 -26.44
N TYR B 347 6.35 6.41 -27.59
CA TYR B 347 6.32 4.94 -27.69
C TYR B 347 7.78 4.38 -27.78
N LEU B 348 8.80 5.25 -27.78
CA LEU B 348 10.19 4.83 -27.86
C LEU B 348 11.06 5.43 -26.73
N ARG B 349 11.77 4.55 -25.98
CA ARG B 349 12.71 4.96 -24.91
C ARG B 349 13.96 4.07 -24.98
N VAL B 350 15.02 4.45 -24.25
CA VAL B 350 16.30 3.75 -24.22
C VAL B 350 16.69 3.36 -22.77
N ILE B 351 17.39 2.24 -22.60
CA ILE B 351 17.92 1.81 -21.32
C ILE B 351 19.38 1.49 -21.47
N GLN B 352 20.24 2.21 -20.73
CA GLN B 352 21.66 1.87 -20.66
C GLN B 352 21.80 0.97 -19.44
N GLY B 353 22.10 -0.30 -19.67
CA GLY B 353 22.23 -1.26 -18.57
C GLY B 353 23.58 -1.95 -18.51
N ASP B 354 24.62 -1.35 -19.12
CA ASP B 354 25.98 -1.91 -19.16
C ASP B 354 26.96 -0.84 -18.68
N GLY B 355 27.92 -1.27 -17.85
CA GLY B 355 28.97 -0.43 -17.27
C GLY B 355 28.46 0.79 -16.54
N VAL B 356 27.29 0.71 -15.89
CA VAL B 356 26.67 1.83 -15.20
C VAL B 356 26.99 1.80 -13.73
N ASP B 357 27.71 2.83 -13.28
CA ASP B 357 28.08 3.14 -11.92
C ASP B 357 27.93 4.64 -11.79
N ILE B 358 28.15 5.20 -10.59
CA ILE B 358 27.97 6.64 -10.32
C ILE B 358 28.81 7.52 -11.27
N ASN B 359 29.94 7.00 -11.75
CA ASN B 359 30.81 7.75 -12.64
C ASN B 359 30.34 7.80 -14.08
N THR B 360 30.00 6.65 -14.68
CA THR B 360 29.55 6.60 -16.07
C THR B 360 28.18 7.23 -16.26
N LEU B 361 27.29 7.07 -15.27
CA LEU B 361 25.96 7.66 -15.27
C LEU B 361 26.12 9.20 -15.40
N GLN B 362 27.06 9.81 -14.64
CA GLN B 362 27.37 11.25 -14.67
C GLN B 362 27.79 11.71 -16.05
N GLU B 363 28.65 10.92 -16.70
CA GLU B 363 29.17 11.19 -18.03
C GLU B 363 28.07 11.10 -19.08
N ILE B 364 27.14 10.15 -18.91
CA ILE B 364 26.08 9.90 -19.90
C ILE B 364 25.07 11.04 -19.88
N VAL B 365 24.50 11.37 -18.72
CA VAL B 365 23.54 12.45 -18.54
C VAL B 365 24.13 13.77 -19.02
N GLU B 366 25.42 14.00 -18.73
CA GLU B 366 26.12 15.20 -19.16
C GLU B 366 26.30 15.19 -20.68
N GLY B 367 26.77 14.07 -21.23
CA GLY B 367 26.98 13.86 -22.66
C GLY B 367 25.73 14.04 -23.50
N MET B 368 24.61 13.51 -23.01
CA MET B 368 23.28 13.64 -23.58
C MET B 368 22.85 15.13 -23.45
N LYS B 369 23.07 15.79 -22.27
CA LYS B 369 22.69 17.20 -22.07
C LYS B 369 23.40 18.06 -23.09
N GLN B 370 24.69 17.77 -23.37
CA GLN B 370 25.52 18.48 -24.33
C GLN B 370 25.04 18.26 -25.75
N LYS B 371 24.31 17.16 -26.01
CA LYS B 371 23.75 16.88 -27.32
C LYS B 371 22.27 17.33 -27.41
N MET B 372 21.79 18.02 -26.37
CA MET B 372 20.44 18.56 -26.22
C MET B 372 19.36 17.49 -26.17
N TRP B 373 19.72 16.30 -25.70
CA TRP B 373 18.76 15.24 -25.50
C TRP B 373 18.22 15.38 -24.07
N SER B 374 16.90 15.22 -23.91
CA SER B 374 16.27 15.23 -22.58
C SER B 374 16.61 13.91 -21.87
N ILE B 375 16.59 13.94 -20.55
CA ILE B 375 16.89 12.75 -19.76
C ILE B 375 15.59 11.94 -19.61
N GLU B 376 14.47 12.44 -20.16
CA GLU B 376 13.18 11.72 -20.16
C GLU B 376 13.26 10.49 -21.05
N ASN B 377 14.14 10.57 -22.06
CA ASN B 377 14.45 9.56 -23.08
C ASN B 377 15.08 8.28 -22.55
N ILE B 378 15.86 8.38 -21.47
CA ILE B 378 16.66 7.27 -21.00
C ILE B 378 16.41 6.83 -19.57
N ALA B 379 16.65 5.55 -19.33
CA ALA B 379 16.63 4.93 -18.03
C ALA B 379 17.99 4.25 -17.87
N PHE B 380 18.42 4.03 -16.62
CA PHE B 380 19.67 3.36 -16.34
C PHE B 380 19.47 2.10 -15.57
N GLY B 381 20.33 1.13 -15.87
CA GLY B 381 20.39 -0.20 -15.25
C GLY B 381 21.80 -0.38 -14.75
N SER B 382 21.94 -0.87 -13.53
CA SER B 382 23.25 -1.07 -12.89
C SER B 382 23.21 -2.34 -12.07
N GLY B 383 24.24 -3.17 -12.24
CA GLY B 383 24.39 -4.45 -11.56
C GLY B 383 25.43 -4.37 -10.46
N GLY B 384 26.64 -4.80 -10.80
CA GLY B 384 27.81 -4.71 -9.93
C GLY B 384 28.10 -3.31 -9.40
N GLY B 385 27.93 -2.29 -10.25
CA GLY B 385 28.13 -0.88 -9.91
C GLY B 385 27.29 -0.42 -8.74
N LEU B 386 26.05 -0.93 -8.69
CA LEU B 386 25.03 -0.61 -7.67
C LEU B 386 25.10 -1.44 -6.40
N LEU B 387 25.30 -2.77 -6.57
CA LEU B 387 25.22 -3.76 -5.50
C LEU B 387 26.50 -4.41 -5.00
N GLN B 388 27.55 -4.51 -5.84
CA GLN B 388 28.74 -5.28 -5.47
C GLN B 388 30.05 -4.47 -5.36
N LYS B 389 30.31 -3.56 -6.32
CA LYS B 389 31.54 -2.76 -6.38
C LYS B 389 31.54 -1.63 -5.34
N LEU B 390 31.36 -2.03 -4.07
CA LEU B 390 31.30 -1.16 -2.89
C LEU B 390 32.03 -1.90 -1.79
N THR B 391 32.79 -1.17 -1.01
CA THR B 391 33.59 -1.72 0.08
C THR B 391 33.27 -0.88 1.31
N ARG B 392 33.60 -1.42 2.50
CA ARG B 392 33.41 -0.81 3.82
C ARG B 392 34.29 0.44 3.93
N ASP B 393 35.35 0.51 3.10
CA ASP B 393 36.32 1.60 3.00
C ASP B 393 35.72 2.88 2.38
N LEU B 394 34.84 2.74 1.35
CA LEU B 394 34.17 3.85 0.65
C LEU B 394 33.64 4.94 1.56
N LEU B 395 32.89 4.59 2.62
CA LEU B 395 32.39 5.57 3.60
C LEU B 395 33.16 5.56 4.92
N ASN B 396 34.24 4.75 5.03
CA ASN B 396 35.09 4.55 6.22
C ASN B 396 34.21 4.19 7.42
N CYS B 397 33.35 3.20 7.24
CA CYS B 397 32.44 2.70 8.25
C CYS B 397 33.22 1.99 9.34
N SER B 398 33.18 2.57 10.56
CA SER B 398 33.96 2.12 11.71
C SER B 398 33.14 1.93 12.97
N PHE B 399 33.50 0.91 13.72
CA PHE B 399 32.91 0.61 15.00
C PHE B 399 34.08 0.64 15.97
N LYS B 400 33.99 1.52 16.96
CA LYS B 400 35.06 1.70 17.93
C LYS B 400 34.55 1.86 19.35
N CYS B 401 35.30 1.32 20.31
CA CYS B 401 35.03 1.53 21.74
C CYS B 401 35.43 2.98 22.13
N SER B 402 34.49 3.72 22.73
CA SER B 402 34.72 5.11 23.12
C SER B 402 34.64 5.35 24.65
N TYR B 403 33.98 4.45 25.39
CA TYR B 403 33.79 4.60 26.82
C TYR B 403 33.86 3.27 27.54
N VAL B 404 34.54 3.27 28.69
CA VAL B 404 34.74 2.06 29.51
CA VAL B 404 34.74 2.06 29.51
C VAL B 404 34.57 2.43 30.99
N VAL B 405 34.00 1.51 31.78
CA VAL B 405 33.89 1.71 33.23
C VAL B 405 34.68 0.60 33.92
N THR B 406 35.88 0.92 34.45
CA THR B 406 36.74 -0.03 35.18
C THR B 406 36.87 0.44 36.60
N ASN B 407 36.67 -0.49 37.56
CA ASN B 407 36.74 -0.26 39.01
C ASN B 407 35.93 0.93 39.46
N GLY B 408 34.78 1.11 38.82
CA GLY B 408 33.86 2.21 39.12
C GLY B 408 34.09 3.48 38.35
N LEU B 409 35.29 3.68 37.79
CA LEU B 409 35.66 4.89 37.04
C LEU B 409 35.41 4.80 35.52
N GLY B 410 34.61 5.75 35.02
CA GLY B 410 34.31 5.91 33.60
C GLY B 410 35.45 6.63 32.92
N ILE B 411 36.01 6.04 31.86
CA ILE B 411 37.13 6.68 31.16
C ILE B 411 36.83 6.79 29.67
N ASN B 412 37.15 7.95 29.09
CA ASN B 412 36.97 8.21 27.68
C ASN B 412 38.09 7.46 27.00
N VAL B 413 37.75 6.43 26.21
CA VAL B 413 38.77 5.66 25.50
C VAL B 413 38.70 5.97 24.00
N PHE B 414 39.84 5.86 23.29
CA PHE B 414 39.94 6.15 21.85
C PHE B 414 41.24 5.64 21.25
N LYS B 415 41.34 5.73 19.92
CA LYS B 415 42.59 5.46 19.20
C LYS B 415 42.99 6.75 18.47
N ASP B 416 44.30 6.94 18.26
CA ASP B 416 44.82 8.09 17.53
C ASP B 416 46.13 7.70 16.83
N PRO B 417 46.09 6.80 15.81
CA PRO B 417 47.35 6.41 15.16
C PRO B 417 48.11 7.59 14.62
N VAL B 418 49.36 7.71 15.03
CA VAL B 418 50.29 8.75 14.59
C VAL B 418 50.34 8.89 13.02
N ALA B 419 50.29 7.78 12.25
CA ALA B 419 50.38 7.83 10.78
C ALA B 419 49.04 7.82 10.05
N ASP B 420 47.94 8.13 10.76
CA ASP B 420 46.60 8.24 10.18
C ASP B 420 45.64 9.00 11.11
N PRO B 421 45.60 10.35 11.01
CA PRO B 421 44.67 11.13 11.86
C PRO B 421 43.22 10.87 11.50
N ASN B 422 42.99 10.25 10.32
CA ASN B 422 41.66 9.89 9.83
C ASN B 422 41.10 8.67 10.59
N LYS B 423 42.00 7.84 11.20
CA LYS B 423 41.60 6.67 12.00
C LYS B 423 41.32 7.01 13.48
N ARG B 424 41.50 8.29 13.85
CA ARG B 424 41.23 8.79 15.21
C ARG B 424 39.73 8.67 15.56
N SER B 425 39.42 7.91 16.63
CA SER B 425 38.08 7.64 17.15
C SER B 425 37.62 8.74 18.15
N LYS B 426 36.35 8.69 18.57
CA LYS B 426 35.79 9.68 19.48
C LYS B 426 35.93 9.23 20.91
N LYS B 427 35.85 10.19 21.84
CA LYS B 427 36.04 10.00 23.27
C LYS B 427 34.73 10.01 24.03
N GLY B 428 34.63 9.07 24.98
CA GLY B 428 33.53 8.96 25.92
C GLY B 428 32.14 8.73 25.38
N ARG B 429 31.16 9.07 26.21
CA ARG B 429 29.74 8.90 25.92
C ARG B 429 29.33 9.90 24.84
N LEU B 430 28.58 9.42 23.85
CA LEU B 430 28.25 10.22 22.69
C LEU B 430 26.79 10.50 22.50
N SER B 431 26.52 11.61 21.80
CA SER B 431 25.18 12.03 21.44
C SER B 431 25.23 12.85 20.15
N LEU B 432 24.20 12.69 19.32
CA LEU B 432 24.06 13.36 18.03
C LEU B 432 22.95 14.37 18.14
N HIS B 433 23.23 15.62 17.75
CA HIS B 433 22.22 16.67 17.82
C HIS B 433 22.16 17.44 16.53
N ARG B 434 20.98 18.03 16.27
CA ARG B 434 20.76 18.91 15.14
C ARG B 434 20.84 20.32 15.73
N THR B 435 21.73 21.15 15.19
CA THR B 435 21.93 22.51 15.68
C THR B 435 20.81 23.47 15.19
N PRO B 436 20.58 24.65 15.82
CA PRO B 436 19.54 25.57 15.31
C PRO B 436 19.66 25.90 13.81
N ALA B 437 20.90 26.04 13.27
CA ALA B 437 21.12 26.29 11.85
C ALA B 437 20.87 25.11 10.93
N GLY B 438 20.47 23.98 11.51
CA GLY B 438 20.14 22.76 10.77
C GLY B 438 21.28 21.78 10.62
N ASN B 439 22.47 22.14 11.10
CA ASN B 439 23.67 21.32 11.05
C ASN B 439 23.61 20.15 12.05
N PHE B 440 24.67 19.32 12.02
CA PHE B 440 24.80 18.16 12.87
C PHE B 440 26.09 18.20 13.66
N VAL B 441 25.97 17.88 14.95
CA VAL B 441 27.08 17.83 15.91
C VAL B 441 27.03 16.48 16.65
N THR B 442 28.18 15.90 16.92
CA THR B 442 28.29 14.71 17.73
C THR B 442 29.03 15.20 18.94
N LEU B 443 28.35 15.26 20.10
CA LEU B 443 28.99 15.68 21.35
C LEU B 443 29.67 14.49 22.03
N GLU B 444 30.99 14.61 22.21
CA GLU B 444 31.88 13.64 22.84
C GLU B 444 31.91 13.86 24.39
N GLU B 445 32.54 12.93 25.13
CA GLU B 445 32.78 12.98 26.58
C GLU B 445 31.52 13.19 27.46
N GLY B 446 30.35 12.84 26.92
CA GLY B 446 29.08 12.93 27.63
C GLY B 446 28.55 14.34 27.78
N LYS B 447 29.03 15.27 26.90
CA LYS B 447 28.64 16.67 26.92
C LYS B 447 27.15 16.90 26.55
N GLY B 448 26.52 15.94 25.87
CA GLY B 448 25.11 16.00 25.50
C GLY B 448 24.15 16.01 26.68
N ASP B 449 24.64 15.64 27.86
CA ASP B 449 23.91 15.63 29.12
C ASP B 449 23.53 17.04 29.59
N LEU B 450 24.13 18.10 28.99
CA LEU B 450 23.91 19.52 29.32
C LEU B 450 22.63 20.18 28.70
N GLU B 451 21.96 19.51 27.73
CA GLU B 451 20.73 19.95 27.02
C GLU B 451 20.90 21.27 26.20
N GLU B 452 22.14 21.58 25.76
CA GLU B 452 22.51 22.79 24.99
C GLU B 452 21.96 22.80 23.56
N TYR B 453 22.10 21.66 22.83
CA TYR B 453 21.66 21.49 21.43
C TYR B 453 20.36 20.68 21.31
N GLY B 454 19.61 20.64 22.40
CA GLY B 454 18.33 19.96 22.46
C GLY B 454 18.45 18.46 22.55
N GLN B 455 17.40 17.75 22.11
CA GLN B 455 17.29 16.31 22.18
C GLN B 455 18.24 15.55 21.27
N ASP B 456 18.88 14.51 21.85
CA ASP B 456 19.77 13.57 21.19
C ASP B 456 18.93 12.79 20.16
N LEU B 457 19.42 12.77 18.90
CA LEU B 457 18.80 12.14 17.73
C LEU B 457 18.85 10.61 17.73
N LEU B 458 19.64 10.02 18.64
CA LEU B 458 19.77 8.56 18.78
C LEU B 458 18.61 8.06 19.63
N HIS B 459 18.00 6.97 19.23
CA HIS B 459 16.90 6.38 19.99
C HIS B 459 17.20 4.94 20.31
N THR B 460 16.72 4.44 21.47
CA THR B 460 16.86 3.03 21.84
C THR B 460 16.06 2.20 20.82
N VAL B 461 16.76 1.36 20.06
CA VAL B 461 16.18 0.51 19.03
C VAL B 461 16.21 -0.93 19.47
N PHE B 462 17.12 -1.24 20.40
CA PHE B 462 17.36 -2.55 20.99
C PHE B 462 17.71 -2.43 22.47
N LYS B 463 17.05 -3.22 23.33
CA LYS B 463 17.34 -3.31 24.76
C LYS B 463 16.98 -4.66 25.31
N ASN B 464 17.98 -5.36 25.87
CA ASN B 464 17.84 -6.66 26.55
C ASN B 464 17.04 -7.70 25.74
N GLY B 465 17.53 -7.99 24.53
CA GLY B 465 16.93 -8.99 23.65
C GLY B 465 15.68 -8.60 22.91
N LYS B 466 15.22 -7.35 23.05
CA LYS B 466 14.00 -6.93 22.36
C LYS B 466 14.15 -5.64 21.56
N VAL B 467 13.42 -5.59 20.42
CA VAL B 467 13.40 -4.40 19.55
C VAL B 467 12.43 -3.37 20.17
N THR B 468 12.96 -2.23 20.63
CA THR B 468 12.16 -1.21 21.31
C THR B 468 11.51 -0.19 20.37
N LYS B 469 12.05 -0.03 19.15
CA LYS B 469 11.56 0.91 18.15
C LYS B 469 11.86 0.37 16.75
N SER B 470 10.84 0.39 15.89
CA SER B 470 10.87 -0.06 14.50
C SER B 470 10.43 1.07 13.59
N TYR B 471 10.87 0.97 12.32
CA TYR B 471 10.56 1.90 11.25
C TYR B 471 10.02 1.13 10.09
N SER B 472 9.00 1.73 9.44
CA SER B 472 8.38 1.21 8.22
C SER B 472 9.25 1.67 7.08
N PHE B 473 9.17 0.96 5.94
CA PHE B 473 9.91 1.32 4.74
C PHE B 473 9.48 2.68 4.16
N ASP B 474 8.21 3.07 4.34
CA ASP B 474 7.70 4.37 3.90
C ASP B 474 8.26 5.52 4.74
N GLU B 475 8.48 5.31 6.06
CA GLU B 475 9.09 6.32 6.96
C GLU B 475 10.51 6.60 6.48
N ILE B 476 11.28 5.52 6.24
CA ILE B 476 12.67 5.52 5.77
C ILE B 476 12.77 6.31 4.46
N ARG B 477 11.89 5.99 3.50
CA ARG B 477 11.79 6.61 2.19
C ARG B 477 11.59 8.10 2.30
N LYS B 478 10.69 8.53 3.22
CA LYS B 478 10.42 9.96 3.48
C LYS B 478 11.66 10.61 4.05
N ASN B 479 12.31 9.98 5.05
CA ASN B 479 13.54 10.50 5.68
C ASN B 479 14.73 10.65 4.71
N ALA B 480 14.82 9.73 3.72
CA ALA B 480 15.89 9.69 2.73
C ALA B 480 15.64 10.54 1.49
N GLN B 481 14.47 11.17 1.39
CA GLN B 481 14.12 12.03 0.25
C GLN B 481 15.17 13.11 0.01
N LEU B 482 15.34 13.50 -1.26
CA LEU B 482 16.30 14.56 -1.60
C LEU B 482 15.67 15.87 -1.26
N ASN B 483 16.47 16.94 -1.15
CA ASN B 483 15.95 18.29 -0.88
C ASN B 483 15.15 18.77 -2.10
N ILE B 484 15.64 18.46 -3.34
CA ILE B 484 15.00 18.79 -4.61
C ILE B 484 13.86 17.84 -4.90
N PHE C 9 -9.20 9.81 1.84
CA PHE C 9 -10.15 9.96 2.95
C PHE C 9 -9.41 10.39 4.22
N ASN C 10 -9.81 11.53 4.80
CA ASN C 10 -9.17 12.05 6.02
C ASN C 10 -10.15 12.00 7.15
N ILE C 11 -9.85 11.20 8.19
CA ILE C 11 -10.71 11.06 9.36
C ILE C 11 -10.82 12.34 10.19
N LEU C 12 -9.82 13.21 10.07
CA LEU C 12 -9.74 14.50 10.76
C LEU C 12 -10.69 15.50 10.10
N LEU C 13 -11.06 15.20 8.85
CA LEU C 13 -12.03 15.99 8.10
C LEU C 13 -13.36 15.18 7.94
N ALA C 14 -13.53 14.07 8.71
CA ALA C 14 -14.71 13.20 8.67
C ALA C 14 -15.51 13.28 9.96
N THR C 15 -15.84 14.51 10.37
CA THR C 15 -16.60 14.79 11.58
C THR C 15 -17.32 16.10 11.43
N ASP C 16 -18.29 16.38 12.31
CA ASP C 16 -19.02 17.65 12.37
C ASP C 16 -18.05 18.69 12.85
N SER C 17 -18.01 19.81 12.15
CA SER C 17 -17.10 20.90 12.46
C SER C 17 -16.97 21.19 13.96
N TYR C 18 -18.08 21.49 14.66
CA TYR C 18 -18.05 21.82 16.07
C TYR C 18 -17.26 20.82 16.96
N LYS C 19 -17.21 19.50 16.59
CA LYS C 19 -16.44 18.46 17.33
C LYS C 19 -14.93 18.72 17.32
N VAL C 20 -14.47 19.54 16.37
CA VAL C 20 -13.08 20.03 16.24
C VAL C 20 -12.78 20.90 17.46
N THR C 21 -13.81 21.60 18.00
CA THR C 21 -13.70 22.53 19.13
C THR C 21 -14.00 21.94 20.51
N HIS C 22 -14.50 20.69 20.57
CA HIS C 22 -14.98 20.06 21.81
C HIS C 22 -13.89 19.71 22.86
N TYR C 23 -12.63 19.53 22.44
CA TYR C 23 -11.50 19.20 23.34
C TYR C 23 -11.24 20.28 24.40
N LYS C 24 -11.70 21.52 24.16
CA LYS C 24 -11.53 22.67 25.06
C LYS C 24 -12.71 22.82 25.98
N GLN C 25 -13.75 22.04 25.76
CA GLN C 25 -15.02 22.17 26.45
C GLN C 25 -15.28 21.16 27.54
N TYR C 26 -14.64 20.00 27.46
CA TYR C 26 -14.81 18.98 28.49
C TYR C 26 -14.23 19.44 29.83
N PRO C 27 -14.70 18.92 30.98
CA PRO C 27 -14.10 19.37 32.27
C PRO C 27 -12.59 19.11 32.26
N PRO C 28 -11.76 20.04 32.77
CA PRO C 28 -10.30 19.76 32.79
C PRO C 28 -10.02 18.53 33.67
N ASN C 29 -9.00 17.75 33.29
CA ASN C 29 -8.61 16.48 33.92
C ASN C 29 -9.63 15.37 33.66
N THR C 30 -10.18 15.34 32.45
CA THR C 30 -11.11 14.30 32.03
C THR C 30 -10.24 13.28 31.34
N SER C 31 -10.21 12.07 31.88
CA SER C 31 -9.36 11.00 31.34
C SER C 31 -10.14 9.97 30.53
N LYS C 32 -11.46 10.10 30.54
CA LYS C 32 -12.31 9.15 29.88
C LYS C 32 -13.64 9.80 29.50
N VAL C 33 -14.03 9.64 28.25
CA VAL C 33 -15.34 10.02 27.74
C VAL C 33 -15.90 8.71 27.21
N TYR C 34 -17.01 8.26 27.80
CA TYR C 34 -17.60 6.97 27.44
C TYR C 34 -18.98 7.21 26.87
N SER C 35 -19.22 6.66 25.69
CA SER C 35 -20.48 6.88 24.97
C SER C 35 -21.03 5.60 24.42
N TYR C 36 -22.34 5.59 24.20
CA TYR C 36 -23.05 4.44 23.67
C TYR C 36 -24.06 4.84 22.61
N PHE C 37 -24.45 3.86 21.81
CA PHE C 37 -25.46 3.96 20.77
C PHE C 37 -26.64 3.09 21.16
N GLU C 38 -27.85 3.62 20.93
CA GLU C 38 -29.12 2.90 21.07
C GLU C 38 -30.12 3.37 20.01
N CYS C 39 -31.23 2.64 19.93
CA CYS C 39 -32.39 2.89 19.10
C CYS C 39 -33.46 3.11 20.14
N ARG C 40 -33.53 4.35 20.65
CA ARG C 40 -34.39 4.80 21.76
C ARG C 40 -35.83 4.35 21.68
N GLU C 41 -36.43 4.09 22.85
CA GLU C 41 -37.84 3.68 22.93
C GLU C 41 -38.75 4.85 22.58
N LYS C 42 -39.79 4.53 21.80
CA LYS C 42 -40.84 5.40 21.25
C LYS C 42 -41.53 6.29 22.28
N LYS C 53 -44.37 0.27 16.15
CA LYS C 53 -44.27 -0.41 14.86
C LYS C 53 -42.99 -1.26 14.73
N TYR C 54 -41.82 -0.68 15.09
CA TYR C 54 -40.50 -1.33 15.02
C TYR C 54 -39.96 -1.57 16.43
N GLU C 55 -40.50 -2.57 17.15
CA GLU C 55 -40.14 -2.87 18.54
C GLU C 55 -38.72 -3.44 18.74
N GLU C 56 -38.20 -4.10 17.72
CA GLU C 56 -36.88 -4.73 17.73
C GLU C 56 -36.13 -4.35 16.47
N THR C 57 -34.81 -4.12 16.60
CA THR C 57 -33.95 -3.73 15.49
C THR C 57 -32.81 -4.73 15.20
N VAL C 58 -32.45 -4.88 13.92
CA VAL C 58 -31.30 -5.68 13.50
C VAL C 58 -30.06 -4.77 13.62
N PHE C 59 -29.05 -5.22 14.37
CA PHE C 59 -27.81 -4.46 14.50
C PHE C 59 -26.89 -4.90 13.36
N TYR C 60 -26.69 -4.01 12.39
CA TYR C 60 -25.86 -4.33 11.23
C TYR C 60 -25.18 -3.08 10.72
N GLY C 61 -24.00 -3.29 10.11
CA GLY C 61 -23.22 -2.29 9.40
C GLY C 61 -21.98 -1.72 10.03
N LEU C 62 -21.79 -1.86 11.39
CA LEU C 62 -20.64 -1.32 12.12
C LEU C 62 -19.30 -1.81 11.59
N GLN C 63 -19.24 -3.09 11.23
CA GLN C 63 -18.05 -3.75 10.66
C GLN C 63 -17.57 -3.10 9.36
N TYR C 64 -18.53 -2.65 8.51
CA TYR C 64 -18.19 -1.93 7.29
C TYR C 64 -17.43 -0.63 7.66
N ILE C 65 -18.00 0.15 8.62
CA ILE C 65 -17.40 1.39 9.12
C ILE C 65 -16.00 1.14 9.73
N LEU C 66 -15.88 0.18 10.70
CA LEU C 66 -14.60 -0.15 11.35
C LEU C 66 -13.51 -0.41 10.35
N ASN C 67 -13.79 -1.23 9.34
CA ASN C 67 -12.79 -1.54 8.30
C ASN C 67 -12.58 -0.45 7.27
N LYS C 68 -13.65 0.25 6.88
CA LYS C 68 -13.46 1.25 5.84
C LYS C 68 -12.83 2.52 6.34
N TYR C 69 -13.16 2.92 7.58
CA TYR C 69 -12.74 4.22 8.08
C TYR C 69 -11.98 4.27 9.41
N LEU C 70 -12.11 3.26 10.28
CA LEU C 70 -11.44 3.42 11.56
C LEU C 70 -10.14 2.62 11.77
N LYS C 71 -9.99 1.46 11.10
CA LYS C 71 -8.86 0.55 11.25
C LYS C 71 -7.53 1.04 10.59
N GLY C 72 -6.41 0.63 11.20
CA GLY C 72 -5.05 0.90 10.74
C GLY C 72 -4.53 2.30 10.96
N LYS C 73 -3.48 2.67 10.20
CA LYS C 73 -2.90 3.99 10.30
C LYS C 73 -3.83 5.01 9.62
N VAL C 74 -4.74 5.59 10.42
CA VAL C 74 -5.69 6.57 9.86
C VAL C 74 -5.19 7.98 9.99
N VAL C 75 -4.11 8.19 10.74
CA VAL C 75 -3.52 9.51 11.00
C VAL C 75 -2.11 9.51 10.41
N THR C 76 -1.78 10.51 9.56
CA THR C 76 -0.45 10.73 8.96
C THR C 76 -0.13 12.19 9.13
N LYS C 77 1.16 12.60 8.93
CA LYS C 77 1.64 13.99 9.01
C LYS C 77 0.95 14.86 7.95
N GLU C 78 0.62 14.25 6.81
CA GLU C 78 0.00 14.95 5.70
C GLU C 78 -1.47 15.24 6.01
N LYS C 79 -2.18 14.24 6.60
CA LYS C 79 -3.58 14.36 7.00
C LYS C 79 -3.78 15.41 8.10
N ILE C 80 -2.85 15.49 9.09
CA ILE C 80 -2.89 16.48 10.17
C ILE C 80 -2.78 17.87 9.54
N GLN C 81 -1.78 18.06 8.66
CA GLN C 81 -1.56 19.32 7.96
C GLN C 81 -2.78 19.79 7.14
N GLU C 82 -3.41 18.87 6.38
CA GLU C 82 -4.57 19.23 5.55
C GLU C 82 -5.73 19.73 6.41
N ALA C 83 -6.01 19.05 7.54
CA ALA C 83 -7.08 19.44 8.48
C ALA C 83 -6.74 20.79 9.10
N LYS C 84 -5.47 20.94 9.54
CA LYS C 84 -4.94 22.20 10.10
C LYS C 84 -5.20 23.39 9.15
N ASP C 85 -4.98 23.20 7.83
CA ASP C 85 -5.17 24.23 6.79
C ASP C 85 -6.64 24.55 6.58
N VAL C 86 -7.46 23.51 6.46
CA VAL C 86 -8.90 23.61 6.22
C VAL C 86 -9.59 24.27 7.39
N TYR C 87 -9.29 23.82 8.63
CA TYR C 87 -9.97 24.31 9.85
C TYR C 87 -9.62 25.73 10.24
N LYS C 88 -8.40 26.19 9.90
CA LYS C 88 -7.96 27.58 10.10
C LYS C 88 -8.84 28.52 9.26
N GLU C 89 -9.16 28.10 8.03
CA GLU C 89 -9.98 28.86 7.08
C GLU C 89 -11.44 28.71 7.39
N HIS C 90 -11.87 27.49 7.71
CA HIS C 90 -13.24 27.13 8.08
C HIS C 90 -13.73 27.80 9.38
N PHE C 91 -12.87 27.89 10.39
CA PHE C 91 -13.26 28.50 11.67
C PHE C 91 -12.83 29.95 11.81
N GLN C 92 -11.85 30.40 10.97
CA GLN C 92 -11.28 31.76 10.98
C GLN C 92 -10.56 31.94 12.34
N ASP C 93 -9.86 30.87 12.77
CA ASP C 93 -9.20 30.73 14.06
C ASP C 93 -8.48 29.39 14.03
N ASP C 94 -7.37 29.27 14.76
CA ASP C 94 -6.65 28.00 14.81
C ASP C 94 -7.09 27.28 16.10
N VAL C 95 -8.31 26.76 16.03
CA VAL C 95 -9.01 26.05 17.10
C VAL C 95 -8.71 24.56 17.02
N PHE C 96 -8.16 24.09 15.90
CA PHE C 96 -7.81 22.67 15.68
C PHE C 96 -6.75 22.11 16.66
N ASN C 97 -7.03 20.91 17.22
CA ASN C 97 -6.11 20.23 18.14
C ASN C 97 -5.03 19.44 17.41
N GLU C 98 -4.04 20.17 16.88
CA GLU C 98 -2.86 19.60 16.21
C GLU C 98 -2.09 18.68 17.16
N LYS C 99 -1.84 19.16 18.41
CA LYS C 99 -1.12 18.46 19.48
C LYS C 99 -1.73 17.10 19.78
N GLY C 100 -3.05 17.06 20.03
CA GLY C 100 -3.83 15.85 20.29
C GLY C 100 -3.71 14.83 19.17
N TRP C 101 -3.82 15.32 17.94
CA TRP C 101 -3.68 14.46 16.76
C TRP C 101 -2.24 13.98 16.57
N ASN C 102 -1.24 14.85 16.83
CA ASN C 102 0.19 14.51 16.76
C ASN C 102 0.56 13.42 17.77
N TYR C 103 -0.06 13.46 18.94
CA TYR C 103 0.15 12.48 19.99
C TYR C 103 -0.31 11.08 19.53
N ILE C 104 -1.37 11.00 18.73
CA ILE C 104 -1.90 9.73 18.21
C ILE C 104 -0.95 9.23 17.13
N LEU C 105 -0.43 10.14 16.30
CA LEU C 105 0.49 9.77 15.24
C LEU C 105 1.82 9.22 15.79
N GLU C 106 2.40 9.92 16.78
CA GLU C 106 3.67 9.58 17.40
C GLU C 106 3.61 8.35 18.31
N LYS C 107 2.75 8.38 19.34
CA LYS C 107 2.62 7.30 20.32
C LYS C 107 2.02 6.01 19.77
N TYR C 108 1.01 6.14 18.89
CA TYR C 108 0.24 5.00 18.40
C TYR C 108 0.36 4.69 16.91
N ASP C 109 1.25 5.38 16.17
CA ASP C 109 1.47 5.18 14.73
C ASP C 109 0.16 5.37 13.93
N GLY C 110 -0.60 6.42 14.27
CA GLY C 110 -1.86 6.76 13.62
C GLY C 110 -3.02 5.81 13.85
N HIS C 111 -2.89 4.93 14.88
CA HIS C 111 -3.94 4.01 15.21
C HIS C 111 -4.76 4.66 16.34
N LEU C 112 -6.09 4.77 16.15
CA LEU C 112 -6.97 5.44 17.11
C LEU C 112 -7.04 4.72 18.43
N PRO C 113 -6.58 5.39 19.52
CA PRO C 113 -6.67 4.78 20.85
C PRO C 113 -8.10 4.82 21.36
N ILE C 114 -8.92 3.93 20.79
CA ILE C 114 -10.36 3.75 20.99
C ILE C 114 -10.72 2.27 21.11
N GLU C 115 -11.67 1.96 21.98
CA GLU C 115 -12.21 0.62 22.10
C GLU C 115 -13.69 0.70 21.85
N ILE C 116 -14.18 -0.07 20.89
CA ILE C 116 -15.61 -0.19 20.59
C ILE C 116 -16.05 -1.61 20.94
N LYS C 117 -17.07 -1.71 21.79
CA LYS C 117 -17.68 -2.95 22.24
C LYS C 117 -19.06 -2.98 21.64
N ALA C 118 -19.44 -4.08 20.95
CA ALA C 118 -20.72 -4.17 20.25
C ALA C 118 -21.40 -5.53 20.39
N VAL C 119 -22.73 -5.54 20.22
CA VAL C 119 -23.53 -6.76 20.21
C VAL C 119 -23.23 -7.49 18.84
N PRO C 120 -23.23 -8.85 18.73
CA PRO C 120 -22.93 -9.48 17.44
C PRO C 120 -23.80 -9.02 16.30
N GLU C 121 -23.22 -8.79 15.13
CA GLU C 121 -24.01 -8.31 13.99
C GLU C 121 -25.11 -9.28 13.57
N GLY C 122 -26.26 -8.73 13.19
CA GLY C 122 -27.44 -9.48 12.81
C GLY C 122 -28.36 -9.73 13.99
N PHE C 123 -27.90 -9.44 15.21
CA PHE C 123 -28.72 -9.63 16.40
C PHE C 123 -29.99 -8.79 16.38
N VAL C 124 -31.10 -9.38 16.85
CA VAL C 124 -32.41 -8.75 16.91
C VAL C 124 -32.65 -8.34 18.36
N ILE C 125 -32.42 -7.06 18.64
CA ILE C 125 -32.47 -6.51 19.99
C ILE C 125 -33.64 -5.55 20.14
N PRO C 126 -34.48 -5.67 21.20
CA PRO C 126 -35.59 -4.71 21.38
C PRO C 126 -35.09 -3.26 21.49
N ARG C 127 -35.98 -2.28 21.32
CA ARG C 127 -35.63 -0.85 21.40
C ARG C 127 -35.25 -0.48 22.83
N GLY C 128 -34.41 0.56 22.99
CA GLY C 128 -33.95 1.09 24.28
C GLY C 128 -32.90 0.24 24.99
N ASN C 129 -32.04 -0.38 24.21
CA ASN C 129 -30.97 -1.24 24.71
C ASN C 129 -29.63 -0.82 24.17
N VAL C 130 -28.55 -0.99 24.94
CA VAL C 130 -27.23 -0.64 24.42
C VAL C 130 -26.91 -1.53 23.20
N LEU C 131 -26.49 -0.93 22.06
CA LEU C 131 -26.12 -1.75 20.87
C LEU C 131 -24.62 -1.79 20.73
N PHE C 132 -23.95 -0.66 21.08
CA PHE C 132 -22.49 -0.50 21.03
C PHE C 132 -22.03 0.68 21.85
N THR C 133 -20.88 0.49 22.51
CA THR C 133 -20.21 1.50 23.33
C THR C 133 -18.87 1.85 22.71
N VAL C 134 -18.40 3.07 23.00
CA VAL C 134 -17.13 3.64 22.53
C VAL C 134 -16.47 4.32 23.73
N GLU C 135 -15.13 4.27 23.80
CA GLU C 135 -14.31 4.89 24.84
C GLU C 135 -12.88 4.95 24.38
N ASN C 136 -12.13 5.91 24.92
CA ASN C 136 -10.70 6.09 24.68
C ASN C 136 -9.91 5.15 25.59
N THR C 137 -8.83 4.63 25.07
CA THR C 137 -7.95 3.75 25.83
C THR C 137 -6.86 4.61 26.47
N ASP C 138 -6.56 5.77 25.84
CA ASP C 138 -5.56 6.71 26.35
C ASP C 138 -6.21 7.92 27.02
N PRO C 139 -5.88 8.24 28.30
CA PRO C 139 -6.45 9.44 28.95
C PRO C 139 -6.33 10.71 28.14
N GLU C 140 -5.24 10.84 27.36
CA GLU C 140 -4.93 11.99 26.49
C GLU C 140 -5.92 12.19 25.33
N CYS C 141 -6.55 11.09 24.86
CA CYS C 141 -7.51 11.13 23.76
C CYS C 141 -8.95 11.03 24.21
N TYR C 142 -9.25 11.63 25.39
CA TYR C 142 -10.57 11.74 26.00
C TYR C 142 -11.58 12.40 25.01
N TRP C 143 -11.04 13.27 24.12
CA TRP C 143 -11.74 14.05 23.10
C TRP C 143 -12.04 13.19 21.83
N LEU C 144 -11.38 12.04 21.66
CA LEU C 144 -11.52 11.20 20.48
C LEU C 144 -12.82 10.38 20.44
N THR C 145 -13.39 10.06 21.62
CA THR C 145 -14.63 9.29 21.71
C THR C 145 -15.78 9.94 20.90
N ASN C 146 -16.05 11.21 21.17
CA ASN C 146 -17.16 11.88 20.51
C ASN C 146 -16.79 12.48 19.15
N TRP C 147 -15.49 12.49 18.78
CA TRP C 147 -15.04 12.98 17.49
C TRP C 147 -15.55 12.02 16.45
N ILE C 148 -15.38 10.70 16.74
CA ILE C 148 -15.80 9.64 15.83
C ILE C 148 -17.32 9.30 15.94
N GLU C 149 -18.13 10.16 16.62
CA GLU C 149 -19.57 9.97 16.71
C GLU C 149 -20.21 10.08 15.32
N THR C 150 -19.87 11.11 14.56
CA THR C 150 -20.49 11.35 13.27
C THR C 150 -20.41 10.14 12.34
N ILE C 151 -19.20 9.57 12.21
CA ILE C 151 -18.90 8.41 11.40
C ILE C 151 -19.61 7.13 11.92
N LEU C 152 -19.75 6.98 13.26
CA LEU C 152 -20.36 5.78 13.83
C LEU C 152 -21.86 5.81 13.82
N VAL C 153 -22.45 6.93 14.18
CA VAL C 153 -23.91 7.06 14.22
C VAL C 153 -24.56 6.92 12.80
N GLN C 154 -23.77 7.04 11.71
CA GLN C 154 -24.23 6.79 10.33
C GLN C 154 -24.56 5.30 10.12
N SER C 155 -24.38 4.48 11.19
CA SER C 155 -24.76 3.07 11.19
C SER C 155 -26.28 3.02 11.33
N TRP C 156 -26.95 4.17 11.62
CA TRP C 156 -28.40 4.21 11.73
C TRP C 156 -29.01 3.65 10.42
N TYR C 157 -28.39 3.99 9.26
CA TYR C 157 -28.84 3.61 7.96
C TYR C 157 -28.84 2.07 7.77
N PRO C 158 -27.69 1.31 7.80
CA PRO C 158 -27.79 -0.16 7.69
C PRO C 158 -28.72 -0.78 8.72
N ILE C 159 -28.69 -0.29 9.97
CA ILE C 159 -29.61 -0.74 11.04
C ILE C 159 -31.08 -0.58 10.59
N THR C 160 -31.47 0.60 10.04
CA THR C 160 -32.83 0.91 9.63
C THR C 160 -33.24 0.11 8.39
N VAL C 161 -32.37 0.00 7.40
CA VAL C 161 -32.68 -0.78 6.19
C VAL C 161 -32.89 -2.24 6.57
N ALA C 162 -31.93 -2.85 7.30
CA ALA C 162 -32.02 -4.24 7.77
C ALA C 162 -33.31 -4.52 8.60
N THR C 163 -33.67 -3.61 9.54
CA THR C 163 -34.85 -3.66 10.41
C THR C 163 -36.16 -3.53 9.59
N ASN C 164 -36.28 -2.50 8.75
CA ASN C 164 -37.45 -2.24 7.91
C ASN C 164 -37.68 -3.39 6.90
N SER C 165 -36.60 -3.92 6.32
CA SER C 165 -36.64 -5.04 5.37
C SER C 165 -37.16 -6.32 6.04
N ARG C 166 -36.90 -6.47 7.37
CA ARG C 166 -37.27 -7.61 8.21
C ARG C 166 -38.73 -7.59 8.57
N GLU C 167 -39.28 -6.38 8.84
CA GLU C 167 -40.67 -6.21 9.20
C GLU C 167 -41.54 -6.49 7.96
N GLN C 168 -41.03 -6.10 6.78
CA GLN C 168 -41.66 -6.36 5.48
C GLN C 168 -41.60 -7.85 5.18
N LYS C 169 -40.55 -8.54 5.70
CA LYS C 169 -40.36 -9.98 5.59
C LYS C 169 -41.37 -10.68 6.51
N LYS C 170 -41.73 -10.06 7.69
CA LYS C 170 -42.74 -10.61 8.63
C LYS C 170 -44.10 -10.65 7.94
N ILE C 171 -44.55 -9.49 7.38
CA ILE C 171 -45.80 -9.32 6.60
C ILE C 171 -45.84 -10.39 5.50
N LEU C 172 -44.71 -10.62 4.79
CA LEU C 172 -44.57 -11.63 3.75
C LEU C 172 -44.62 -13.07 4.27
N ALA C 173 -43.96 -13.38 5.40
CA ALA C 173 -43.93 -14.74 5.97
C ALA C 173 -45.29 -15.21 6.51
N LYS C 174 -46.14 -14.25 6.93
CA LYS C 174 -47.48 -14.52 7.42
C LYS C 174 -48.32 -14.83 6.19
N TYR C 175 -48.71 -13.79 5.43
CA TYR C 175 -49.51 -13.85 4.20
C TYR C 175 -49.06 -14.92 3.20
N LEU C 176 -47.80 -15.40 3.25
CA LEU C 176 -47.38 -16.50 2.40
C LEU C 176 -47.87 -17.79 3.07
N LEU C 177 -47.15 -18.29 4.14
CA LEU C 177 -47.49 -19.49 4.92
C LEU C 177 -48.99 -19.59 5.31
N GLU C 178 -49.67 -18.44 5.52
CA GLU C 178 -51.10 -18.41 5.80
C GLU C 178 -51.80 -18.90 4.53
N THR C 179 -51.81 -18.04 3.49
CA THR C 179 -52.41 -18.20 2.16
C THR C 179 -51.60 -19.20 1.24
N SER C 180 -50.82 -20.15 1.84
CA SER C 180 -50.04 -21.14 1.07
C SER C 180 -49.68 -22.40 1.87
N GLY C 181 -49.09 -22.20 3.06
CA GLY C 181 -48.63 -23.28 3.94
C GLY C 181 -47.19 -23.67 3.70
N ASN C 182 -46.37 -22.69 3.27
CA ASN C 182 -44.96 -22.92 2.93
C ASN C 182 -44.09 -21.65 3.09
N LEU C 183 -42.79 -21.84 3.38
CA LEU C 183 -41.81 -20.74 3.53
C LEU C 183 -40.72 -20.74 2.43
N ASP C 184 -40.86 -21.61 1.42
CA ASP C 184 -39.93 -21.76 0.29
C ASP C 184 -40.06 -20.57 -0.66
N GLY C 185 -38.92 -19.98 -1.02
CA GLY C 185 -38.85 -18.81 -1.88
C GLY C 185 -39.28 -17.50 -1.24
N LEU C 186 -39.26 -17.42 0.12
CA LEU C 186 -39.61 -16.21 0.88
C LEU C 186 -38.50 -15.18 0.66
N GLU C 187 -37.25 -15.68 0.56
CA GLU C 187 -36.04 -14.90 0.31
C GLU C 187 -36.05 -14.11 -1.02
N TYR C 188 -37.06 -14.37 -1.90
CA TYR C 188 -37.15 -13.70 -3.21
C TYR C 188 -38.40 -12.87 -3.40
N LYS C 189 -39.26 -12.80 -2.38
CA LYS C 189 -40.52 -12.05 -2.37
C LYS C 189 -40.34 -10.54 -2.32
N LEU C 190 -39.27 -10.07 -1.64
CA LEU C 190 -38.97 -8.65 -1.61
C LEU C 190 -37.65 -8.43 -2.30
N HIS C 191 -37.71 -7.79 -3.46
CA HIS C 191 -36.56 -7.52 -4.30
C HIS C 191 -36.20 -6.05 -4.30
N ASP C 192 -34.89 -5.78 -4.16
CA ASP C 192 -34.30 -4.44 -4.13
C ASP C 192 -34.09 -3.85 -5.52
N PHE C 193 -34.81 -2.73 -5.73
CA PHE C 193 -34.81 -1.92 -6.96
C PHE C 193 -34.45 -0.46 -6.61
N GLY C 194 -33.86 -0.24 -5.41
CA GLY C 194 -33.50 1.08 -4.91
C GLY C 194 -32.24 1.77 -5.40
N TYR C 195 -31.43 1.12 -6.29
CA TYR C 195 -30.15 1.67 -6.78
C TYR C 195 -30.23 3.13 -7.25
N ARG C 196 -31.11 3.44 -8.21
CA ARG C 196 -31.21 4.76 -8.79
C ARG C 196 -31.94 5.81 -7.92
N GLY C 197 -32.74 5.37 -6.95
CA GLY C 197 -33.50 6.25 -6.08
C GLY C 197 -32.81 6.69 -4.80
N VAL C 198 -31.53 6.28 -4.62
CA VAL C 198 -30.72 6.67 -3.45
C VAL C 198 -29.81 7.86 -3.82
N SER C 199 -29.26 8.48 -2.78
CA SER C 199 -28.48 9.67 -2.77
C SER C 199 -27.08 9.50 -3.33
N SER C 200 -26.52 8.26 -3.25
CA SER C 200 -25.15 7.98 -3.74
C SER C 200 -24.89 6.49 -3.96
N GLN C 201 -23.72 6.18 -4.59
CA GLN C 201 -23.17 4.83 -4.84
C GLN C 201 -22.89 4.14 -3.53
N GLU C 202 -22.28 4.89 -2.57
CA GLU C 202 -21.99 4.37 -1.23
C GLU C 202 -23.29 3.97 -0.47
N THR C 203 -24.35 4.77 -0.59
CA THR C 203 -25.63 4.48 0.06
C THR C 203 -26.27 3.23 -0.50
N ALA C 204 -26.22 3.07 -1.84
CA ALA C 204 -26.73 1.91 -2.58
C ALA C 204 -26.07 0.60 -2.12
N GLY C 205 -24.74 0.62 -1.99
CA GLY C 205 -23.97 -0.52 -1.51
C GLY C 205 -24.38 -0.91 -0.11
N ILE C 206 -24.39 0.08 0.81
CA ILE C 206 -24.76 -0.12 2.23
C ILE C 206 -26.17 -0.65 2.34
N GLY C 207 -27.15 0.12 1.84
CA GLY C 207 -28.56 -0.22 1.81
C GLY C 207 -28.86 -1.59 1.22
N ALA C 208 -28.36 -1.85 0.00
CA ALA C 208 -28.52 -3.15 -0.66
C ALA C 208 -28.01 -4.31 0.24
N SER C 209 -26.84 -4.12 0.91
CA SER C 209 -26.28 -5.13 1.81
C SER C 209 -27.16 -5.34 3.02
N ALA C 210 -27.80 -4.26 3.53
CA ALA C 210 -28.72 -4.32 4.68
C ALA C 210 -30.00 -5.10 4.31
N HIS C 211 -30.52 -4.90 3.08
CA HIS C 211 -31.67 -5.63 2.55
C HIS C 211 -31.31 -7.12 2.38
N LEU C 212 -30.07 -7.39 1.96
CA LEU C 212 -29.59 -8.75 1.74
C LEU C 212 -29.33 -9.54 3.04
N VAL C 213 -29.64 -8.95 4.20
CA VAL C 213 -29.52 -9.60 5.52
C VAL C 213 -30.71 -10.57 5.71
N ASN C 214 -31.87 -10.20 5.12
CA ASN C 214 -33.17 -10.85 5.18
C ASN C 214 -33.62 -11.41 3.83
N PHE C 215 -32.99 -10.96 2.72
CA PHE C 215 -33.39 -11.43 1.40
C PHE C 215 -32.21 -11.82 0.51
N LYS C 216 -32.51 -12.39 -0.67
CA LYS C 216 -31.52 -12.85 -1.63
C LYS C 216 -31.75 -12.19 -2.98
N GLY C 217 -32.83 -11.43 -3.10
CA GLY C 217 -33.14 -10.73 -4.33
C GLY C 217 -32.70 -9.27 -4.36
N THR C 218 -31.82 -8.92 -5.33
CA THR C 218 -31.36 -7.54 -5.50
C THR C 218 -30.91 -7.19 -6.92
N ASP C 219 -31.22 -5.95 -7.31
CA ASP C 219 -30.81 -5.38 -8.57
C ASP C 219 -29.74 -4.33 -8.34
N THR C 220 -29.48 -3.96 -7.08
CA THR C 220 -28.44 -3.01 -6.69
C THR C 220 -27.18 -3.86 -6.54
N VAL C 221 -26.42 -4.00 -7.66
CA VAL C 221 -25.18 -4.79 -7.78
C VAL C 221 -24.11 -4.38 -6.75
N ALA C 222 -24.11 -3.08 -6.37
CA ALA C 222 -23.21 -2.44 -5.41
C ALA C 222 -23.13 -3.16 -4.05
N GLY C 223 -24.26 -3.72 -3.60
CA GLY C 223 -24.32 -4.45 -2.34
C GLY C 223 -23.47 -5.70 -2.28
N LEU C 224 -23.28 -6.38 -3.42
CA LEU C 224 -22.53 -7.64 -3.53
C LEU C 224 -21.03 -7.49 -3.27
N ALA C 225 -20.41 -6.40 -3.78
CA ALA C 225 -19.00 -6.12 -3.60
C ALA C 225 -18.69 -5.72 -2.14
N LEU C 226 -19.61 -4.97 -1.52
CA LEU C 226 -19.52 -4.56 -0.12
C LEU C 226 -19.57 -5.80 0.79
N ILE C 227 -20.54 -6.72 0.58
CA ILE C 227 -20.63 -7.96 1.36
C ILE C 227 -19.38 -8.81 1.12
N LYS C 228 -19.02 -9.05 -0.16
CA LYS C 228 -17.84 -9.82 -0.54
C LYS C 228 -16.57 -9.31 0.18
N LYS C 229 -16.36 -7.97 0.21
CA LYS C 229 -15.21 -7.33 0.80
C LYS C 229 -15.23 -7.21 2.31
N TYR C 230 -16.40 -6.94 2.95
CA TYR C 230 -16.38 -6.66 4.39
C TYR C 230 -17.02 -7.71 5.28
N TYR C 231 -17.73 -8.67 4.69
CA TYR C 231 -18.39 -9.68 5.52
C TYR C 231 -18.12 -11.11 5.10
N GLY C 232 -18.31 -11.42 3.81
CA GLY C 232 -18.09 -12.73 3.21
C GLY C 232 -19.26 -13.66 3.39
N THR C 233 -19.57 -14.45 2.35
CA THR C 233 -20.65 -15.46 2.35
C THR C 233 -20.15 -16.78 1.78
N LYS C 234 -20.73 -17.90 2.28
CA LYS C 234 -20.44 -19.24 1.78
C LYS C 234 -20.96 -19.36 0.35
N ASP C 235 -22.06 -18.64 0.05
CA ASP C 235 -22.75 -18.59 -1.23
C ASP C 235 -21.85 -18.00 -2.35
N PRO C 236 -22.07 -18.44 -3.63
CA PRO C 236 -21.24 -17.91 -4.73
C PRO C 236 -21.38 -16.41 -4.87
N VAL C 237 -22.61 -15.87 -4.65
CA VAL C 237 -22.93 -14.43 -4.57
C VAL C 237 -23.88 -14.16 -3.39
N PRO C 238 -23.80 -12.99 -2.71
CA PRO C 238 -24.76 -12.74 -1.63
C PRO C 238 -26.18 -12.41 -2.09
N GLY C 239 -26.34 -12.02 -3.36
CA GLY C 239 -27.63 -11.65 -3.93
C GLY C 239 -27.78 -12.07 -5.37
N TYR C 240 -29.04 -12.27 -5.80
CA TYR C 240 -29.45 -12.79 -7.10
C TYR C 240 -30.48 -11.92 -7.79
N SER C 241 -30.57 -12.04 -9.13
CA SER C 241 -31.53 -11.34 -9.98
C SER C 241 -31.90 -12.21 -11.19
N VAL C 242 -32.80 -11.70 -12.07
CA VAL C 242 -33.23 -12.37 -13.31
C VAL C 242 -33.23 -11.34 -14.47
N PRO C 243 -33.06 -11.76 -15.77
CA PRO C 243 -33.19 -10.80 -16.88
C PRO C 243 -34.57 -10.15 -16.84
N ALA C 244 -34.67 -8.87 -17.24
CA ALA C 244 -35.90 -8.10 -17.22
C ALA C 244 -35.90 -6.92 -18.18
N ALA C 245 -37.08 -6.60 -18.73
CA ALA C 245 -37.26 -5.44 -19.60
C ALA C 245 -37.66 -4.19 -18.78
N GLU C 246 -37.32 -2.99 -19.32
CA GLU C 246 -37.75 -1.69 -18.82
C GLU C 246 -38.59 -1.05 -19.93
N HIS C 247 -39.13 0.17 -19.71
CA HIS C 247 -39.95 0.84 -20.72
C HIS C 247 -39.18 1.18 -21.99
N SER C 248 -37.88 1.49 -21.85
CA SER C 248 -37.01 1.80 -22.99
C SER C 248 -36.80 0.58 -23.95
N THR C 249 -36.69 -0.67 -23.41
CA THR C 249 -36.50 -1.86 -24.26
C THR C 249 -37.82 -2.23 -24.96
N ILE C 250 -38.93 -1.70 -24.48
CA ILE C 250 -40.24 -1.95 -25.07
C ILE C 250 -40.55 -0.85 -26.09
N THR C 251 -40.56 0.42 -25.63
CA THR C 251 -40.87 1.58 -26.46
C THR C 251 -39.98 1.67 -27.69
N ALA C 252 -38.68 1.26 -27.58
CA ALA C 252 -37.70 1.28 -28.68
C ALA C 252 -38.14 0.57 -29.97
N TRP C 253 -39.03 -0.45 -29.87
CA TRP C 253 -39.57 -1.20 -31.01
C TRP C 253 -40.66 -0.41 -31.75
N GLY C 254 -41.13 0.68 -31.12
CA GLY C 254 -42.20 1.54 -31.59
C GLY C 254 -43.47 1.26 -30.80
N LYS C 255 -44.47 2.17 -30.87
CA LYS C 255 -45.73 2.01 -30.14
C LYS C 255 -46.63 0.89 -30.73
N ASP C 256 -46.57 0.69 -32.06
CA ASP C 256 -47.35 -0.33 -32.77
C ASP C 256 -46.68 -1.73 -32.80
N HIS C 257 -45.50 -1.89 -32.17
CA HIS C 257 -44.80 -3.18 -32.18
C HIS C 257 -44.51 -3.76 -30.78
N GLU C 258 -45.38 -3.41 -29.79
CA GLU C 258 -45.35 -3.87 -28.39
C GLU C 258 -45.55 -5.42 -28.28
N LYS C 259 -45.62 -6.10 -29.43
CA LYS C 259 -45.80 -7.55 -29.54
C LYS C 259 -44.48 -8.19 -29.90
N ASP C 260 -43.77 -7.59 -30.87
CA ASP C 260 -42.48 -8.07 -31.40
C ASP C 260 -41.39 -8.02 -30.31
N ALA C 261 -41.45 -6.95 -29.46
CA ALA C 261 -40.59 -6.73 -28.30
C ALA C 261 -40.79 -7.87 -27.29
N PHE C 262 -42.04 -8.07 -26.81
CA PHE C 262 -42.43 -9.12 -25.85
C PHE C 262 -42.06 -10.51 -26.38
N GLU C 263 -42.14 -10.70 -27.72
CA GLU C 263 -41.82 -11.93 -28.44
C GLU C 263 -40.30 -12.22 -28.39
N HIS C 264 -39.48 -11.20 -28.70
CA HIS C 264 -38.00 -11.26 -28.74
C HIS C 264 -37.38 -11.66 -27.38
N ILE C 265 -37.76 -10.91 -26.32
CA ILE C 265 -37.28 -10.98 -24.94
C ILE C 265 -37.48 -12.39 -24.29
N VAL C 266 -38.65 -13.01 -24.48
CA VAL C 266 -38.93 -14.33 -23.89
C VAL C 266 -38.12 -15.47 -24.54
N THR C 267 -37.71 -15.31 -25.83
CA THR C 267 -36.92 -16.29 -26.58
C THR C 267 -35.45 -16.21 -26.18
N GLN C 268 -34.95 -14.96 -26.01
CA GLN C 268 -33.59 -14.63 -25.63
C GLN C 268 -33.23 -15.19 -24.26
N PHE C 269 -34.21 -15.20 -23.34
CA PHE C 269 -34.02 -15.76 -21.99
C PHE C 269 -35.11 -16.80 -21.77
N SER C 270 -34.78 -18.08 -22.06
CA SER C 270 -35.70 -19.22 -21.92
C SER C 270 -35.18 -20.19 -20.86
N SER C 271 -33.84 -20.33 -20.76
CA SER C 271 -33.12 -21.18 -19.79
C SER C 271 -33.26 -20.66 -18.34
N VAL C 272 -33.70 -19.37 -18.19
CA VAL C 272 -33.90 -18.64 -16.93
C VAL C 272 -35.22 -17.83 -16.95
N PRO C 273 -35.81 -17.44 -15.76
CA PRO C 273 -37.03 -16.61 -15.77
C PRO C 273 -36.81 -15.23 -16.37
N VAL C 274 -37.89 -14.52 -16.74
CA VAL C 274 -37.77 -13.20 -17.35
C VAL C 274 -38.92 -12.26 -16.90
N SER C 275 -38.59 -11.01 -16.49
CA SER C 275 -39.61 -10.04 -16.10
C SER C 275 -39.95 -9.07 -17.25
N VAL C 276 -41.24 -8.88 -17.60
CA VAL C 276 -41.57 -7.98 -18.73
C VAL C 276 -42.58 -6.88 -18.33
N VAL C 277 -42.14 -5.60 -18.43
CA VAL C 277 -42.99 -4.44 -18.10
C VAL C 277 -44.08 -4.26 -19.17
N SER C 278 -45.36 -4.34 -18.75
CA SER C 278 -46.51 -4.31 -19.66
C SER C 278 -47.32 -3.00 -19.68
N ASP C 279 -47.21 -2.16 -18.64
CA ASP C 279 -47.93 -0.88 -18.58
C ASP C 279 -47.45 0.20 -19.59
N SER C 280 -46.43 -0.13 -20.42
CA SER C 280 -45.77 0.72 -21.43
C SER C 280 -46.70 1.69 -22.18
N TYR C 281 -47.88 1.22 -22.63
CA TYR C 281 -48.87 2.05 -23.32
C TYR C 281 -50.24 1.86 -22.69
N ASP C 282 -50.76 0.63 -22.77
CA ASP C 282 -52.04 0.26 -22.18
C ASP C 282 -51.82 -1.08 -21.50
N ILE C 283 -51.75 -1.06 -20.16
CA ILE C 283 -51.48 -2.23 -19.31
C ILE C 283 -52.50 -3.34 -19.52
N TYR C 284 -53.78 -3.00 -19.38
CA TYR C 284 -54.92 -3.91 -19.48
C TYR C 284 -55.06 -4.47 -20.90
N ASN C 285 -54.74 -3.66 -21.94
CA ASN C 285 -54.74 -4.13 -23.33
C ASN C 285 -53.56 -5.10 -23.51
N ALA C 286 -52.35 -4.76 -22.99
CA ALA C 286 -51.17 -5.63 -23.10
C ALA C 286 -51.35 -6.94 -22.35
N CYS C 287 -52.13 -6.91 -21.24
CA CYS C 287 -52.41 -8.08 -20.42
C CYS C 287 -53.40 -9.02 -21.14
N GLU C 288 -54.45 -8.45 -21.76
CA GLU C 288 -55.49 -9.22 -22.45
C GLU C 288 -55.16 -9.53 -23.93
N LYS C 289 -55.03 -8.46 -24.76
CA LYS C 289 -54.76 -8.53 -26.20
C LYS C 289 -53.37 -9.06 -26.53
N ILE C 290 -52.30 -8.50 -25.93
CA ILE C 290 -50.92 -8.92 -26.26
C ILE C 290 -50.54 -10.25 -25.56
N TRP C 291 -50.31 -10.26 -24.23
CA TRP C 291 -49.92 -11.47 -23.49
C TRP C 291 -51.00 -12.57 -23.50
N GLY C 292 -52.22 -12.20 -23.12
CA GLY C 292 -53.37 -13.09 -23.04
C GLY C 292 -53.83 -13.71 -24.33
N GLU C 293 -53.81 -12.95 -25.46
CA GLU C 293 -54.28 -13.46 -26.74
C GLU C 293 -53.17 -13.69 -27.79
N ASP C 294 -52.61 -12.58 -28.34
CA ASP C 294 -51.60 -12.57 -29.40
C ASP C 294 -50.28 -13.30 -29.07
N LEU C 295 -49.96 -13.53 -27.79
CA LEU C 295 -48.72 -14.19 -27.36
C LEU C 295 -48.89 -15.31 -26.30
N ARG C 296 -50.14 -15.78 -26.07
CA ARG C 296 -50.48 -16.85 -25.13
C ARG C 296 -49.69 -18.15 -25.38
N HIS C 297 -49.46 -18.47 -26.66
CA HIS C 297 -48.76 -19.66 -27.14
C HIS C 297 -47.33 -19.84 -26.61
N LEU C 298 -46.61 -18.74 -26.32
CA LEU C 298 -45.23 -18.81 -25.81
C LEU C 298 -45.15 -19.01 -24.29
N ILE C 299 -46.02 -18.31 -23.53
CA ILE C 299 -46.08 -18.38 -22.07
C ILE C 299 -46.36 -19.80 -21.57
N VAL C 300 -47.40 -20.46 -22.14
CA VAL C 300 -47.83 -21.82 -21.81
C VAL C 300 -46.75 -22.89 -22.04
N SER C 301 -45.72 -22.56 -22.85
CA SER C 301 -44.61 -23.43 -23.23
C SER C 301 -43.50 -23.45 -22.18
N ARG C 302 -43.30 -22.30 -21.50
CA ARG C 302 -42.22 -22.05 -20.53
C ARG C 302 -42.11 -23.09 -19.39
N SER C 303 -40.88 -23.23 -18.88
CA SER C 303 -40.49 -24.12 -17.79
C SER C 303 -41.05 -23.66 -16.42
N THR C 304 -40.95 -24.54 -15.42
CA THR C 304 -41.34 -24.28 -14.03
C THR C 304 -40.25 -23.37 -13.42
N GLN C 305 -38.97 -23.77 -13.61
CA GLN C 305 -37.77 -23.07 -13.10
C GLN C 305 -37.45 -21.80 -13.90
N ALA C 306 -38.25 -21.48 -14.94
CA ALA C 306 -38.05 -20.32 -15.81
C ALA C 306 -39.39 -19.68 -16.26
N PRO C 307 -40.20 -19.12 -15.31
CA PRO C 307 -41.49 -18.50 -15.71
C PRO C 307 -41.39 -17.10 -16.33
N LEU C 308 -42.53 -16.61 -16.84
CA LEU C 308 -42.65 -15.24 -17.32
C LEU C 308 -43.20 -14.45 -16.13
N ILE C 309 -42.58 -13.31 -15.81
CA ILE C 309 -43.05 -12.50 -14.70
C ILE C 309 -43.60 -11.17 -15.24
N ILE C 310 -44.93 -11.00 -15.22
CA ILE C 310 -45.55 -9.77 -15.75
C ILE C 310 -45.36 -8.63 -14.72
N ARG C 311 -45.04 -7.43 -15.23
CA ARG C 311 -44.77 -6.28 -14.39
C ARG C 311 -45.59 -5.04 -14.75
N PRO C 312 -46.68 -4.72 -14.01
CA PRO C 312 -47.33 -3.41 -14.19
C PRO C 312 -46.45 -2.33 -13.52
N ASP C 313 -46.59 -1.06 -13.91
CA ASP C 313 -45.77 0.01 -13.32
C ASP C 313 -46.48 1.39 -13.25
N SER C 314 -47.83 1.42 -13.41
CA SER C 314 -48.61 2.67 -13.36
C SER C 314 -49.91 2.55 -12.57
N GLY C 315 -50.33 3.68 -11.97
CA GLY C 315 -51.57 3.84 -11.20
C GLY C 315 -51.51 3.42 -9.75
N ASN C 316 -52.68 3.05 -9.18
CA ASN C 316 -52.84 2.58 -7.81
C ASN C 316 -52.23 1.16 -7.71
N PRO C 317 -51.35 0.88 -6.72
CA PRO C 317 -50.70 -0.45 -6.64
C PRO C 317 -51.65 -1.65 -6.49
N LEU C 318 -52.62 -1.57 -5.57
CA LEU C 318 -53.57 -2.66 -5.36
C LEU C 318 -54.59 -2.76 -6.49
N ASP C 319 -55.13 -1.61 -6.96
CA ASP C 319 -56.11 -1.54 -8.04
C ASP C 319 -55.57 -2.10 -9.38
N THR C 320 -54.23 -2.02 -9.60
CA THR C 320 -53.61 -2.55 -10.82
C THR C 320 -53.31 -4.05 -10.69
N VAL C 321 -52.83 -4.52 -9.51
CA VAL C 321 -52.56 -5.96 -9.29
C VAL C 321 -53.83 -6.78 -9.31
N LEU C 322 -54.96 -6.19 -8.84
CA LEU C 322 -56.29 -6.78 -8.82
C LEU C 322 -56.78 -6.95 -10.27
N LYS C 323 -56.77 -5.84 -11.05
CA LYS C 323 -57.17 -5.78 -12.46
C LYS C 323 -56.31 -6.66 -13.38
N VAL C 324 -54.96 -6.65 -13.20
CA VAL C 324 -54.02 -7.48 -13.99
C VAL C 324 -54.27 -8.98 -13.73
N LEU C 325 -54.38 -9.39 -12.45
CA LEU C 325 -54.66 -10.79 -12.07
C LEU C 325 -56.03 -11.25 -12.56
N GLU C 326 -57.04 -10.34 -12.56
CA GLU C 326 -58.42 -10.56 -13.02
C GLU C 326 -58.57 -10.28 -14.54
N ILE C 327 -57.50 -10.56 -15.29
CA ILE C 327 -57.31 -10.51 -16.76
C ILE C 327 -56.46 -11.76 -17.10
N LEU C 328 -55.64 -12.21 -16.15
CA LEU C 328 -54.81 -13.42 -16.26
C LEU C 328 -55.70 -14.60 -15.92
N GLY C 329 -56.58 -14.42 -14.92
CA GLY C 329 -57.51 -15.43 -14.45
C GLY C 329 -58.46 -15.93 -15.53
N LYS C 330 -59.04 -14.98 -16.30
CA LYS C 330 -59.99 -15.22 -17.40
C LYS C 330 -59.40 -15.87 -18.67
N LYS C 331 -58.06 -15.76 -18.88
CA LYS C 331 -57.40 -16.30 -20.07
C LYS C 331 -56.29 -17.35 -19.80
N PHE C 332 -56.11 -17.81 -18.54
CA PHE C 332 -55.06 -18.79 -18.22
C PHE C 332 -55.51 -19.91 -17.25
N PRO C 333 -54.82 -21.11 -17.25
CA PRO C 333 -55.23 -22.23 -16.36
C PRO C 333 -54.97 -22.02 -14.86
N VAL C 334 -55.84 -21.22 -14.21
CA VAL C 334 -55.79 -20.91 -12.78
C VAL C 334 -56.17 -22.16 -11.95
N THR C 335 -55.14 -22.89 -11.48
CA THR C 335 -55.28 -24.09 -10.65
C THR C 335 -55.45 -23.70 -9.15
N GLU C 336 -55.28 -24.66 -8.20
CA GLU C 336 -55.40 -24.42 -6.75
C GLU C 336 -54.41 -25.26 -5.92
N ASN C 337 -54.05 -24.72 -4.74
CA ASN C 337 -53.11 -25.25 -3.76
C ASN C 337 -53.81 -26.02 -2.62
N SER C 338 -53.02 -26.66 -1.73
CA SER C 338 -53.56 -27.31 -0.53
C SER C 338 -53.76 -26.19 0.51
N LYS C 339 -54.73 -25.30 0.21
CA LYS C 339 -55.13 -24.09 0.94
C LYS C 339 -56.41 -23.56 0.29
N GLY C 340 -56.55 -23.79 -1.02
CA GLY C 340 -57.70 -23.35 -1.81
C GLY C 340 -57.69 -21.85 -2.04
N TYR C 341 -56.65 -21.38 -2.76
CA TYR C 341 -56.42 -19.98 -3.12
C TYR C 341 -55.98 -19.88 -4.58
N LYS C 342 -56.52 -18.87 -5.31
CA LYS C 342 -56.28 -18.61 -6.73
C LYS C 342 -54.78 -18.58 -7.11
N LEU C 343 -54.29 -19.74 -7.60
CA LEU C 343 -52.90 -20.02 -8.00
C LEU C 343 -52.73 -20.05 -9.54
N LEU C 344 -51.65 -19.42 -10.05
CA LEU C 344 -51.30 -19.39 -11.47
C LEU C 344 -50.40 -20.61 -11.79
N PRO C 345 -50.29 -21.06 -13.08
CA PRO C 345 -49.41 -22.22 -13.37
C PRO C 345 -47.94 -21.91 -13.07
N PRO C 346 -47.03 -22.91 -12.90
CA PRO C 346 -45.62 -22.57 -12.56
C PRO C 346 -44.86 -21.72 -13.59
N TYR C 347 -45.33 -21.68 -14.86
CA TYR C 347 -44.75 -20.91 -15.96
C TYR C 347 -45.16 -19.41 -15.97
N LEU C 348 -46.01 -19.01 -15.03
CA LEU C 348 -46.48 -17.63 -14.95
C LEU C 348 -46.44 -17.16 -13.50
N ARG C 349 -45.91 -15.93 -13.28
CA ARG C 349 -45.77 -15.25 -11.97
C ARG C 349 -45.91 -13.74 -12.18
N VAL C 350 -46.23 -12.97 -11.12
CA VAL C 350 -46.41 -11.51 -11.24
C VAL C 350 -45.51 -10.75 -10.24
N ILE C 351 -45.10 -9.51 -10.62
CA ILE C 351 -44.33 -8.60 -9.78
C ILE C 351 -44.94 -7.19 -9.77
N GLN C 352 -45.04 -6.57 -8.58
CA GLN C 352 -45.46 -5.17 -8.42
C GLN C 352 -44.26 -4.45 -7.83
N GLY C 353 -43.72 -3.51 -8.60
CA GLY C 353 -42.54 -2.75 -8.24
C GLY C 353 -42.64 -1.25 -8.45
N ASP C 354 -43.82 -0.66 -8.16
CA ASP C 354 -44.05 0.78 -8.21
C ASP C 354 -44.87 1.14 -6.98
N GLY C 355 -44.57 2.29 -6.37
CA GLY C 355 -45.23 2.77 -5.15
C GLY C 355 -45.33 1.70 -4.07
N VAL C 356 -44.18 1.03 -3.76
CA VAL C 356 -44.09 -0.05 -2.77
C VAL C 356 -43.33 0.39 -1.51
N ASP C 357 -43.94 0.14 -0.33
CA ASP C 357 -43.40 0.40 1.02
C ASP C 357 -44.07 -0.53 2.06
N ILE C 358 -43.60 -0.48 3.33
CA ILE C 358 -44.07 -1.27 4.48
C ILE C 358 -45.59 -1.17 4.72
N ASN C 359 -46.17 0.00 4.41
CA ASN C 359 -47.59 0.29 4.61
C ASN C 359 -48.44 -0.05 3.37
N THR C 360 -47.94 0.24 2.12
CA THR C 360 -48.67 -0.13 0.88
C THR C 360 -48.60 -1.64 0.64
N LEU C 361 -47.49 -2.31 1.08
CA LEU C 361 -47.31 -3.76 0.98
C LEU C 361 -48.46 -4.43 1.68
N GLN C 362 -48.81 -3.95 2.90
CA GLN C 362 -49.91 -4.44 3.73
C GLN C 362 -51.26 -4.26 3.03
N GLU C 363 -51.47 -3.07 2.39
CA GLU C 363 -52.67 -2.73 1.61
C GLU C 363 -52.85 -3.73 0.47
N ILE C 364 -51.75 -4.00 -0.31
CA ILE C 364 -51.71 -4.94 -1.43
C ILE C 364 -51.91 -6.38 -0.97
N VAL C 365 -51.16 -6.81 0.04
CA VAL C 365 -51.17 -8.16 0.55
C VAL C 365 -52.50 -8.54 1.23
N GLU C 366 -53.23 -7.57 1.84
CA GLU C 366 -54.54 -7.84 2.47
C GLU C 366 -55.67 -7.74 1.43
N GLY C 367 -55.49 -6.86 0.45
CA GLY C 367 -56.42 -6.69 -0.67
C GLY C 367 -56.46 -7.92 -1.55
N MET C 368 -55.27 -8.54 -1.77
CA MET C 368 -55.09 -9.79 -2.52
C MET C 368 -55.76 -10.96 -1.78
N LYS C 369 -55.80 -10.90 -0.43
CA LYS C 369 -56.42 -11.91 0.43
C LYS C 369 -57.95 -11.87 0.32
N GLN C 370 -58.55 -10.65 0.38
CA GLN C 370 -59.99 -10.39 0.27
C GLN C 370 -60.52 -10.74 -1.12
N LYS C 371 -59.69 -10.55 -2.18
CA LYS C 371 -60.07 -10.88 -3.57
C LYS C 371 -59.65 -12.33 -3.93
N MET C 372 -59.34 -13.14 -2.88
CA MET C 372 -59.04 -14.58 -2.83
C MET C 372 -57.90 -15.10 -3.74
N TRP C 373 -56.83 -14.30 -3.90
CA TRP C 373 -55.62 -14.68 -4.65
C TRP C 373 -54.51 -15.11 -3.68
N SER C 374 -53.72 -16.13 -4.04
CA SER C 374 -52.57 -16.61 -3.26
C SER C 374 -51.42 -15.57 -3.23
N ILE C 375 -50.35 -15.84 -2.46
CA ILE C 375 -49.20 -14.94 -2.38
C ILE C 375 -47.99 -15.57 -3.09
N GLU C 376 -48.05 -16.89 -3.38
CA GLU C 376 -47.01 -17.64 -4.10
C GLU C 376 -46.81 -17.14 -5.53
N ASN C 377 -47.87 -16.62 -6.13
CA ASN C 377 -47.86 -16.15 -7.51
C ASN C 377 -47.19 -14.79 -7.62
N ILE C 378 -47.23 -13.98 -6.53
CA ILE C 378 -46.71 -12.61 -6.46
C ILE C 378 -45.35 -12.51 -5.74
N ALA C 379 -44.57 -11.50 -6.19
CA ALA C 379 -43.27 -11.03 -5.71
C ALA C 379 -43.34 -9.50 -5.78
N PHE C 380 -42.65 -8.83 -4.86
CA PHE C 380 -42.66 -7.38 -4.73
C PHE C 380 -41.32 -6.73 -4.90
N GLY C 381 -41.34 -5.52 -5.45
CA GLY C 381 -40.16 -4.71 -5.69
C GLY C 381 -40.22 -3.35 -5.04
N SER C 382 -39.23 -3.04 -4.16
CA SER C 382 -39.11 -1.76 -3.49
C SER C 382 -37.84 -0.96 -3.89
N GLY C 383 -38.05 0.30 -4.24
CA GLY C 383 -37.01 1.24 -4.67
C GLY C 383 -36.72 2.31 -3.62
N GLY C 384 -37.09 3.55 -3.95
CA GLY C 384 -36.92 4.73 -3.09
C GLY C 384 -37.60 4.67 -1.72
N GLY C 385 -38.34 3.61 -1.46
CA GLY C 385 -39.05 3.35 -0.20
C GLY C 385 -38.37 2.30 0.65
N LEU C 386 -37.50 1.49 0.02
CA LEU C 386 -36.73 0.41 0.67
C LEU C 386 -35.37 0.95 1.16
N LEU C 387 -34.75 1.81 0.33
CA LEU C 387 -33.45 2.35 0.65
C LEU C 387 -33.42 3.86 0.94
N GLN C 388 -34.36 4.68 0.44
CA GLN C 388 -34.19 6.13 0.61
C GLN C 388 -35.10 6.83 1.62
N LYS C 389 -36.42 6.55 1.59
CA LYS C 389 -37.41 7.22 2.44
C LYS C 389 -37.35 6.75 3.93
N LEU C 390 -36.12 6.72 4.49
CA LEU C 390 -35.80 6.28 5.86
C LEU C 390 -34.92 7.33 6.51
N THR C 391 -35.23 7.66 7.79
CA THR C 391 -34.50 8.68 8.56
C THR C 391 -34.00 8.16 9.90
N ARG C 392 -33.03 8.87 10.49
CA ARG C 392 -32.47 8.54 11.81
C ARG C 392 -33.51 8.59 12.95
N ASP C 393 -34.65 9.27 12.75
CA ASP C 393 -35.75 9.37 13.73
C ASP C 393 -36.65 8.16 13.69
N LEU C 394 -36.63 7.34 12.62
CA LEU C 394 -37.53 6.19 12.52
C LEU C 394 -37.35 5.25 13.71
N LEU C 395 -36.09 4.89 14.02
CA LEU C 395 -35.78 4.01 15.15
C LEU C 395 -35.16 4.80 16.32
N ASN C 396 -35.25 6.16 16.30
CA ASN C 396 -34.65 7.08 17.29
C ASN C 396 -33.20 6.75 17.59
N CYS C 397 -32.43 6.55 16.51
CA CYS C 397 -31.02 6.23 16.56
C CYS C 397 -30.22 7.35 17.20
N SER C 398 -29.74 7.10 18.43
CA SER C 398 -28.98 8.06 19.22
C SER C 398 -27.66 7.54 19.71
N PHE C 399 -26.68 8.44 19.77
CA PHE C 399 -25.31 8.22 20.25
C PHE C 399 -25.11 9.23 21.38
N LYS C 400 -25.16 8.77 22.64
CA LYS C 400 -24.98 9.70 23.76
C LYS C 400 -23.86 9.33 24.72
N CYS C 401 -23.31 10.37 25.37
CA CYS C 401 -22.32 10.21 26.42
C CYS C 401 -23.05 9.71 27.67
N SER C 402 -22.56 8.63 28.27
CA SER C 402 -23.22 8.12 29.46
C SER C 402 -22.32 8.15 30.70
N TYR C 403 -21.02 8.33 30.51
CA TYR C 403 -20.05 8.26 31.61
C TYR C 403 -18.75 8.93 31.27
N VAL C 404 -18.19 9.67 32.23
CA VAL C 404 -16.86 10.29 32.17
C VAL C 404 -16.09 9.99 33.48
N VAL C 405 -14.77 10.06 33.42
CA VAL C 405 -13.88 9.95 34.56
C VAL C 405 -13.13 11.28 34.54
N THR C 406 -13.39 12.12 35.54
CA THR C 406 -12.78 13.44 35.73
C THR C 406 -12.17 13.48 37.13
N ASN C 407 -10.88 13.81 37.20
CA ASN C 407 -10.07 13.85 38.42
C ASN C 407 -10.11 12.48 39.10
N GLY C 408 -10.03 11.42 38.31
CA GLY C 408 -10.05 10.02 38.75
C GLY C 408 -11.42 9.50 39.13
N LEU C 409 -12.40 10.39 39.28
CA LEU C 409 -13.75 10.03 39.69
C LEU C 409 -14.66 9.93 38.47
N GLY C 410 -15.47 8.87 38.45
CA GLY C 410 -16.42 8.61 37.40
C GLY C 410 -17.75 9.21 37.73
N ILE C 411 -18.40 9.81 36.74
CA ILE C 411 -19.72 10.46 36.88
C ILE C 411 -20.66 9.75 35.88
N ASN C 412 -21.87 9.37 36.32
CA ASN C 412 -22.87 8.78 35.42
C ASN C 412 -23.58 9.96 34.77
N VAL C 413 -23.29 10.22 33.47
CA VAL C 413 -23.79 11.39 32.73
C VAL C 413 -24.99 11.03 31.85
N PHE C 414 -25.87 12.00 31.62
CA PHE C 414 -27.10 11.83 30.86
C PHE C 414 -27.68 13.20 30.53
N LYS C 415 -28.62 13.25 29.58
CA LYS C 415 -29.42 14.43 29.28
C LYS C 415 -30.87 14.06 29.64
N ASP C 416 -31.66 15.08 30.02
CA ASP C 416 -33.05 14.90 30.38
C ASP C 416 -33.79 16.19 30.06
N PRO C 417 -34.04 16.49 28.76
CA PRO C 417 -34.71 17.76 28.42
C PRO C 417 -36.16 17.80 28.90
N VAL C 418 -36.54 18.89 29.58
CA VAL C 418 -37.86 19.13 30.16
C VAL C 418 -39.00 18.88 29.14
N ALA C 419 -38.89 19.41 27.90
CA ALA C 419 -39.92 19.25 26.88
C ALA C 419 -39.85 17.96 26.06
N ASP C 420 -38.85 17.08 26.30
CA ASP C 420 -38.78 15.81 25.56
C ASP C 420 -38.20 14.65 26.41
N PRO C 421 -39.08 13.86 27.11
CA PRO C 421 -38.61 12.71 27.91
C PRO C 421 -38.10 11.56 27.04
N ASN C 422 -38.51 11.55 25.76
CA ASN C 422 -38.08 10.60 24.73
C ASN C 422 -36.56 10.82 24.47
N LYS C 423 -36.06 12.07 24.69
CA LYS C 423 -34.66 12.50 24.52
C LYS C 423 -33.76 12.28 25.76
N ARG C 424 -34.22 11.46 26.72
CA ARG C 424 -33.49 11.08 27.95
C ARG C 424 -32.50 9.94 27.63
N SER C 425 -31.24 10.06 28.11
CA SER C 425 -30.21 9.05 27.89
C SER C 425 -29.91 8.17 29.13
N LYS C 426 -29.22 7.02 28.89
CA LYS C 426 -28.77 6.08 29.91
C LYS C 426 -27.60 6.62 30.73
N LYS C 427 -27.47 6.15 31.99
CA LYS C 427 -26.41 6.60 32.93
C LYS C 427 -25.31 5.56 33.20
N GLY C 428 -24.07 6.05 33.25
CA GLY C 428 -22.88 5.28 33.59
C GLY C 428 -22.50 4.22 32.58
N ARG C 429 -21.55 3.34 32.97
CA ARG C 429 -21.01 2.25 32.15
C ARG C 429 -22.09 1.22 31.90
N LEU C 430 -22.27 0.85 30.64
CA LEU C 430 -23.36 -0.05 30.30
C LEU C 430 -22.90 -1.43 29.86
N SER C 431 -23.84 -2.39 29.93
CA SER C 431 -23.66 -3.78 29.53
C SER C 431 -25.04 -4.32 29.11
N LEU C 432 -25.02 -5.32 28.20
CA LEU C 432 -26.20 -5.99 27.69
C LEU C 432 -26.20 -7.41 28.20
N HIS C 433 -27.34 -7.90 28.68
CA HIS C 433 -27.43 -9.24 29.21
C HIS C 433 -28.59 -10.02 28.67
N ARG C 434 -28.41 -11.36 28.55
CA ARG C 434 -29.47 -12.33 28.22
C ARG C 434 -30.13 -12.60 29.60
N THR C 435 -31.44 -12.43 29.70
CA THR C 435 -32.18 -12.64 30.93
C THR C 435 -32.46 -14.14 31.12
N PRO C 436 -32.81 -14.63 32.35
CA PRO C 436 -33.10 -16.07 32.52
C PRO C 436 -34.16 -16.60 31.57
N ALA C 437 -35.22 -15.79 31.30
CA ALA C 437 -36.31 -16.09 30.37
C ALA C 437 -35.90 -15.93 28.91
N GLY C 438 -34.61 -15.67 28.66
CA GLY C 438 -34.05 -15.52 27.33
C GLY C 438 -34.49 -14.30 26.56
N ASN C 439 -34.47 -13.14 27.23
CA ASN C 439 -34.81 -11.83 26.66
C ASN C 439 -33.61 -10.93 26.94
N PHE C 440 -33.68 -9.62 26.66
CA PHE C 440 -32.53 -8.73 26.91
C PHE C 440 -32.78 -7.64 27.94
N VAL C 441 -31.71 -7.21 28.59
CA VAL C 441 -31.76 -6.16 29.59
C VAL C 441 -30.48 -5.33 29.48
N THR C 442 -30.64 -3.99 29.52
CA THR C 442 -29.48 -3.11 29.51
C THR C 442 -29.29 -2.66 30.92
N LEU C 443 -28.13 -3.03 31.49
CA LEU C 443 -27.81 -2.64 32.86
C LEU C 443 -26.96 -1.41 32.83
N GLU C 444 -27.40 -0.40 33.59
CA GLU C 444 -26.74 0.90 33.68
C GLU C 444 -25.83 0.95 34.90
N GLU C 445 -25.13 2.08 35.11
CA GLU C 445 -24.32 2.45 36.29
C GLU C 445 -23.32 1.40 36.77
N GLY C 446 -22.82 0.59 35.84
CA GLY C 446 -21.86 -0.45 36.14
C GLY C 446 -22.42 -1.75 36.69
N LYS C 447 -23.75 -1.84 36.92
CA LYS C 447 -24.41 -3.03 37.49
C LYS C 447 -24.02 -4.34 36.80
N GLY C 448 -23.62 -4.27 35.54
CA GLY C 448 -23.19 -5.42 34.76
C GLY C 448 -21.95 -6.09 35.32
N ASP C 449 -21.13 -5.31 36.04
CA ASP C 449 -19.93 -5.77 36.73
C ASP C 449 -20.29 -6.85 37.76
N LEU C 450 -21.47 -6.70 38.46
CA LEU C 450 -22.02 -7.66 39.44
C LEU C 450 -22.33 -9.03 38.80
N GLU C 451 -22.54 -9.04 37.45
CA GLU C 451 -22.81 -10.20 36.58
C GLU C 451 -23.99 -11.05 37.03
N GLU C 452 -25.02 -10.39 37.56
CA GLU C 452 -26.24 -11.06 38.04
C GLU C 452 -26.94 -11.87 36.97
N TYR C 453 -26.95 -11.39 35.71
CA TYR C 453 -27.62 -12.03 34.58
C TYR C 453 -26.62 -12.52 33.55
N GLY C 454 -25.48 -13.02 34.05
CA GLY C 454 -24.42 -13.57 33.23
C GLY C 454 -23.59 -12.50 32.53
N GLN C 455 -22.74 -12.98 31.59
CA GLN C 455 -21.80 -12.18 30.81
C GLN C 455 -22.46 -11.12 29.94
N ASP C 456 -21.74 -9.98 29.81
CA ASP C 456 -22.07 -8.88 28.92
C ASP C 456 -22.00 -9.46 27.48
N LEU C 457 -23.07 -9.19 26.68
CA LEU C 457 -23.22 -9.61 25.28
C LEU C 457 -22.53 -8.64 24.30
N LEU C 458 -21.83 -7.59 24.80
CA LEU C 458 -21.11 -6.63 23.97
C LEU C 458 -19.65 -7.04 23.87
N HIS C 459 -19.25 -7.63 22.75
CA HIS C 459 -17.86 -8.06 22.52
C HIS C 459 -17.05 -6.89 21.99
N THR C 460 -15.74 -6.88 22.26
CA THR C 460 -14.85 -5.88 21.70
C THR C 460 -14.69 -6.22 20.21
N VAL C 461 -15.12 -5.31 19.34
CA VAL C 461 -15.04 -5.45 17.86
C VAL C 461 -13.87 -4.66 17.27
N PHE C 462 -13.46 -3.61 17.97
CA PHE C 462 -12.37 -2.71 17.59
C PHE C 462 -11.68 -2.26 18.85
N LYS C 463 -10.34 -2.27 18.83
CA LYS C 463 -9.49 -1.78 19.92
C LYS C 463 -8.19 -1.32 19.32
N ASN C 464 -7.89 -0.02 19.50
CA ASN C 464 -6.65 0.61 19.04
C ASN C 464 -6.25 0.30 17.58
N GLY C 465 -7.03 0.75 16.62
CA GLY C 465 -6.74 0.57 15.19
C GLY C 465 -6.95 -0.82 14.61
N LYS C 466 -7.31 -1.78 15.46
CA LYS C 466 -7.47 -3.16 15.06
C LYS C 466 -8.90 -3.68 15.21
N VAL C 467 -9.37 -4.41 14.18
CA VAL C 467 -10.67 -5.06 14.23
C VAL C 467 -10.41 -6.40 14.92
N THR C 468 -10.91 -6.53 16.13
CA THR C 468 -10.64 -7.63 17.05
C THR C 468 -11.60 -8.79 16.89
N LYS C 469 -12.79 -8.50 16.35
CA LYS C 469 -13.85 -9.48 16.09
C LYS C 469 -14.65 -9.08 14.86
N SER C 470 -14.74 -10.02 13.93
CA SER C 470 -15.41 -9.94 12.64
C SER C 470 -16.51 -10.99 12.53
N TYR C 471 -17.55 -10.67 11.75
CA TYR C 471 -18.68 -11.55 11.52
C TYR C 471 -18.84 -11.76 10.04
N SER C 472 -19.19 -12.99 9.68
CA SER C 472 -19.46 -13.36 8.31
C SER C 472 -20.89 -12.93 8.01
N PHE C 473 -21.19 -12.72 6.74
CA PHE C 473 -22.55 -12.35 6.37
C PHE C 473 -23.53 -13.46 6.69
N ASP C 474 -23.07 -14.73 6.59
CA ASP C 474 -23.88 -15.92 6.91
C ASP C 474 -24.29 -15.96 8.36
N GLU C 475 -23.41 -15.57 9.31
CA GLU C 475 -23.81 -15.54 10.73
C GLU C 475 -24.83 -14.42 11.00
N ILE C 476 -24.62 -13.23 10.39
CA ILE C 476 -25.53 -12.06 10.46
C ILE C 476 -26.91 -12.51 10.02
N ARG C 477 -27.01 -13.20 8.85
CA ARG C 477 -28.25 -13.74 8.30
C ARG C 477 -28.89 -14.73 9.28
N LYS C 478 -28.08 -15.61 9.92
CA LYS C 478 -28.57 -16.59 10.90
C LYS C 478 -29.13 -15.88 12.15
N ASN C 479 -28.41 -14.84 12.64
CA ASN C 479 -28.85 -14.04 13.80
C ASN C 479 -30.10 -13.20 13.54
N ALA C 480 -30.30 -12.75 12.28
CA ALA C 480 -31.41 -11.87 11.88
C ALA C 480 -32.69 -12.60 11.40
N GLN C 481 -32.72 -13.94 11.51
CA GLN C 481 -33.88 -14.77 11.13
C GLN C 481 -35.17 -14.46 11.92
N LEU C 482 -36.33 -14.62 11.25
CA LEU C 482 -37.66 -14.52 11.86
C LEU C 482 -37.88 -15.79 12.67
N ASN C 483 -38.68 -15.69 13.75
CA ASN C 483 -39.00 -16.85 14.59
C ASN C 483 -39.66 -17.97 13.75
N ILE C 484 -40.74 -17.60 13.01
CA ILE C 484 -41.55 -18.42 12.08
C ILE C 484 -40.71 -19.35 11.15
N PHE D 9 -13.53 0.90 -7.57
CA PHE D 9 -14.79 1.14 -8.29
C PHE D 9 -14.79 0.57 -9.69
N ASN D 10 -15.81 -0.23 -10.00
CA ASN D 10 -15.98 -0.87 -11.29
C ASN D 10 -17.32 -0.51 -11.89
N ILE D 11 -17.30 0.31 -12.96
CA ILE D 11 -18.49 0.74 -13.68
C ILE D 11 -19.30 -0.43 -14.23
N LEU D 12 -18.62 -1.54 -14.59
CA LEU D 12 -19.30 -2.75 -15.08
C LEU D 12 -20.19 -3.42 -14.00
N LEU D 13 -20.02 -3.02 -12.71
CA LEU D 13 -20.78 -3.50 -11.55
C LEU D 13 -21.57 -2.37 -10.88
N ALA D 14 -21.65 -1.20 -11.57
CA ALA D 14 -22.32 0.01 -11.11
C ALA D 14 -23.61 0.33 -11.89
N THR D 15 -24.44 -0.68 -12.14
CA THR D 15 -25.74 -0.50 -12.79
C THR D 15 -26.77 -1.42 -12.13
N ASP D 16 -28.08 -1.22 -12.45
CA ASP D 16 -29.15 -2.11 -12.03
C ASP D 16 -28.93 -3.41 -12.80
N SER D 17 -29.01 -4.56 -12.13
CA SER D 17 -28.79 -5.90 -12.72
C SER D 17 -29.49 -6.13 -14.07
N TYR D 18 -30.80 -5.85 -14.15
CA TYR D 18 -31.60 -6.07 -15.37
C TYR D 18 -31.10 -5.27 -16.59
N LYS D 19 -30.28 -4.21 -16.37
CA LYS D 19 -29.71 -3.41 -17.46
C LYS D 19 -28.60 -4.19 -18.11
N VAL D 20 -28.02 -5.16 -17.39
CA VAL D 20 -26.94 -6.04 -17.86
C VAL D 20 -27.40 -6.89 -19.08
N THR D 21 -28.70 -7.21 -19.14
CA THR D 21 -29.36 -8.05 -20.15
C THR D 21 -30.07 -7.30 -21.31
N HIS D 22 -30.04 -5.94 -21.33
CA HIS D 22 -30.72 -5.11 -22.31
C HIS D 22 -30.12 -5.09 -23.71
N TYR D 23 -28.82 -5.40 -23.84
CA TYR D 23 -28.12 -5.50 -25.13
C TYR D 23 -28.78 -6.57 -25.99
N LYS D 24 -29.39 -7.58 -25.33
CA LYS D 24 -30.11 -8.69 -25.96
C LYS D 24 -31.58 -8.35 -26.27
N GLN D 25 -32.10 -7.21 -25.76
CA GLN D 25 -33.51 -6.84 -25.85
C GLN D 25 -33.90 -5.72 -26.79
N TYR D 26 -32.95 -4.86 -27.15
CA TYR D 26 -33.24 -3.75 -28.05
C TYR D 26 -33.51 -4.32 -29.43
N PRO D 27 -34.28 -3.64 -30.29
CA PRO D 27 -34.55 -4.21 -31.61
C PRO D 27 -33.25 -4.43 -32.40
N PRO D 28 -33.22 -5.43 -33.29
CA PRO D 28 -32.02 -5.66 -34.10
C PRO D 28 -31.66 -4.44 -34.93
N ASN D 29 -30.37 -4.18 -35.04
CA ASN D 29 -29.82 -3.07 -35.79
C ASN D 29 -30.24 -1.69 -35.21
N THR D 30 -30.24 -1.58 -33.85
CA THR D 30 -30.43 -0.32 -33.11
C THR D 30 -29.01 0.28 -33.03
N SER D 31 -28.78 1.48 -33.59
CA SER D 31 -27.47 2.18 -33.59
C SER D 31 -27.46 3.42 -32.67
N LYS D 32 -28.63 3.77 -32.11
CA LYS D 32 -28.78 4.92 -31.22
C LYS D 32 -29.88 4.73 -30.24
N VAL D 33 -29.56 4.98 -28.97
CA VAL D 33 -30.47 5.08 -27.84
C VAL D 33 -30.13 6.47 -27.31
N TYR D 34 -31.12 7.38 -27.32
CA TYR D 34 -30.97 8.76 -26.88
C TYR D 34 -31.93 8.95 -25.74
N SER D 35 -31.39 9.34 -24.57
CA SER D 35 -32.19 9.54 -23.36
C SER D 35 -32.01 10.93 -22.74
N TYR D 36 -32.96 11.35 -21.89
CA TYR D 36 -32.89 12.67 -21.29
C TYR D 36 -33.36 12.64 -19.84
N PHE D 37 -32.91 13.63 -19.06
CA PHE D 37 -33.29 13.77 -17.68
C PHE D 37 -34.07 15.04 -17.54
N GLU D 38 -35.10 14.99 -16.70
CA GLU D 38 -35.92 16.13 -16.37
C GLU D 38 -36.54 15.96 -14.99
N CYS D 39 -37.11 17.07 -14.48
CA CYS D 39 -37.85 17.07 -13.25
C CYS D 39 -39.29 17.33 -13.71
N ARG D 40 -40.05 16.25 -13.97
CA ARG D 40 -41.43 16.34 -14.48
C ARG D 40 -42.33 17.27 -13.66
N GLU D 41 -43.32 17.88 -14.35
CA GLU D 41 -44.35 18.74 -13.78
C GLU D 41 -45.38 17.84 -13.07
N LYS D 42 -46.09 18.36 -12.05
CA LYS D 42 -47.12 17.58 -11.35
C LYS D 42 -48.51 18.11 -11.67
N LYS D 53 -43.44 26.49 -4.47
CA LYS D 53 -43.27 25.10 -4.03
C LYS D 53 -42.73 24.18 -5.15
N TYR D 54 -41.45 24.38 -5.47
CA TYR D 54 -40.61 23.66 -6.41
C TYR D 54 -41.00 23.84 -7.88
N GLU D 55 -41.26 25.10 -8.28
CA GLU D 55 -41.59 25.45 -9.67
C GLU D 55 -40.35 25.42 -10.59
N GLU D 56 -39.17 25.65 -10.01
CA GLU D 56 -37.88 25.67 -10.67
C GLU D 56 -36.89 24.83 -9.89
N THR D 57 -35.86 24.29 -10.57
CA THR D 57 -34.85 23.42 -9.96
C THR D 57 -33.44 23.92 -10.20
N VAL D 58 -32.54 23.70 -9.23
CA VAL D 58 -31.14 24.07 -9.42
C VAL D 58 -30.47 22.88 -10.02
N PHE D 59 -29.85 23.06 -11.19
CA PHE D 59 -29.15 21.92 -11.79
C PHE D 59 -27.77 21.88 -11.18
N TYR D 60 -27.43 20.77 -10.53
CA TYR D 60 -26.14 20.70 -9.83
C TYR D 60 -25.75 19.28 -9.54
N GLY D 61 -24.46 19.00 -9.59
CA GLY D 61 -23.91 17.72 -9.18
C GLY D 61 -23.47 16.76 -10.24
N LEU D 62 -23.88 16.99 -11.52
CA LEU D 62 -23.50 16.14 -12.64
C LEU D 62 -21.96 16.11 -12.82
N GLN D 63 -21.30 17.28 -12.81
CA GLN D 63 -19.83 17.41 -12.91
C GLN D 63 -19.10 16.51 -11.90
N TYR D 64 -19.58 16.46 -10.64
CA TYR D 64 -19.04 15.54 -9.64
C TYR D 64 -19.07 14.07 -10.16
N ILE D 65 -20.21 13.63 -10.72
CA ILE D 65 -20.43 12.28 -11.28
C ILE D 65 -19.53 12.00 -12.50
N LEU D 66 -19.43 12.96 -13.43
CA LEU D 66 -18.60 12.83 -14.65
C LEU D 66 -17.14 12.56 -14.34
N ASN D 67 -16.60 13.28 -13.36
CA ASN D 67 -15.20 13.19 -12.95
C ASN D 67 -14.86 11.95 -12.11
N LYS D 68 -15.74 11.59 -11.18
CA LYS D 68 -15.50 10.46 -10.28
C LYS D 68 -15.69 9.09 -10.92
N TYR D 69 -16.74 8.93 -11.75
CA TYR D 69 -17.12 7.61 -12.25
C TYR D 69 -17.12 7.37 -13.75
N LEU D 70 -17.32 8.41 -14.58
CA LEU D 70 -17.46 8.21 -16.02
C LEU D 70 -16.23 8.56 -16.90
N LYS D 71 -15.38 9.54 -16.51
CA LYS D 71 -14.23 9.94 -17.33
C LYS D 71 -13.03 8.95 -17.35
N GLY D 72 -12.25 9.01 -18.41
CA GLY D 72 -11.05 8.21 -18.58
C GLY D 72 -11.31 6.76 -18.91
N LYS D 73 -10.30 5.93 -18.66
CA LYS D 73 -10.32 4.50 -18.91
C LYS D 73 -11.04 3.91 -17.71
N VAL D 74 -12.29 3.49 -17.93
CA VAL D 74 -13.10 2.95 -16.85
C VAL D 74 -13.37 1.47 -17.08
N VAL D 75 -13.02 0.98 -18.26
CA VAL D 75 -13.12 -0.41 -18.68
C VAL D 75 -11.70 -1.00 -18.67
N THR D 76 -11.51 -2.12 -17.98
CA THR D 76 -10.23 -2.83 -17.98
C THR D 76 -10.47 -4.31 -18.18
N LYS D 77 -9.42 -5.01 -18.57
CA LYS D 77 -9.42 -6.45 -18.76
C LYS D 77 -9.90 -7.13 -17.44
N GLU D 78 -9.41 -6.63 -16.29
CA GLU D 78 -9.71 -7.19 -14.98
C GLU D 78 -11.14 -6.90 -14.51
N LYS D 79 -11.69 -5.70 -14.83
CA LYS D 79 -13.05 -5.28 -14.50
C LYS D 79 -14.02 -6.08 -15.31
N ILE D 80 -13.66 -6.42 -16.58
CA ILE D 80 -14.49 -7.27 -17.45
C ILE D 80 -14.53 -8.68 -16.87
N GLN D 81 -13.37 -9.19 -16.42
CA GLN D 81 -13.32 -10.53 -15.84
C GLN D 81 -14.07 -10.56 -14.52
N GLU D 82 -13.93 -9.48 -13.69
CA GLU D 82 -14.62 -9.36 -12.39
CA GLU D 82 -14.64 -9.42 -12.40
C GLU D 82 -16.15 -9.41 -12.61
N ALA D 83 -16.65 -8.61 -13.58
CA ALA D 83 -18.08 -8.52 -13.93
C ALA D 83 -18.64 -9.82 -14.55
N LYS D 84 -17.83 -10.54 -15.32
CA LYS D 84 -18.21 -11.81 -15.96
C LYS D 84 -18.52 -12.87 -14.90
N ASP D 85 -17.61 -13.03 -13.92
CA ASP D 85 -17.69 -14.00 -12.82
C ASP D 85 -18.83 -13.67 -11.82
N VAL D 86 -19.02 -12.37 -11.47
CA VAL D 86 -20.08 -11.90 -10.57
C VAL D 86 -21.47 -12.18 -11.19
N TYR D 87 -21.77 -11.56 -12.35
CA TYR D 87 -23.06 -11.74 -13.02
C TYR D 87 -23.40 -13.22 -13.36
N LYS D 88 -22.39 -14.07 -13.66
CA LYS D 88 -22.66 -15.48 -13.95
C LYS D 88 -23.41 -16.10 -12.78
N GLU D 89 -22.90 -15.87 -11.57
CA GLU D 89 -23.49 -16.35 -10.32
C GLU D 89 -24.80 -15.63 -10.04
N HIS D 90 -24.77 -14.29 -10.13
CA HIS D 90 -25.87 -13.36 -9.87
C HIS D 90 -27.13 -13.69 -10.67
N PHE D 91 -26.95 -14.07 -11.95
CA PHE D 91 -28.05 -14.43 -12.85
C PHE D 91 -28.27 -15.92 -13.01
N GLN D 92 -27.30 -16.74 -12.57
CA GLN D 92 -27.29 -18.22 -12.69
C GLN D 92 -27.26 -18.61 -14.19
N ASP D 93 -26.60 -17.77 -15.01
CA ASP D 93 -26.47 -17.89 -16.47
C ASP D 93 -25.63 -16.74 -17.05
N ASP D 94 -24.94 -17.02 -18.19
CA ASP D 94 -24.14 -16.06 -18.94
C ASP D 94 -25.08 -15.14 -19.70
N VAL D 95 -25.16 -13.89 -19.26
CA VAL D 95 -25.99 -12.84 -19.86
C VAL D 95 -25.23 -11.50 -19.81
N PHE D 96 -23.90 -11.59 -19.81
CA PHE D 96 -23.01 -10.44 -19.75
C PHE D 96 -22.37 -10.19 -21.11
N ASN D 97 -22.45 -8.93 -21.58
CA ASN D 97 -21.90 -8.52 -22.86
C ASN D 97 -20.39 -8.35 -22.79
N GLU D 98 -19.69 -9.48 -22.62
CA GLU D 98 -18.24 -9.45 -22.58
C GLU D 98 -17.68 -8.87 -23.89
N LYS D 99 -18.26 -9.26 -25.05
CA LYS D 99 -17.92 -8.81 -26.40
C LYS D 99 -17.96 -7.28 -26.48
N GLY D 100 -19.13 -6.71 -26.17
CA GLY D 100 -19.44 -5.29 -26.19
C GLY D 100 -18.50 -4.46 -25.36
N TRP D 101 -18.27 -4.88 -24.10
CA TRP D 101 -17.36 -4.20 -23.18
C TRP D 101 -15.88 -4.33 -23.60
N ASN D 102 -15.51 -5.44 -24.28
CA ASN D 102 -14.16 -5.65 -24.80
C ASN D 102 -13.93 -4.72 -25.96
N TYR D 103 -14.99 -4.53 -26.79
CA TYR D 103 -14.97 -3.61 -27.93
C TYR D 103 -14.60 -2.20 -27.48
N ILE D 104 -15.23 -1.72 -26.38
CA ILE D 104 -14.98 -0.41 -25.76
C ILE D 104 -13.50 -0.35 -25.33
N LEU D 105 -13.02 -1.43 -24.68
CA LEU D 105 -11.64 -1.55 -24.21
C LEU D 105 -10.66 -1.48 -25.40
N GLU D 106 -11.00 -2.18 -26.48
CA GLU D 106 -10.14 -2.24 -27.64
C GLU D 106 -10.15 -0.96 -28.49
N LYS D 107 -11.35 -0.51 -28.92
CA LYS D 107 -11.47 0.67 -29.79
C LYS D 107 -11.28 2.00 -29.09
N TYR D 108 -11.68 2.08 -27.83
CA TYR D 108 -11.65 3.34 -27.12
C TYR D 108 -10.76 3.38 -25.91
N ASP D 109 -9.90 2.35 -25.74
CA ASP D 109 -8.99 2.25 -24.59
C ASP D 109 -9.77 2.46 -23.27
N GLY D 110 -10.86 1.71 -23.10
CA GLY D 110 -11.72 1.76 -21.93
C GLY D 110 -12.50 3.05 -21.69
N HIS D 111 -12.48 4.02 -22.65
CA HIS D 111 -13.21 5.29 -22.58
C HIS D 111 -14.63 5.06 -23.10
N LEU D 112 -15.66 5.58 -22.39
CA LEU D 112 -17.06 5.37 -22.73
C LEU D 112 -17.46 6.13 -24.00
N PRO D 113 -17.83 5.44 -25.12
CA PRO D 113 -18.29 6.19 -26.32
C PRO D 113 -19.72 6.71 -26.13
N ILE D 114 -19.84 7.76 -25.30
CA ILE D 114 -21.06 8.42 -24.87
C ILE D 114 -20.88 9.91 -24.99
N GLU D 115 -21.97 10.63 -25.28
CA GLU D 115 -22.03 12.09 -25.26
C GLU D 115 -23.12 12.51 -24.26
N ILE D 116 -22.78 13.46 -23.37
CA ILE D 116 -23.71 14.02 -22.42
C ILE D 116 -23.68 15.53 -22.62
N LYS D 117 -24.86 16.08 -22.94
CA LYS D 117 -25.15 17.50 -23.13
C LYS D 117 -25.97 17.90 -21.92
N ALA D 118 -25.66 19.06 -21.31
CA ALA D 118 -26.34 19.51 -20.08
C ALA D 118 -26.38 21.01 -19.95
N VAL D 119 -27.43 21.51 -19.25
CA VAL D 119 -27.58 22.93 -18.95
C VAL D 119 -26.46 23.31 -17.94
N PRO D 120 -25.87 24.53 -17.94
CA PRO D 120 -24.79 24.81 -16.97
C PRO D 120 -25.20 24.59 -15.53
N GLU D 121 -24.26 24.16 -14.70
CA GLU D 121 -24.53 23.93 -13.31
C GLU D 121 -24.84 25.24 -12.59
N GLY D 122 -25.78 25.19 -11.66
CA GLY D 122 -26.24 26.35 -10.94
C GLY D 122 -27.41 27.01 -11.62
N PHE D 123 -27.66 26.65 -12.90
CA PHE D 123 -28.81 27.19 -13.63
C PHE D 123 -30.11 26.72 -12.96
N VAL D 124 -31.04 27.67 -12.84
CA VAL D 124 -32.35 27.51 -12.23
C VAL D 124 -33.36 27.45 -13.40
N ILE D 125 -33.84 26.24 -13.64
CA ILE D 125 -34.67 25.91 -14.77
C ILE D 125 -36.04 25.49 -14.27
N PRO D 126 -37.14 25.95 -14.91
CA PRO D 126 -38.48 25.53 -14.50
C PRO D 126 -38.70 24.03 -14.71
N ARG D 127 -39.68 23.48 -14.02
CA ARG D 127 -40.01 22.06 -14.12
C ARG D 127 -40.51 21.67 -15.50
N GLY D 128 -40.44 20.39 -15.84
CA GLY D 128 -40.85 19.86 -17.15
C GLY D 128 -39.96 20.31 -18.28
N ASN D 129 -38.67 20.51 -18.00
CA ASN D 129 -37.67 20.93 -18.96
C ASN D 129 -36.47 20.03 -18.89
N VAL D 130 -35.94 19.66 -20.06
CA VAL D 130 -34.74 18.85 -20.22
C VAL D 130 -33.59 19.51 -19.41
N LEU D 131 -32.84 18.70 -18.61
CA LEU D 131 -31.73 19.25 -17.82
C LEU D 131 -30.41 18.75 -18.39
N PHE D 132 -30.47 17.53 -18.95
CA PHE D 132 -29.33 16.88 -19.60
C PHE D 132 -29.77 15.71 -20.48
N THR D 133 -29.07 15.48 -21.60
CA THR D 133 -29.34 14.35 -22.50
C THR D 133 -28.13 13.43 -22.59
N VAL D 134 -28.38 12.14 -22.90
CA VAL D 134 -27.33 11.13 -23.03
C VAL D 134 -27.53 10.40 -24.36
N GLU D 135 -26.42 10.17 -25.05
CA GLU D 135 -26.33 9.58 -26.37
C GLU D 135 -25.15 8.65 -26.46
N ASN D 136 -25.24 7.60 -27.27
CA ASN D 136 -24.08 6.77 -27.52
C ASN D 136 -23.49 7.36 -28.81
N THR D 137 -22.16 7.45 -28.89
CA THR D 137 -21.46 8.01 -30.05
C THR D 137 -21.08 6.89 -31.04
N ASP D 138 -21.24 5.60 -30.65
CA ASP D 138 -20.88 4.45 -31.45
C ASP D 138 -22.05 3.48 -31.63
N PRO D 139 -22.37 3.15 -32.91
CA PRO D 139 -23.50 2.23 -33.18
C PRO D 139 -23.51 0.94 -32.37
N GLU D 140 -22.31 0.42 -32.08
CA GLU D 140 -22.11 -0.81 -31.32
C GLU D 140 -22.57 -0.68 -29.87
N CYS D 141 -22.41 0.53 -29.31
CA CYS D 141 -22.69 0.84 -27.91
C CYS D 141 -24.07 1.52 -27.68
N TYR D 142 -25.08 1.07 -28.41
CA TYR D 142 -26.47 1.53 -28.33
C TYR D 142 -26.99 1.26 -26.90
N TRP D 143 -26.59 0.10 -26.35
CA TRP D 143 -26.92 -0.42 -25.03
C TRP D 143 -26.28 0.43 -23.88
N LEU D 144 -25.23 1.23 -24.19
CA LEU D 144 -24.47 2.00 -23.21
C LEU D 144 -25.22 3.21 -22.62
N THR D 145 -26.10 3.89 -23.38
CA THR D 145 -26.86 5.06 -22.89
C THR D 145 -27.65 4.73 -21.61
N ASN D 146 -28.37 3.59 -21.60
CA ASN D 146 -29.21 3.21 -20.47
C ASN D 146 -28.47 2.32 -19.45
N TRP D 147 -27.22 1.83 -19.75
CA TRP D 147 -26.40 1.14 -18.76
C TRP D 147 -25.99 2.20 -17.72
N ILE D 148 -25.63 3.41 -18.18
CA ILE D 148 -25.19 4.45 -17.25
C ILE D 148 -26.33 5.31 -16.67
N GLU D 149 -27.61 4.88 -16.86
CA GLU D 149 -28.80 5.56 -16.35
C GLU D 149 -28.76 5.60 -14.83
N THR D 150 -28.41 4.49 -14.19
CA THR D 150 -28.38 4.35 -12.74
C THR D 150 -27.42 5.34 -12.08
N ILE D 151 -26.22 5.41 -12.63
CA ILE D 151 -25.18 6.26 -12.09
C ILE D 151 -25.50 7.77 -12.33
N LEU D 152 -26.09 8.13 -13.48
CA LEU D 152 -26.49 9.50 -13.84
C LEU D 152 -27.78 9.97 -13.14
N VAL D 153 -28.75 9.05 -12.95
CA VAL D 153 -30.05 9.33 -12.31
C VAL D 153 -29.89 9.74 -10.84
N GLN D 154 -28.77 9.37 -10.21
CA GLN D 154 -28.43 9.75 -8.85
C GLN D 154 -28.11 11.23 -8.70
N SER D 155 -28.12 12.00 -9.83
CA SER D 155 -27.95 13.47 -9.84
C SER D 155 -29.24 14.09 -9.30
N TRP D 156 -30.30 13.28 -9.11
CA TRP D 156 -31.53 13.72 -8.47
C TRP D 156 -31.23 14.34 -7.10
N TYR D 157 -30.28 13.75 -6.35
CA TYR D 157 -29.97 14.10 -4.99
C TYR D 157 -29.32 15.45 -4.89
N PRO D 158 -28.17 15.71 -5.56
CA PRO D 158 -27.61 17.09 -5.52
C PRO D 158 -28.61 18.13 -6.05
N ILE D 159 -29.41 17.82 -7.10
CA ILE D 159 -30.45 18.73 -7.63
C ILE D 159 -31.53 19.04 -6.58
N THR D 160 -31.98 18.04 -5.81
CA THR D 160 -33.04 18.18 -4.81
C THR D 160 -32.52 18.95 -3.58
N VAL D 161 -31.33 18.57 -3.06
CA VAL D 161 -30.74 19.30 -1.93
C VAL D 161 -30.51 20.76 -2.36
N ALA D 162 -29.96 20.98 -3.58
CA ALA D 162 -29.71 22.32 -4.13
C ALA D 162 -31.01 23.11 -4.25
N THR D 163 -32.09 22.47 -4.71
CA THR D 163 -33.39 23.12 -4.91
C THR D 163 -34.09 23.39 -3.58
N ASN D 164 -34.27 22.34 -2.77
CA ASN D 164 -34.94 22.47 -1.48
C ASN D 164 -34.20 23.50 -0.59
N SER D 165 -32.87 23.47 -0.61
CA SER D 165 -32.06 24.42 0.13
C SER D 165 -32.30 25.87 -0.40
N ARG D 166 -32.40 26.05 -1.75
CA ARG D 166 -32.68 27.36 -2.34
C ARG D 166 -34.03 27.87 -1.97
N GLU D 167 -35.01 26.97 -1.87
CA GLU D 167 -36.37 27.33 -1.52
C GLU D 167 -36.50 27.88 -0.09
N GLN D 168 -35.69 27.36 0.86
CA GLN D 168 -35.61 27.83 2.24
C GLN D 168 -34.88 29.18 2.25
N LYS D 169 -33.94 29.40 1.30
CA LYS D 169 -33.20 30.66 1.16
C LYS D 169 -34.13 31.80 0.74
N LYS D 170 -35.13 31.49 -0.11
CA LYS D 170 -36.17 32.41 -0.60
C LYS D 170 -36.98 32.96 0.56
N ILE D 171 -37.43 32.05 1.45
CA ILE D 171 -38.21 32.30 2.66
C ILE D 171 -37.41 33.20 3.60
N LEU D 172 -36.18 32.80 3.90
CA LEU D 172 -35.29 33.55 4.78
C LEU D 172 -35.02 34.95 4.24
N ALA D 173 -34.83 35.07 2.91
CA ALA D 173 -34.60 36.34 2.21
C ALA D 173 -35.80 37.30 2.38
N LYS D 174 -37.04 36.78 2.22
CA LYS D 174 -38.29 37.52 2.33
C LYS D 174 -38.44 38.05 3.73
N TYR D 175 -38.42 37.12 4.70
CA TYR D 175 -38.59 37.45 6.11
C TYR D 175 -37.49 38.30 6.66
N LEU D 176 -36.25 38.09 6.21
CA LEU D 176 -35.11 38.92 6.65
C LEU D 176 -35.27 40.33 6.10
N LEU D 177 -35.71 40.46 4.83
CA LEU D 177 -35.93 41.73 4.18
C LEU D 177 -37.05 42.52 4.87
N GLU D 178 -38.19 41.87 5.16
CA GLU D 178 -39.35 42.50 5.80
C GLU D 178 -39.08 42.88 7.26
N THR D 179 -38.23 42.13 7.96
CA THR D 179 -37.99 42.40 9.38
C THR D 179 -36.78 43.28 9.67
N SER D 180 -35.83 43.43 8.71
CA SER D 180 -34.62 44.22 8.92
C SER D 180 -34.26 45.22 7.79
N GLY D 181 -34.89 45.08 6.62
CA GLY D 181 -34.60 45.96 5.48
C GLY D 181 -33.37 45.64 4.65
N ASN D 182 -32.74 44.47 4.87
CA ASN D 182 -31.55 44.05 4.11
C ASN D 182 -31.40 42.53 4.17
N LEU D 183 -30.39 41.96 3.46
CA LEU D 183 -30.11 40.52 3.37
C LEU D 183 -28.77 40.18 4.02
N ASP D 184 -28.39 40.91 5.06
CA ASP D 184 -27.12 40.71 5.74
C ASP D 184 -27.13 39.47 6.60
N GLY D 185 -26.17 38.60 6.32
CA GLY D 185 -25.99 37.35 7.02
C GLY D 185 -26.83 36.22 6.48
N LEU D 186 -27.56 36.49 5.35
CA LEU D 186 -28.44 35.53 4.69
C LEU D 186 -27.78 34.19 4.37
N GLU D 187 -26.57 34.22 3.81
CA GLU D 187 -25.86 32.97 3.48
C GLU D 187 -25.45 32.13 4.73
N TYR D 188 -25.73 32.66 5.93
CA TYR D 188 -25.38 31.99 7.17
C TYR D 188 -26.62 31.61 8.02
N LYS D 189 -27.83 31.90 7.52
CA LYS D 189 -29.11 31.65 8.19
C LYS D 189 -29.57 30.22 8.15
N LEU D 190 -29.07 29.43 7.23
CA LEU D 190 -29.40 28.02 7.23
C LEU D 190 -28.09 27.24 7.28
N HIS D 191 -27.80 26.65 8.46
CA HIS D 191 -26.59 25.90 8.72
C HIS D 191 -26.85 24.41 8.56
N ASP D 192 -25.95 23.71 7.91
CA ASP D 192 -26.09 22.29 7.69
C ASP D 192 -25.56 21.50 8.91
N PHE D 193 -26.43 20.69 9.51
CA PHE D 193 -26.13 19.80 10.67
C PHE D 193 -26.37 18.33 10.31
N GLY D 194 -26.52 18.01 9.02
CA GLY D 194 -26.88 16.67 8.57
C GLY D 194 -25.83 15.64 8.29
N TYR D 195 -24.59 15.83 8.78
CA TYR D 195 -23.51 14.87 8.56
C TYR D 195 -23.87 13.53 9.20
N ARG D 196 -24.37 13.52 10.45
CA ARG D 196 -24.76 12.29 11.12
C ARG D 196 -26.06 11.65 10.60
N GLY D 197 -26.98 12.48 10.12
CA GLY D 197 -28.30 12.06 9.68
C GLY D 197 -28.41 11.56 8.27
N VAL D 198 -27.31 11.49 7.54
CA VAL D 198 -27.32 10.92 6.18
C VAL D 198 -26.97 9.44 6.25
N SER D 199 -27.06 8.75 5.11
CA SER D 199 -26.82 7.33 4.89
C SER D 199 -25.38 6.88 4.72
N SER D 200 -24.50 7.77 4.23
CA SER D 200 -23.10 7.42 3.98
C SER D 200 -22.20 8.65 4.01
N GLN D 201 -20.85 8.44 4.01
CA GLN D 201 -19.86 9.50 3.93
C GLN D 201 -20.00 10.20 2.59
N GLU D 202 -20.21 9.43 1.50
CA GLU D 202 -20.37 10.01 0.15
C GLU D 202 -21.58 10.91 0.05
N THR D 203 -22.74 10.46 0.55
CA THR D 203 -23.98 11.25 0.58
C THR D 203 -23.79 12.57 1.30
N ALA D 204 -23.07 12.53 2.42
CA ALA D 204 -22.76 13.68 3.27
C ALA D 204 -22.01 14.75 2.47
N GLY D 205 -21.05 14.30 1.67
CA GLY D 205 -20.26 15.14 0.80
C GLY D 205 -21.09 15.75 -0.30
N ILE D 206 -21.89 14.92 -0.99
CA ILE D 206 -22.73 15.36 -2.11
C ILE D 206 -23.75 16.37 -1.62
N GLY D 207 -24.48 15.96 -0.59
CA GLY D 207 -25.50 16.75 0.09
C GLY D 207 -24.98 18.09 0.52
N ALA D 208 -23.93 18.10 1.37
CA ALA D 208 -23.30 19.31 1.88
C ALA D 208 -22.83 20.27 0.76
N SER D 209 -22.27 19.73 -0.34
CA SER D 209 -21.84 20.52 -1.50
C SER D 209 -23.05 21.21 -2.15
N ALA D 210 -24.20 20.53 -2.18
CA ALA D 210 -25.42 21.07 -2.75
C ALA D 210 -26.04 22.18 -1.87
N HIS D 211 -25.91 22.07 -0.51
CA HIS D 211 -26.44 23.11 0.37
C HIS D 211 -25.59 24.37 0.17
N LEU D 212 -24.27 24.20 0.04
CA LEU D 212 -23.32 25.30 -0.13
C LEU D 212 -23.43 26.04 -1.49
N VAL D 213 -24.29 25.57 -2.41
CA VAL D 213 -24.54 26.27 -3.68
C VAL D 213 -25.29 27.56 -3.34
N ASN D 214 -26.02 27.52 -2.23
CA ASN D 214 -26.90 28.56 -1.74
C ASN D 214 -26.41 29.24 -0.51
N PHE D 215 -25.86 28.46 0.45
CA PHE D 215 -25.40 28.98 1.75
C PHE D 215 -23.91 28.77 1.93
N LYS D 216 -23.35 29.39 3.01
CA LYS D 216 -21.92 29.33 3.37
C LYS D 216 -21.68 28.70 4.76
N GLY D 217 -22.76 28.41 5.49
CA GLY D 217 -22.70 27.75 6.78
C GLY D 217 -22.88 26.24 6.66
N THR D 218 -21.91 25.48 7.17
CA THR D 218 -21.94 24.02 7.17
C THR D 218 -21.08 23.43 8.26
N ASP D 219 -21.53 22.33 8.86
CA ASP D 219 -20.79 21.55 9.84
C ASP D 219 -20.38 20.23 9.21
N THR D 220 -20.90 19.92 7.99
CA THR D 220 -20.59 18.70 7.21
C THR D 220 -19.31 18.95 6.39
N VAL D 221 -18.16 18.70 7.02
CA VAL D 221 -16.82 18.96 6.48
C VAL D 221 -16.59 18.33 5.11
N ALA D 222 -17.19 17.14 4.88
CA ALA D 222 -17.10 16.35 3.64
C ALA D 222 -17.46 17.14 2.38
N GLY D 223 -18.33 18.16 2.53
CA GLY D 223 -18.74 19.05 1.46
C GLY D 223 -17.59 19.86 0.93
N LEU D 224 -16.72 20.34 1.84
CA LEU D 224 -15.55 21.17 1.58
C LEU D 224 -14.53 20.48 0.69
N ALA D 225 -14.26 19.19 0.94
CA ALA D 225 -13.34 18.35 0.18
C ALA D 225 -13.86 18.07 -1.25
N LEU D 226 -15.18 17.83 -1.37
CA LEU D 226 -15.82 17.54 -2.62
C LEU D 226 -15.76 18.76 -3.51
N ILE D 227 -16.09 19.95 -2.95
CA ILE D 227 -16.09 21.19 -3.70
C ILE D 227 -14.68 21.46 -4.22
N LYS D 228 -13.69 21.35 -3.30
CA LYS D 228 -12.26 21.56 -3.57
C LYS D 228 -11.78 20.69 -4.71
N LYS D 229 -12.11 19.38 -4.68
CA LYS D 229 -11.66 18.39 -5.65
C LYS D 229 -12.36 18.45 -7.01
N TYR D 230 -13.69 18.74 -7.04
CA TYR D 230 -14.48 18.67 -8.28
C TYR D 230 -14.95 19.96 -8.89
N TYR D 231 -14.93 21.06 -8.11
CA TYR D 231 -15.46 22.36 -8.56
C TYR D 231 -14.47 23.47 -8.39
N GLY D 232 -14.02 23.70 -7.16
CA GLY D 232 -13.08 24.74 -6.83
C GLY D 232 -13.70 26.11 -6.67
N THR D 233 -13.14 26.90 -5.76
CA THR D 233 -13.55 28.27 -5.43
C THR D 233 -12.33 29.21 -5.36
N LYS D 234 -12.57 30.52 -5.59
CA LYS D 234 -11.59 31.61 -5.48
C LYS D 234 -11.32 31.79 -3.95
N ASP D 235 -12.34 31.51 -3.14
CA ASP D 235 -12.33 31.60 -1.69
C ASP D 235 -11.48 30.52 -1.04
N PRO D 236 -10.95 30.78 0.18
CA PRO D 236 -10.08 29.76 0.85
C PRO D 236 -10.79 28.43 1.11
N VAL D 237 -12.05 28.51 1.56
CA VAL D 237 -12.95 27.40 1.80
C VAL D 237 -14.34 27.71 1.24
N PRO D 238 -15.10 26.65 0.87
CA PRO D 238 -16.50 26.86 0.41
C PRO D 238 -17.47 27.16 1.58
N GLY D 239 -17.14 26.63 2.75
CA GLY D 239 -18.00 26.78 3.92
C GLY D 239 -17.28 27.16 5.18
N TYR D 240 -18.06 27.66 6.14
CA TYR D 240 -17.61 28.18 7.44
C TYR D 240 -18.49 27.72 8.59
N SER D 241 -17.88 27.61 9.77
CA SER D 241 -18.58 27.24 10.99
C SER D 241 -18.15 28.12 12.14
N VAL D 242 -18.78 27.93 13.28
CA VAL D 242 -18.44 28.60 14.54
C VAL D 242 -18.24 27.51 15.61
N PRO D 243 -17.42 27.80 16.66
CA PRO D 243 -17.30 26.83 17.77
C PRO D 243 -18.66 26.62 18.44
N ALA D 244 -18.98 25.36 18.73
CA ALA D 244 -20.26 25.02 19.34
C ALA D 244 -20.17 23.87 20.33
N ALA D 245 -21.01 23.90 21.34
CA ALA D 245 -21.09 22.83 22.34
C ALA D 245 -22.04 21.76 21.83
N GLU D 246 -22.02 20.61 22.48
CA GLU D 246 -22.93 19.52 22.28
C GLU D 246 -23.32 19.06 23.68
N HIS D 247 -24.29 18.13 23.79
CA HIS D 247 -24.75 17.59 25.08
C HIS D 247 -23.63 16.88 25.84
N SER D 248 -22.72 16.19 25.12
CA SER D 248 -21.62 15.53 25.80
C SER D 248 -20.75 16.51 26.57
N THR D 249 -20.41 17.66 25.97
CA THR D 249 -19.53 18.67 26.56
C THR D 249 -20.28 19.47 27.63
N ILE D 250 -21.63 19.34 27.70
CA ILE D 250 -22.39 20.00 28.75
C ILE D 250 -22.59 19.03 29.92
N THR D 251 -23.24 17.90 29.63
CA THR D 251 -23.59 16.86 30.59
C THR D 251 -22.39 16.20 31.27
N ALA D 252 -21.19 16.20 30.64
CA ALA D 252 -19.98 15.64 31.21
C ALA D 252 -19.59 16.29 32.55
N TRP D 253 -20.03 17.55 32.79
CA TRP D 253 -19.75 18.30 34.01
C TRP D 253 -20.55 17.79 35.21
N GLY D 254 -21.65 17.13 34.91
CA GLY D 254 -22.62 16.60 35.86
C GLY D 254 -23.86 17.49 35.89
N LYS D 255 -25.05 16.87 36.09
CA LYS D 255 -26.37 17.51 36.16
C LYS D 255 -26.42 18.78 36.99
N ASP D 256 -25.58 18.87 38.04
CA ASP D 256 -25.55 20.01 38.94
C ASP D 256 -24.57 21.11 38.56
N HIS D 257 -23.68 20.85 37.57
CA HIS D 257 -22.65 21.80 37.13
C HIS D 257 -22.79 22.26 35.64
N GLU D 258 -24.04 22.40 35.14
CA GLU D 258 -24.33 22.89 33.79
C GLU D 258 -23.91 24.36 33.70
N LYS D 259 -24.09 25.12 34.81
CA LYS D 259 -23.65 26.51 34.94
C LYS D 259 -22.15 26.61 34.67
N ASP D 260 -21.39 25.67 35.24
CA ASP D 260 -19.92 25.58 35.15
C ASP D 260 -19.49 25.21 33.78
N ALA D 261 -20.26 24.32 33.12
CA ALA D 261 -20.06 23.89 31.74
C ALA D 261 -20.23 25.12 30.87
N PHE D 262 -21.31 25.90 31.10
CA PHE D 262 -21.62 27.14 30.36
C PHE D 262 -20.49 28.15 30.56
N GLU D 263 -20.08 28.42 31.83
CA GLU D 263 -18.98 29.32 32.17
C GLU D 263 -17.69 28.98 31.45
N HIS D 264 -17.23 27.72 31.56
CA HIS D 264 -15.99 27.23 30.94
C HIS D 264 -15.97 27.40 29.42
N ILE D 265 -17.08 27.02 28.75
CA ILE D 265 -17.21 27.06 27.29
C ILE D 265 -17.21 28.50 26.75
N VAL D 266 -17.98 29.43 27.38
CA VAL D 266 -18.00 30.85 26.93
C VAL D 266 -16.65 31.53 27.17
N THR D 267 -15.89 31.09 28.20
CA THR D 267 -14.56 31.59 28.54
C THR D 267 -13.54 31.07 27.49
N GLN D 268 -13.57 29.77 27.13
CA GLN D 268 -12.67 29.24 26.10
C GLN D 268 -12.91 29.91 24.74
N PHE D 269 -14.14 30.34 24.47
CA PHE D 269 -14.47 30.98 23.19
C PHE D 269 -15.04 32.36 23.46
N SER D 270 -14.23 33.21 24.11
CA SER D 270 -14.62 34.58 24.46
C SER D 270 -14.39 35.56 23.33
N SER D 271 -13.44 35.25 22.43
CA SER D 271 -13.09 36.18 21.35
C SER D 271 -13.61 35.77 19.97
N VAL D 272 -14.40 34.68 19.91
CA VAL D 272 -15.06 34.12 18.70
C VAL D 272 -16.55 33.83 19.02
N PRO D 273 -17.51 33.80 18.04
CA PRO D 273 -18.90 33.49 18.41
C PRO D 273 -19.04 32.03 18.87
N VAL D 274 -19.78 31.78 19.94
CA VAL D 274 -19.93 30.42 20.47
C VAL D 274 -21.39 30.02 20.60
N SER D 275 -21.72 28.87 19.99
CA SER D 275 -23.07 28.32 20.03
C SER D 275 -23.18 27.36 21.21
N VAL D 276 -23.98 27.72 22.22
CA VAL D 276 -24.07 26.79 23.35
C VAL D 276 -25.44 26.15 23.48
N VAL D 277 -25.50 24.79 23.36
CA VAL D 277 -26.73 24.00 23.49
C VAL D 277 -27.27 24.16 24.94
N SER D 278 -28.52 24.66 25.09
CA SER D 278 -29.04 25.01 26.43
C SER D 278 -30.22 24.16 26.96
N ASP D 279 -30.61 23.12 26.27
CA ASP D 279 -31.77 22.31 26.65
C ASP D 279 -31.46 21.00 27.43
N SER D 280 -30.18 20.69 27.74
CA SER D 280 -29.78 19.45 28.40
C SER D 280 -30.73 18.97 29.53
N TYR D 281 -31.31 19.94 30.30
CA TYR D 281 -32.17 19.66 31.47
C TYR D 281 -33.44 20.50 31.45
N ASP D 282 -33.29 21.84 31.35
CA ASP D 282 -34.37 22.82 31.26
C ASP D 282 -33.86 24.06 30.51
N ILE D 283 -34.34 24.24 29.26
CA ILE D 283 -33.96 25.31 28.34
C ILE D 283 -34.31 26.68 28.90
N TYR D 284 -35.54 26.81 29.41
CA TYR D 284 -36.12 28.03 29.97
C TYR D 284 -35.39 28.49 31.17
N ASN D 285 -34.98 27.54 32.05
CA ASN D 285 -34.19 27.79 33.24
C ASN D 285 -32.80 28.23 32.83
N ALA D 286 -32.23 27.59 31.83
CA ALA D 286 -30.90 27.92 31.36
C ALA D 286 -30.89 29.38 30.85
N CYS D 287 -31.99 29.80 30.19
CA CYS D 287 -32.18 31.14 29.65
C CYS D 287 -32.43 32.17 30.76
N GLU D 288 -33.46 31.92 31.54
CA GLU D 288 -33.92 32.82 32.60
C GLU D 288 -33.00 32.93 33.76
N LYS D 289 -32.44 31.80 34.21
CA LYS D 289 -31.60 31.72 35.40
C LYS D 289 -30.13 31.66 35.10
N ILE D 290 -29.65 30.67 34.34
CA ILE D 290 -28.21 30.56 34.13
C ILE D 290 -27.66 31.66 33.23
N TRP D 291 -28.13 31.78 31.97
CA TRP D 291 -27.65 32.83 31.08
C TRP D 291 -28.11 34.22 31.58
N GLY D 292 -29.41 34.36 31.83
CA GLY D 292 -30.05 35.60 32.21
C GLY D 292 -29.76 36.17 33.58
N GLU D 293 -29.07 35.41 34.45
CA GLU D 293 -28.80 35.87 35.81
C GLU D 293 -27.42 35.46 36.33
N ASP D 294 -27.20 34.16 36.53
CA ASP D 294 -25.94 33.63 37.09
C ASP D 294 -24.71 33.92 36.25
N LEU D 295 -24.82 33.87 34.91
CA LEU D 295 -23.68 34.13 34.04
C LEU D 295 -23.93 35.34 33.12
N ARG D 296 -24.96 36.18 33.45
CA ARG D 296 -25.31 37.41 32.68
C ARG D 296 -24.11 38.33 32.39
N HIS D 297 -23.22 38.46 33.38
CA HIS D 297 -21.97 39.24 33.37
C HIS D 297 -21.02 38.78 32.26
N LEU D 298 -21.02 37.47 31.97
CA LEU D 298 -20.16 36.87 30.95
C LEU D 298 -20.71 37.02 29.52
N ILE D 299 -21.94 37.55 29.40
CA ILE D 299 -22.57 37.72 28.09
C ILE D 299 -22.60 39.17 27.65
N VAL D 300 -23.07 40.10 28.54
CA VAL D 300 -23.18 41.55 28.34
C VAL D 300 -21.81 42.20 28.08
N SER D 301 -20.73 41.42 28.30
CA SER D 301 -19.34 41.79 28.13
C SER D 301 -18.75 41.31 26.78
N ARG D 302 -19.48 40.45 26.08
CA ARG D 302 -19.02 39.91 24.80
C ARG D 302 -19.10 40.89 23.63
N SER D 303 -18.32 40.59 22.58
CA SER D 303 -18.32 41.46 21.39
C SER D 303 -19.42 41.13 20.38
N THR D 304 -19.68 42.08 19.47
CA THR D 304 -20.62 41.95 18.36
C THR D 304 -20.11 40.89 17.39
N GLN D 305 -18.80 40.76 17.24
CA GLN D 305 -18.20 39.75 16.35
C GLN D 305 -18.16 38.34 17.00
N ALA D 306 -18.34 38.30 18.31
CA ALA D 306 -18.25 37.08 19.11
C ALA D 306 -19.46 36.92 20.05
N PRO D 307 -20.71 36.87 19.53
CA PRO D 307 -21.85 36.72 20.43
C PRO D 307 -22.01 35.31 20.98
N LEU D 308 -22.96 35.17 21.91
CA LEU D 308 -23.37 33.87 22.41
C LEU D 308 -24.59 33.47 21.59
N ILE D 309 -24.53 32.29 21.02
CA ILE D 309 -25.64 31.75 20.23
C ILE D 309 -26.33 30.67 21.08
N ILE D 310 -27.40 31.05 21.79
CA ILE D 310 -28.18 30.11 22.60
C ILE D 310 -28.87 29.12 21.68
N ARG D 311 -28.58 27.83 21.88
CA ARG D 311 -29.19 26.80 21.08
C ARG D 311 -30.22 25.94 21.83
N PRO D 312 -31.54 26.14 21.61
CA PRO D 312 -32.53 25.17 22.13
C PRO D 312 -32.47 23.93 21.21
N ASP D 313 -32.90 22.75 21.68
CA ASP D 313 -32.81 21.55 20.84
C ASP D 313 -33.96 20.53 21.09
N SER D 314 -35.05 20.98 21.74
CA SER D 314 -36.18 20.10 22.07
C SER D 314 -37.50 20.87 22.17
N GLY D 315 -38.61 20.15 22.02
CA GLY D 315 -39.95 20.72 22.08
C GLY D 315 -40.41 21.25 20.75
N ASN D 316 -41.57 21.93 20.73
CA ASN D 316 -42.11 22.49 19.49
C ASN D 316 -41.20 23.62 18.96
N PRO D 317 -40.58 23.47 17.75
CA PRO D 317 -39.66 24.52 17.23
C PRO D 317 -40.11 25.96 17.41
N LEU D 318 -41.33 26.32 17.04
CA LEU D 318 -41.79 27.69 17.16
C LEU D 318 -42.08 28.12 18.61
N ASP D 319 -42.80 27.28 19.38
CA ASP D 319 -43.15 27.60 20.77
C ASP D 319 -41.90 27.85 21.61
N THR D 320 -40.83 27.09 21.35
CA THR D 320 -39.51 27.09 22.00
C THR D 320 -38.73 28.38 21.69
N VAL D 321 -38.64 28.73 20.38
CA VAL D 321 -38.00 29.96 19.89
C VAL D 321 -38.68 31.19 20.52
N LEU D 322 -40.02 31.26 20.47
CA LEU D 322 -40.76 32.40 21.02
C LEU D 322 -40.61 32.58 22.51
N LYS D 323 -40.64 31.48 23.31
CA LYS D 323 -40.52 31.52 24.76
C LYS D 323 -39.10 31.91 25.18
N VAL D 324 -38.09 31.44 24.43
CA VAL D 324 -36.68 31.78 24.64
C VAL D 324 -36.55 33.27 24.36
N LEU D 325 -37.14 33.75 23.24
CA LEU D 325 -37.11 35.16 22.88
C LEU D 325 -37.70 36.06 23.97
N GLU D 326 -38.86 35.69 24.51
CA GLU D 326 -39.51 36.46 25.60
C GLU D 326 -38.68 36.43 26.91
N ILE D 327 -38.09 35.26 27.24
CA ILE D 327 -37.24 35.11 28.42
C ILE D 327 -35.99 35.99 28.28
N LEU D 328 -35.28 35.87 27.13
CA LEU D 328 -34.08 36.65 26.84
C LEU D 328 -34.40 38.16 26.80
N GLY D 329 -35.60 38.50 26.34
CA GLY D 329 -36.10 39.87 26.26
C GLY D 329 -36.49 40.52 27.59
N LYS D 330 -36.43 39.77 28.68
CA LYS D 330 -36.74 40.27 30.02
C LYS D 330 -35.46 40.40 30.86
N LYS D 331 -34.36 39.80 30.40
CA LYS D 331 -33.08 39.81 31.11
C LYS D 331 -31.99 40.57 30.39
N PHE D 332 -32.22 40.88 29.10
CA PHE D 332 -31.26 41.61 28.28
C PHE D 332 -31.95 42.77 27.57
N PRO D 333 -31.21 43.88 27.30
CA PRO D 333 -31.83 45.04 26.64
C PRO D 333 -32.13 44.86 25.15
N VAL D 334 -33.42 44.70 24.89
CA VAL D 334 -33.95 44.55 23.55
C VAL D 334 -34.10 45.92 22.90
N THR D 335 -33.58 46.06 21.69
CA THR D 335 -33.73 47.29 20.94
C THR D 335 -34.72 47.09 19.81
N GLU D 336 -34.74 48.03 18.88
CA GLU D 336 -35.64 48.02 17.76
C GLU D 336 -34.85 48.49 16.56
N ASN D 337 -34.91 47.74 15.45
CA ASN D 337 -34.20 48.12 14.24
C ASN D 337 -34.95 49.20 13.45
N SER D 338 -34.36 49.66 12.33
CA SER D 338 -34.91 50.70 11.42
C SER D 338 -36.29 50.37 10.88
N LYS D 339 -36.67 49.07 10.86
CA LYS D 339 -37.96 48.54 10.37
C LYS D 339 -39.02 48.34 11.48
N GLY D 340 -38.64 48.66 12.71
CA GLY D 340 -39.57 48.54 13.85
C GLY D 340 -39.62 47.19 14.52
N TYR D 341 -38.71 46.26 14.17
CA TYR D 341 -38.68 44.92 14.76
C TYR D 341 -37.73 44.83 15.95
N LYS D 342 -38.03 43.93 16.89
CA LYS D 342 -37.26 43.77 18.14
C LYS D 342 -35.94 43.11 17.88
N LEU D 343 -34.88 43.71 18.43
CA LEU D 343 -33.56 43.20 18.24
C LEU D 343 -32.91 42.88 19.59
N LEU D 344 -32.33 41.68 19.70
CA LEU D 344 -31.63 41.27 20.89
C LEU D 344 -30.30 42.05 20.90
N PRO D 345 -29.68 42.30 22.06
CA PRO D 345 -28.35 42.95 22.06
C PRO D 345 -27.34 42.18 21.17
N PRO D 346 -26.42 42.89 20.48
CA PRO D 346 -25.52 42.23 19.51
C PRO D 346 -24.64 41.08 20.01
N TYR D 347 -24.36 41.00 21.31
CA TYR D 347 -23.59 39.92 21.94
C TYR D 347 -24.46 38.63 22.19
N LEU D 348 -25.73 38.67 21.72
CA LEU D 348 -26.69 37.63 21.96
C LEU D 348 -27.55 37.30 20.74
N ARG D 349 -27.40 36.05 20.25
CA ARG D 349 -28.15 35.47 19.12
C ARG D 349 -28.74 34.10 19.49
N VAL D 350 -29.65 33.58 18.66
CA VAL D 350 -30.29 32.28 18.86
C VAL D 350 -30.22 31.45 17.56
N ILE D 351 -30.03 30.13 17.67
CA ILE D 351 -30.09 29.17 16.57
C ILE D 351 -31.13 28.12 16.92
N GLN D 352 -32.10 27.88 15.99
CA GLN D 352 -33.08 26.81 16.10
C GLN D 352 -32.54 25.74 15.17
N GLY D 353 -31.97 24.69 15.75
CA GLY D 353 -31.37 23.59 15.00
C GLY D 353 -32.11 22.27 14.98
N ASP D 354 -33.21 22.18 15.73
CA ASP D 354 -34.00 20.96 15.85
C ASP D 354 -35.33 21.07 15.11
N GLY D 355 -35.72 19.99 14.43
CA GLY D 355 -36.97 19.90 13.70
C GLY D 355 -37.14 20.94 12.62
N VAL D 356 -36.02 21.47 12.10
CA VAL D 356 -36.08 22.49 11.05
C VAL D 356 -36.07 21.82 9.68
N ASP D 357 -37.11 22.11 8.89
CA ASP D 357 -37.31 21.79 7.48
C ASP D 357 -38.03 22.96 6.86
N ILE D 358 -38.09 23.01 5.51
CA ILE D 358 -38.75 24.05 4.73
C ILE D 358 -40.15 24.40 5.30
N ASN D 359 -40.87 23.42 5.83
CA ASN D 359 -42.20 23.69 6.37
C ASN D 359 -42.14 24.40 7.71
N THR D 360 -41.40 23.87 8.69
CA THR D 360 -41.28 24.48 10.02
C THR D 360 -40.52 25.82 10.00
N LEU D 361 -39.50 25.96 9.12
CA LEU D 361 -38.75 27.20 8.94
C LEU D 361 -39.71 28.39 8.66
N GLN D 362 -40.64 28.20 7.71
CA GLN D 362 -41.68 29.17 7.32
C GLN D 362 -42.54 29.58 8.53
N GLU D 363 -42.95 28.59 9.36
CA GLU D 363 -43.79 28.80 10.55
C GLU D 363 -43.05 29.55 11.64
N ILE D 364 -41.74 29.27 11.84
CA ILE D 364 -40.97 29.91 12.88
C ILE D 364 -40.81 31.37 12.50
N VAL D 365 -40.37 31.65 11.26
CA VAL D 365 -40.14 33.04 10.84
C VAL D 365 -41.47 33.87 10.77
N GLU D 366 -42.60 33.24 10.41
CA GLU D 366 -43.90 33.93 10.37
C GLU D 366 -44.36 34.22 11.78
N GLY D 367 -44.14 33.25 12.68
CA GLY D 367 -44.45 33.32 14.10
C GLY D 367 -43.66 34.43 14.75
N MET D 368 -42.38 34.51 14.38
CA MET D 368 -41.44 35.54 14.81
C MET D 368 -41.91 36.92 14.28
N LYS D 369 -42.23 37.02 12.96
CA LYS D 369 -42.71 38.25 12.31
C LYS D 369 -43.97 38.81 13.02
N GLN D 370 -45.00 37.92 13.24
CA GLN D 370 -46.25 38.17 13.93
C GLN D 370 -46.00 38.73 15.34
N LYS D 371 -44.96 38.25 16.05
CA LYS D 371 -44.61 38.73 17.40
C LYS D 371 -43.65 39.94 17.36
N MET D 372 -43.24 40.38 16.16
CA MET D 372 -42.40 41.58 15.90
C MET D 372 -40.93 41.39 16.23
N TRP D 373 -40.46 40.15 16.18
CA TRP D 373 -39.05 39.84 16.35
C TRP D 373 -38.37 39.87 14.96
N SER D 374 -37.15 40.42 14.89
CA SER D 374 -36.41 40.45 13.63
C SER D 374 -35.78 39.08 13.39
N ILE D 375 -35.58 38.73 12.10
CA ILE D 375 -34.95 37.46 11.67
C ILE D 375 -33.43 37.60 11.91
N GLU D 376 -32.96 38.84 12.19
CA GLU D 376 -31.55 39.12 12.52
C GLU D 376 -31.11 38.32 13.75
N ASN D 377 -32.07 38.07 14.68
CA ASN D 377 -31.94 37.41 15.99
C ASN D 377 -31.69 35.93 15.90
N ILE D 378 -32.13 35.33 14.80
CA ILE D 378 -32.10 33.89 14.64
C ILE D 378 -31.37 33.41 13.41
N ALA D 379 -30.92 32.16 13.51
CA ALA D 379 -30.31 31.36 12.47
C ALA D 379 -30.92 29.97 12.65
N PHE D 380 -30.92 29.15 11.60
CA PHE D 380 -31.48 27.83 11.66
C PHE D 380 -30.44 26.81 11.33
N GLY D 381 -30.58 25.66 11.98
CA GLY D 381 -29.71 24.51 11.79
C GLY D 381 -30.61 23.41 11.28
N SER D 382 -30.16 22.65 10.27
CA SER D 382 -30.97 21.60 9.69
C SER D 382 -30.13 20.40 9.30
N GLY D 383 -30.59 19.24 9.72
CA GLY D 383 -29.87 18.00 9.47
C GLY D 383 -30.61 17.14 8.50
N GLY D 384 -31.42 16.25 9.08
CA GLY D 384 -32.26 15.27 8.42
C GLY D 384 -33.15 15.84 7.35
N GLY D 385 -33.79 16.96 7.67
CA GLY D 385 -34.70 17.64 6.77
C GLY D 385 -34.03 18.26 5.56
N LEU D 386 -32.72 18.53 5.67
CA LEU D 386 -31.93 19.14 4.62
C LEU D 386 -31.22 18.13 3.71
N LEU D 387 -30.76 17.03 4.28
CA LEU D 387 -29.96 16.08 3.50
C LEU D 387 -30.53 14.69 3.41
N GLN D 388 -31.51 14.33 4.24
CA GLN D 388 -31.98 12.95 4.19
C GLN D 388 -33.44 12.79 3.79
N LYS D 389 -34.36 13.55 4.42
CA LYS D 389 -35.80 13.40 4.15
C LYS D 389 -36.13 14.05 2.81
N LEU D 390 -35.67 13.40 1.70
CA LEU D 390 -35.77 13.80 0.31
C LEU D 390 -35.70 12.57 -0.58
N THR D 391 -36.56 12.54 -1.61
CA THR D 391 -36.65 11.43 -2.55
C THR D 391 -36.72 11.99 -3.96
N ARG D 392 -36.40 11.12 -4.95
CA ARG D 392 -36.44 11.37 -6.40
C ARG D 392 -37.84 11.85 -6.86
N ASP D 393 -38.90 11.51 -6.08
CA ASP D 393 -40.30 11.86 -6.25
C ASP D 393 -40.63 13.30 -5.89
N LEU D 394 -39.79 13.98 -5.09
CA LEU D 394 -40.04 15.38 -4.72
C LEU D 394 -40.20 16.28 -5.96
N LEU D 395 -39.20 16.24 -6.85
CA LEU D 395 -39.12 17.02 -8.09
C LEU D 395 -39.52 16.23 -9.34
N ASN D 396 -39.93 14.97 -9.16
CA ASN D 396 -40.30 14.01 -10.22
C ASN D 396 -39.15 13.85 -11.19
N CYS D 397 -37.95 13.56 -10.62
CA CYS D 397 -36.73 13.35 -11.37
C CYS D 397 -36.83 12.09 -12.20
N SER D 398 -36.81 12.23 -13.54
CA SER D 398 -36.90 11.07 -14.41
C SER D 398 -35.92 11.09 -15.57
N PHE D 399 -35.40 9.90 -15.90
CA PHE D 399 -34.52 9.63 -17.03
C PHE D 399 -35.32 8.80 -18.00
N LYS D 400 -35.50 9.28 -19.21
CA LYS D 400 -36.31 8.55 -20.19
C LYS D 400 -35.65 8.52 -21.53
N CYS D 401 -35.96 7.47 -22.32
CA CYS D 401 -35.51 7.36 -23.69
C CYS D 401 -36.50 8.18 -24.54
N SER D 402 -36.02 9.03 -25.46
CA SER D 402 -36.94 9.85 -26.29
C SER D 402 -36.76 9.63 -27.80
N TYR D 403 -35.61 9.09 -28.19
CA TYR D 403 -35.24 8.84 -29.58
C TYR D 403 -34.46 7.55 -29.68
N VAL D 404 -34.71 6.81 -30.77
CA VAL D 404 -34.09 5.53 -31.08
CA VAL D 404 -34.09 5.53 -31.08
C VAL D 404 -33.82 5.46 -32.59
N VAL D 405 -32.64 4.97 -33.03
CA VAL D 405 -32.34 4.84 -34.45
C VAL D 405 -32.10 3.34 -34.77
N THR D 406 -33.07 2.73 -35.49
CA THR D 406 -33.06 1.32 -35.86
C THR D 406 -33.11 1.14 -37.39
N ASN D 407 -32.18 0.30 -37.93
CA ASN D 407 -31.99 -0.02 -39.36
C ASN D 407 -31.93 1.22 -40.29
N GLY D 408 -31.62 2.37 -39.70
CA GLY D 408 -31.53 3.64 -40.40
C GLY D 408 -32.72 4.56 -40.19
N LEU D 409 -33.80 4.06 -39.57
CA LEU D 409 -34.98 4.89 -39.32
C LEU D 409 -34.91 5.51 -37.93
N GLY D 410 -34.98 6.84 -37.92
CA GLY D 410 -35.02 7.66 -36.71
C GLY D 410 -36.43 7.61 -36.17
N ILE D 411 -36.58 6.93 -35.03
CA ILE D 411 -37.85 6.70 -34.34
C ILE D 411 -37.94 7.56 -33.07
N ASN D 412 -39.03 8.33 -32.93
CA ASN D 412 -39.28 9.14 -31.74
C ASN D 412 -40.08 8.24 -30.81
N VAL D 413 -39.45 7.80 -29.71
CA VAL D 413 -40.02 6.87 -28.72
C VAL D 413 -40.46 7.59 -27.44
N PHE D 414 -41.46 7.02 -26.74
CA PHE D 414 -42.04 7.55 -25.49
C PHE D 414 -43.02 6.59 -24.84
N LYS D 415 -43.20 6.70 -23.50
CA LYS D 415 -44.15 5.88 -22.76
C LYS D 415 -45.41 6.70 -22.45
N ASP D 416 -46.58 6.19 -22.91
CA ASP D 416 -47.88 6.84 -22.69
C ASP D 416 -48.74 5.95 -21.77
N PRO D 417 -48.55 5.98 -20.42
CA PRO D 417 -49.34 5.09 -19.56
C PRO D 417 -50.77 5.58 -19.38
N VAL D 418 -51.74 4.66 -19.57
CA VAL D 418 -53.18 4.91 -19.48
C VAL D 418 -53.57 5.44 -18.07
N ALA D 419 -53.00 4.84 -17.01
CA ALA D 419 -53.23 5.20 -15.61
C ALA D 419 -52.70 6.60 -15.26
N ASP D 420 -51.37 6.79 -15.22
CA ASP D 420 -50.81 8.10 -14.89
C ASP D 420 -50.34 8.88 -16.13
N PRO D 421 -51.03 9.97 -16.52
CA PRO D 421 -50.61 10.76 -17.68
C PRO D 421 -49.42 11.70 -17.39
N ASN D 422 -49.05 11.86 -16.10
CA ASN D 422 -47.92 12.68 -15.64
C ASN D 422 -46.60 12.00 -16.04
N LYS D 423 -46.60 10.64 -16.09
CA LYS D 423 -45.48 9.76 -16.42
C LYS D 423 -45.03 9.79 -17.91
N ARG D 424 -45.75 10.56 -18.76
CA ARG D 424 -45.46 10.65 -20.20
C ARG D 424 -44.23 11.51 -20.53
N SER D 425 -43.25 10.86 -21.18
CA SER D 425 -41.99 11.44 -21.60
C SER D 425 -42.08 12.35 -22.84
N LYS D 426 -40.96 13.03 -23.16
CA LYS D 426 -40.84 13.89 -24.33
C LYS D 426 -40.44 13.05 -25.54
N LYS D 427 -40.68 13.59 -26.75
CA LYS D 427 -40.42 12.90 -28.02
C LYS D 427 -39.23 13.45 -28.76
N GLY D 428 -38.43 12.53 -29.29
CA GLY D 428 -37.25 12.80 -30.11
C GLY D 428 -36.12 13.61 -29.53
N ARG D 429 -35.27 14.15 -30.41
CA ARG D 429 -34.14 14.97 -30.01
C ARG D 429 -34.61 16.24 -29.34
N LEU D 430 -34.04 16.52 -28.18
CA LEU D 430 -34.44 17.66 -27.38
C LEU D 430 -33.38 18.76 -27.38
N SER D 431 -33.82 19.99 -27.01
CA SER D 431 -33.01 21.19 -26.92
C SER D 431 -33.72 22.16 -25.97
N LEU D 432 -32.94 22.95 -25.21
CA LEU D 432 -33.45 23.89 -24.21
C LEU D 432 -33.17 25.31 -24.65
N HIS D 433 -34.17 26.19 -24.61
CA HIS D 433 -33.95 27.58 -25.03
C HIS D 433 -34.64 28.61 -24.14
N ARG D 434 -34.03 29.78 -24.01
CA ARG D 434 -34.61 30.89 -23.28
C ARG D 434 -35.30 31.80 -24.32
N THR D 435 -36.60 32.02 -24.14
CA THR D 435 -37.43 32.82 -25.07
C THR D 435 -37.14 34.32 -24.85
N PRO D 436 -37.55 35.22 -25.80
CA PRO D 436 -37.32 36.68 -25.58
C PRO D 436 -37.78 37.24 -24.22
N ALA D 437 -38.98 36.83 -23.75
CA ALA D 437 -39.59 37.21 -22.47
C ALA D 437 -38.92 36.62 -21.23
N GLY D 438 -37.88 35.82 -21.42
CA GLY D 438 -37.13 35.25 -20.31
C GLY D 438 -37.66 33.93 -19.80
N ASN D 439 -38.55 33.29 -20.57
CA ASN D 439 -39.13 32.00 -20.23
C ASN D 439 -38.32 30.88 -20.85
N PHE D 440 -38.60 29.62 -20.46
CA PHE D 440 -37.86 28.46 -20.95
C PHE D 440 -38.76 27.52 -21.71
N VAL D 441 -38.22 26.97 -22.81
CA VAL D 441 -38.95 26.05 -23.69
C VAL D 441 -38.08 24.85 -24.00
N THR D 442 -38.66 23.65 -23.95
CA THR D 442 -37.94 22.46 -24.39
C THR D 442 -38.51 22.08 -25.74
N LEU D 443 -37.71 22.25 -26.79
CA LEU D 443 -38.12 21.90 -28.15
C LEU D 443 -37.92 20.41 -28.40
N GLU D 444 -39.04 19.70 -28.62
CA GLU D 444 -39.06 18.26 -28.88
C GLU D 444 -38.79 18.02 -30.37
N GLU D 445 -38.71 16.72 -30.76
CA GLU D 445 -38.58 16.21 -32.13
C GLU D 445 -37.57 16.95 -33.03
N GLY D 446 -36.40 17.26 -32.48
CA GLY D 446 -35.32 17.97 -33.16
C GLY D 446 -35.64 19.35 -33.70
N LYS D 447 -36.79 19.93 -33.30
CA LYS D 447 -37.30 21.24 -33.74
C LYS D 447 -36.40 22.43 -33.37
N GLY D 448 -35.35 22.17 -32.59
CA GLY D 448 -34.37 23.17 -32.19
C GLY D 448 -33.50 23.60 -33.35
N ASP D 449 -33.26 22.67 -34.30
CA ASP D 449 -32.48 22.91 -35.52
C ASP D 449 -33.08 24.07 -36.33
N LEU D 450 -34.42 24.31 -36.23
CA LEU D 450 -35.14 25.41 -36.90
C LEU D 450 -34.63 26.77 -36.46
N GLU D 451 -34.04 26.82 -35.22
CA GLU D 451 -33.43 28.01 -34.59
C GLU D 451 -34.41 29.19 -34.48
N GLU D 452 -35.49 29.00 -33.70
CA GLU D 452 -36.48 30.06 -33.49
C GLU D 452 -36.26 30.76 -32.17
N TYR D 453 -35.88 30.01 -31.11
CA TYR D 453 -35.68 30.54 -29.76
C TYR D 453 -34.18 30.74 -29.36
N GLY D 454 -33.31 30.84 -30.36
CA GLY D 454 -31.89 31.09 -30.16
C GLY D 454 -31.06 29.86 -29.88
N GLN D 455 -29.90 30.08 -29.22
CA GLN D 455 -28.91 29.07 -28.86
C GLN D 455 -29.47 28.05 -27.88
N ASP D 456 -29.06 26.78 -28.03
CA ASP D 456 -29.42 25.68 -27.14
C ASP D 456 -28.64 25.88 -25.82
N LEU D 457 -29.32 25.69 -24.69
CA LEU D 457 -28.72 25.85 -23.36
C LEU D 457 -27.97 24.59 -22.89
N LEU D 458 -28.15 23.47 -23.62
CA LEU D 458 -27.45 22.22 -23.33
C LEU D 458 -26.09 22.26 -24.01
N HIS D 459 -25.02 22.19 -23.22
CA HIS D 459 -23.64 22.22 -23.70
C HIS D 459 -23.06 20.84 -23.52
N THR D 460 -22.16 20.39 -24.42
CA THR D 460 -21.54 19.08 -24.22
C THR D 460 -20.58 19.20 -23.04
N VAL D 461 -20.88 18.46 -21.99
CA VAL D 461 -20.10 18.41 -20.75
C VAL D 461 -19.29 17.09 -20.69
N PHE D 462 -19.64 16.12 -21.57
CA PHE D 462 -18.99 14.81 -21.66
C PHE D 462 -18.99 14.22 -23.09
N LYS D 463 -17.84 13.77 -23.60
CA LYS D 463 -17.74 13.12 -24.92
C LYS D 463 -16.56 12.19 -25.00
N ASN D 464 -16.82 10.88 -25.12
CA ASN D 464 -15.85 9.79 -25.30
C ASN D 464 -14.76 9.72 -24.18
N GLY D 465 -15.21 9.68 -22.94
CA GLY D 465 -14.36 9.57 -21.76
C GLY D 465 -13.76 10.88 -21.30
N LYS D 466 -14.19 11.98 -21.93
CA LYS D 466 -13.64 13.28 -21.62
C LYS D 466 -14.69 14.24 -21.16
N VAL D 467 -14.37 15.00 -20.09
CA VAL D 467 -15.20 16.09 -19.60
C VAL D 467 -14.82 17.27 -20.51
N THR D 468 -15.81 17.80 -21.25
CA THR D 468 -15.54 18.85 -22.22
C THR D 468 -15.80 20.26 -21.72
N LYS D 469 -16.54 20.39 -20.60
CA LYS D 469 -16.88 21.65 -19.95
C LYS D 469 -17.06 21.46 -18.44
N SER D 470 -16.36 22.28 -17.67
CA SER D 470 -16.41 22.30 -16.22
C SER D 470 -16.84 23.68 -15.75
N TYR D 471 -17.43 23.74 -14.57
CA TYR D 471 -17.87 24.99 -13.99
C TYR D 471 -17.27 25.09 -12.59
N SER D 472 -16.85 26.30 -12.22
CA SER D 472 -16.30 26.53 -10.89
C SER D 472 -17.48 26.63 -9.94
N PHE D 473 -17.27 26.33 -8.67
CA PHE D 473 -18.31 26.48 -7.67
C PHE D 473 -18.81 27.93 -7.56
N ASP D 474 -17.92 28.89 -7.88
CA ASP D 474 -18.24 30.33 -7.92
C ASP D 474 -19.22 30.69 -9.02
N GLU D 475 -19.10 30.06 -10.23
CA GLU D 475 -20.03 30.25 -11.37
C GLU D 475 -21.41 29.73 -10.98
N ILE D 476 -21.45 28.49 -10.44
CA ILE D 476 -22.65 27.79 -9.94
C ILE D 476 -23.38 28.66 -8.93
N ARG D 477 -22.66 29.12 -7.89
CA ARG D 477 -23.21 30.01 -6.86
C ARG D 477 -23.82 31.26 -7.49
N LYS D 478 -23.14 31.84 -8.50
CA LYS D 478 -23.58 33.03 -9.23
C LYS D 478 -24.87 32.74 -10.05
N ASN D 479 -24.89 31.58 -10.71
CA ASN D 479 -26.00 31.10 -11.52
C ASN D 479 -27.25 30.80 -10.70
N ALA D 480 -27.09 30.26 -9.46
CA ALA D 480 -28.17 29.90 -8.55
C ALA D 480 -28.63 31.07 -7.65
N GLN D 481 -28.06 32.26 -7.84
CA GLN D 481 -28.44 33.43 -7.04
C GLN D 481 -29.91 33.69 -7.09
N LEU D 482 -30.47 34.19 -5.97
CA LEU D 482 -31.87 34.57 -5.94
C LEU D 482 -31.96 35.89 -6.66
N ASN D 483 -33.12 36.17 -7.27
CA ASN D 483 -33.29 37.46 -7.93
C ASN D 483 -33.18 38.65 -6.91
N ILE D 484 -33.67 38.44 -5.69
CA ILE D 484 -33.66 39.42 -4.59
C ILE D 484 -32.22 39.79 -4.11
#